data_1WAQ
# 
_entry.id   1WAQ 
# 
_audit_conform.dict_name       mmcif_pdbx.dic 
_audit_conform.dict_version    5.397 
_audit_conform.dict_location   http://mmcif.pdb.org/dictionaries/ascii/mmcif_pdbx.dic 
# 
loop_
_database_2.database_id 
_database_2.database_code 
_database_2.pdbx_database_accession 
_database_2.pdbx_DOI 
PDB   1WAQ         pdb_00001waq 10.2210/pdb1waq/pdb 
PDBE  EBI-21417    ?            ?                   
WWPDB D_1290021417 ?            ?                   
# 
loop_
_pdbx_audit_revision_history.ordinal 
_pdbx_audit_revision_history.data_content_type 
_pdbx_audit_revision_history.major_revision 
_pdbx_audit_revision_history.minor_revision 
_pdbx_audit_revision_history.revision_date 
1 'Structure model' 1 0 2005-05-19 
2 'Structure model' 1 1 2011-07-13 
3 'Structure model' 1 2 2023-12-13 
4 'Structure model' 1 3 2024-10-16 
# 
_pdbx_audit_revision_details.ordinal             1 
_pdbx_audit_revision_details.revision_ordinal    1 
_pdbx_audit_revision_details.data_content_type   'Structure model' 
_pdbx_audit_revision_details.provider            repository 
_pdbx_audit_revision_details.type                'Initial release' 
_pdbx_audit_revision_details.description         ? 
_pdbx_audit_revision_details.details             ? 
# 
loop_
_pdbx_audit_revision_group.ordinal 
_pdbx_audit_revision_group.revision_ordinal 
_pdbx_audit_revision_group.data_content_type 
_pdbx_audit_revision_group.group 
1 2 'Structure model' Advisory                    
2 2 'Structure model' 'Version format compliance' 
3 3 'Structure model' 'Data collection'           
4 3 'Structure model' 'Database references'       
5 3 'Structure model' Other                       
6 3 'Structure model' 'Refinement description'    
7 4 'Structure model' 'Structure summary'         
# 
loop_
_pdbx_audit_revision_category.ordinal 
_pdbx_audit_revision_category.revision_ordinal 
_pdbx_audit_revision_category.data_content_type 
_pdbx_audit_revision_category.category 
1 3 'Structure model' chem_comp_atom                
2 3 'Structure model' chem_comp_bond                
3 3 'Structure model' database_2                    
4 3 'Structure model' pdbx_database_status          
5 3 'Structure model' pdbx_initial_refinement_model 
6 4 'Structure model' pdbx_entry_details            
7 4 'Structure model' pdbx_modification_feature     
# 
loop_
_pdbx_audit_revision_item.ordinal 
_pdbx_audit_revision_item.revision_ordinal 
_pdbx_audit_revision_item.data_content_type 
_pdbx_audit_revision_item.item 
1 3 'Structure model' '_database_2.pdbx_DOI'                         
2 3 'Structure model' '_database_2.pdbx_database_accession'          
3 3 'Structure model' '_pdbx_database_status.status_code_sf'         
4 4 'Structure model' '_pdbx_entry_details.has_protein_modification' 
# 
_pdbx_database_status.status_code                     REL 
_pdbx_database_status.entry_id                        1WAQ 
_pdbx_database_status.deposit_site                    PDBE 
_pdbx_database_status.process_site                    PDBE 
_pdbx_database_status.SG_entry                        . 
_pdbx_database_status.recvd_initial_deposition_date   2004-10-27 
_pdbx_database_status.pdb_format_compatible           Y 
_pdbx_database_status.status_code_sf                  REL 
_pdbx_database_status.status_code_mr                  ? 
_pdbx_database_status.status_code_cs                  ? 
_pdbx_database_status.methods_development_category    ? 
_pdbx_database_status.status_code_nmr_data            ? 
# 
_pdbx_database_related.db_name        PDB 
_pdbx_database_related.db_id          2BHK 
_pdbx_database_related.content_type   unspecified 
_pdbx_database_related.details        'CRYSTAL STRUCTURE OF HUMAN GROWTH AND DIFFERENTIATION FACTOR 5 (GDF5)' 
# 
loop_
_audit_author.name 
_audit_author.pdbx_ordinal 
'Mueller, T.D.' 1 
'Nickel, J.'    2 
'Sebald, W.'    3 
# 
loop_
_citation.id 
_citation.title 
_citation.journal_abbrev 
_citation.journal_volume 
_citation.page_first 
_citation.page_last 
_citation.year 
_citation.journal_id_ASTM 
_citation.country 
_citation.journal_id_ISSN 
_citation.journal_id_CSD 
_citation.book_publisher 
_citation.pdbx_database_id_PubMed 
_citation.pdbx_database_id_DOI 
primary 'A Single Residue of Gdf-5 Defines Binding Specificity to Bmp Receptor Ib.' J.Mol.Biol.          349 933 ? 2005 JMOBAK UK 
0022-2836 0070 ? 15890363 10.1016/J.JMB.2005.04.015 
1       'Molecular Recognition of Bmp-2 and Bmp Receptor Ia'                        Nat.Struct.Mol.Biol. 11  481 ? 2004 ?      US 
1545-9993 ?    ? 15064755 10.1038/NSMB756           
# 
loop_
_citation_author.citation_id 
_citation_author.name 
_citation_author.ordinal 
_citation_author.identifier_ORCID 
primary 'Nickel, J.'    1 ? 
primary 'Kotzsch, A.'   2 ? 
primary 'Sebald, W.'    3 ? 
primary 'Mueller, T.D.' 4 ? 
1       'Keller, S.'    5 ? 
1       'Nickel, J.'    6 ? 
1       'Sebald, W.'    7 ? 
1       'Mueller, T.D.' 8 ? 
# 
loop_
_entity.id 
_entity.type 
_entity.src_method 
_entity.pdbx_description 
_entity.formula_weight 
_entity.pdbx_number_of_molecules 
_entity.pdbx_ec 
_entity.pdbx_mutation 
_entity.pdbx_fragment 
_entity.details 
1 polymer     man 'GROWTH/DIFFERENTIATION FACTOR 5' 13405.481 1  ? ? 'RESIDUES 387-501 (RESIDUES 6-120 OF MATURE GDF-5)' 
'DIMERIC CONNECTED THROUGH INTERMOLECULAR DISULFIDE BOND BETWEEN CYS 84' 
2 non-polymer syn '(4S)-2-METHYL-2,4-PENTANEDIOL'   118.174   3  ? ? ?                                                   ? 
3 water       nat water                             18.015    23 ? ? ?                                                   ? 
# 
_entity_name_com.entity_id   1 
_entity_name_com.name        'GDF-5, CARTILAGE-DERIVED MORPHOGENETIC PROTEIN 1, CDMP-1' 
# 
_entity_poly.entity_id                      1 
_entity_poly.type                           'polypeptide(L)' 
_entity_poly.nstd_linkage                   no 
_entity_poly.nstd_monomer                   no 
_entity_poly.pdbx_seq_one_letter_code       
;MKRQGKRPSKNLKARCSRKALHVNFKDMGWDDWIIAPLEYEAFHCEGLCEFPLRSHLEPTNHAVIQTLMNSMDPESTPPT
CCVPTRLSPISILFIDSANNVVYKQYEDMVVESCGCR
;
_entity_poly.pdbx_seq_one_letter_code_can   
;MKRQGKRPSKNLKARCSRKALHVNFKDMGWDDWIIAPLEYEAFHCEGLCEFPLRSHLEPTNHAVIQTLMNSMDPESTPPT
CCVPTRLSPISILFIDSANNVVYKQYEDMVVESCGCR
;
_entity_poly.pdbx_strand_id                 A 
_entity_poly.pdbx_target_identifier         ? 
# 
loop_
_pdbx_entity_nonpoly.entity_id 
_pdbx_entity_nonpoly.name 
_pdbx_entity_nonpoly.comp_id 
2 '(4S)-2-METHYL-2,4-PENTANEDIOL' MPD 
3 water                           HOH 
# 
loop_
_entity_poly_seq.entity_id 
_entity_poly_seq.num 
_entity_poly_seq.mon_id 
_entity_poly_seq.hetero 
1 1   MET n 
1 2   LYS n 
1 3   ARG n 
1 4   GLN n 
1 5   GLY n 
1 6   LYS n 
1 7   ARG n 
1 8   PRO n 
1 9   SER n 
1 10  LYS n 
1 11  ASN n 
1 12  LEU n 
1 13  LYS n 
1 14  ALA n 
1 15  ARG n 
1 16  CYS n 
1 17  SER n 
1 18  ARG n 
1 19  LYS n 
1 20  ALA n 
1 21  LEU n 
1 22  HIS n 
1 23  VAL n 
1 24  ASN n 
1 25  PHE n 
1 26  LYS n 
1 27  ASP n 
1 28  MET n 
1 29  GLY n 
1 30  TRP n 
1 31  ASP n 
1 32  ASP n 
1 33  TRP n 
1 34  ILE n 
1 35  ILE n 
1 36  ALA n 
1 37  PRO n 
1 38  LEU n 
1 39  GLU n 
1 40  TYR n 
1 41  GLU n 
1 42  ALA n 
1 43  PHE n 
1 44  HIS n 
1 45  CYS n 
1 46  GLU n 
1 47  GLY n 
1 48  LEU n 
1 49  CYS n 
1 50  GLU n 
1 51  PHE n 
1 52  PRO n 
1 53  LEU n 
1 54  ARG n 
1 55  SER n 
1 56  HIS n 
1 57  LEU n 
1 58  GLU n 
1 59  PRO n 
1 60  THR n 
1 61  ASN n 
1 62  HIS n 
1 63  ALA n 
1 64  VAL n 
1 65  ILE n 
1 66  GLN n 
1 67  THR n 
1 68  LEU n 
1 69  MET n 
1 70  ASN n 
1 71  SER n 
1 72  MET n 
1 73  ASP n 
1 74  PRO n 
1 75  GLU n 
1 76  SER n 
1 77  THR n 
1 78  PRO n 
1 79  PRO n 
1 80  THR n 
1 81  CYS n 
1 82  CYS n 
1 83  VAL n 
1 84  PRO n 
1 85  THR n 
1 86  ARG n 
1 87  LEU n 
1 88  SER n 
1 89  PRO n 
1 90  ILE n 
1 91  SER n 
1 92  ILE n 
1 93  LEU n 
1 94  PHE n 
1 95  ILE n 
1 96  ASP n 
1 97  SER n 
1 98  ALA n 
1 99  ASN n 
1 100 ASN n 
1 101 VAL n 
1 102 VAL n 
1 103 TYR n 
1 104 LYS n 
1 105 GLN n 
1 106 TYR n 
1 107 GLU n 
1 108 ASP n 
1 109 MET n 
1 110 VAL n 
1 111 VAL n 
1 112 GLU n 
1 113 SER n 
1 114 CYS n 
1 115 GLY n 
1 116 CYS n 
1 117 ARG n 
# 
_entity_src_gen.entity_id                          1 
_entity_src_gen.pdbx_src_id                        1 
_entity_src_gen.pdbx_alt_source_flag               sample 
_entity_src_gen.pdbx_seq_type                      ? 
_entity_src_gen.pdbx_beg_seq_num                   ? 
_entity_src_gen.pdbx_end_seq_num                   ? 
_entity_src_gen.gene_src_common_name               HUMAN 
_entity_src_gen.gene_src_genus                     ? 
_entity_src_gen.pdbx_gene_src_gene                 ? 
_entity_src_gen.gene_src_species                   ? 
_entity_src_gen.gene_src_strain                    ? 
_entity_src_gen.gene_src_tissue                    ? 
_entity_src_gen.gene_src_tissue_fraction           ? 
_entity_src_gen.gene_src_details                   ? 
_entity_src_gen.pdbx_gene_src_fragment             ? 
_entity_src_gen.pdbx_gene_src_scientific_name      'HOMO SAPIENS' 
_entity_src_gen.pdbx_gene_src_ncbi_taxonomy_id     9606 
_entity_src_gen.pdbx_gene_src_variant              ? 
_entity_src_gen.pdbx_gene_src_cell_line            ? 
_entity_src_gen.pdbx_gene_src_atcc                 ? 
_entity_src_gen.pdbx_gene_src_organ                ? 
_entity_src_gen.pdbx_gene_src_organelle            ? 
_entity_src_gen.pdbx_gene_src_cell                 FIBROBLAST 
_entity_src_gen.pdbx_gene_src_cellular_location    ? 
_entity_src_gen.host_org_common_name               ? 
_entity_src_gen.pdbx_host_org_scientific_name      'ESCHERICHIA COLI' 
_entity_src_gen.pdbx_host_org_ncbi_taxonomy_id     562 
_entity_src_gen.host_org_genus                     ? 
_entity_src_gen.pdbx_host_org_gene                 ? 
_entity_src_gen.pdbx_host_org_organ                ? 
_entity_src_gen.host_org_species                   ? 
_entity_src_gen.pdbx_host_org_tissue               ? 
_entity_src_gen.pdbx_host_org_tissue_fraction      ? 
_entity_src_gen.pdbx_host_org_strain               JM109 
_entity_src_gen.pdbx_host_org_variant              ? 
_entity_src_gen.pdbx_host_org_cell_line            ? 
_entity_src_gen.pdbx_host_org_atcc                 ? 
_entity_src_gen.pdbx_host_org_culture_collection   ? 
_entity_src_gen.pdbx_host_org_cell                 ? 
_entity_src_gen.pdbx_host_org_organelle            ? 
_entity_src_gen.pdbx_host_org_cellular_location    ? 
_entity_src_gen.pdbx_host_org_vector_type          ? 
_entity_src_gen.pdbx_host_org_vector               ? 
_entity_src_gen.host_org_details                   ? 
_entity_src_gen.expression_system_id               ? 
_entity_src_gen.plasmid_name                       RBSIIN25X/O 
_entity_src_gen.plasmid_details                    ? 
_entity_src_gen.pdbx_description                   ? 
# 
loop_
_chem_comp.id 
_chem_comp.type 
_chem_comp.mon_nstd_flag 
_chem_comp.name 
_chem_comp.pdbx_synonyms 
_chem_comp.formula 
_chem_comp.formula_weight 
ALA 'L-peptide linking' y ALANINE                         ? 'C3 H7 N O2'     89.093  
ARG 'L-peptide linking' y ARGININE                        ? 'C6 H15 N4 O2 1' 175.209 
ASN 'L-peptide linking' y ASPARAGINE                      ? 'C4 H8 N2 O3'    132.118 
ASP 'L-peptide linking' y 'ASPARTIC ACID'                 ? 'C4 H7 N O4'     133.103 
CYS 'L-peptide linking' y CYSTEINE                        ? 'C3 H7 N O2 S'   121.158 
GLN 'L-peptide linking' y GLUTAMINE                       ? 'C5 H10 N2 O3'   146.144 
GLU 'L-peptide linking' y 'GLUTAMIC ACID'                 ? 'C5 H9 N O4'     147.129 
GLY 'peptide linking'   y GLYCINE                         ? 'C2 H5 N O2'     75.067  
HIS 'L-peptide linking' y HISTIDINE                       ? 'C6 H10 N3 O2 1' 156.162 
HOH non-polymer         . WATER                           ? 'H2 O'           18.015  
ILE 'L-peptide linking' y ISOLEUCINE                      ? 'C6 H13 N O2'    131.173 
LEU 'L-peptide linking' y LEUCINE                         ? 'C6 H13 N O2'    131.173 
LYS 'L-peptide linking' y LYSINE                          ? 'C6 H15 N2 O2 1' 147.195 
MET 'L-peptide linking' y METHIONINE                      ? 'C5 H11 N O2 S'  149.211 
MPD non-polymer         . '(4S)-2-METHYL-2,4-PENTANEDIOL' ? 'C6 H14 O2'      118.174 
PHE 'L-peptide linking' y PHENYLALANINE                   ? 'C9 H11 N O2'    165.189 
PRO 'L-peptide linking' y PROLINE                         ? 'C5 H9 N O2'     115.130 
SER 'L-peptide linking' y SERINE                          ? 'C3 H7 N O3'     105.093 
THR 'L-peptide linking' y THREONINE                       ? 'C4 H9 N O3'     119.119 
TRP 'L-peptide linking' y TRYPTOPHAN                      ? 'C11 H12 N2 O2'  204.225 
TYR 'L-peptide linking' y TYROSINE                        ? 'C9 H11 N O3'    181.189 
VAL 'L-peptide linking' y VALINE                          ? 'C5 H11 N O2'    117.146 
# 
loop_
_pdbx_poly_seq_scheme.asym_id 
_pdbx_poly_seq_scheme.entity_id 
_pdbx_poly_seq_scheme.seq_id 
_pdbx_poly_seq_scheme.mon_id 
_pdbx_poly_seq_scheme.ndb_seq_num 
_pdbx_poly_seq_scheme.pdb_seq_num 
_pdbx_poly_seq_scheme.auth_seq_num 
_pdbx_poly_seq_scheme.pdb_mon_id 
_pdbx_poly_seq_scheme.auth_mon_id 
_pdbx_poly_seq_scheme.pdb_strand_id 
_pdbx_poly_seq_scheme.pdb_ins_code 
_pdbx_poly_seq_scheme.hetero 
A 1 1   MET 1   4   ?   ?   ?   A . n 
A 1 2   LYS 2   5   ?   ?   ?   A . n 
A 1 3   ARG 3   6   ?   ?   ?   A . n 
A 1 4   GLN 4   7   ?   ?   ?   A . n 
A 1 5   GLY 5   8   ?   ?   ?   A . n 
A 1 6   LYS 6   9   ?   ?   ?   A . n 
A 1 7   ARG 7   10  ?   ?   ?   A . n 
A 1 8   PRO 8   11  ?   ?   ?   A . n 
A 1 9   SER 9   12  ?   ?   ?   A . n 
A 1 10  LYS 10  13  ?   ?   ?   A . n 
A 1 11  ASN 11  14  ?   ?   ?   A . n 
A 1 12  LEU 12  15  ?   ?   ?   A . n 
A 1 13  LYS 13  16  ?   ?   ?   A . n 
A 1 14  ALA 14  17  17  ALA ALA A . n 
A 1 15  ARG 15  18  18  ARG ARG A . n 
A 1 16  CYS 16  19  19  CYS CYS A . n 
A 1 17  SER 17  20  20  SER SER A . n 
A 1 18  ARG 18  21  21  ARG ARG A . n 
A 1 19  LYS 19  22  22  LYS LYS A . n 
A 1 20  ALA 20  23  23  ALA ALA A . n 
A 1 21  LEU 21  24  24  LEU LEU A . n 
A 1 22  HIS 22  25  25  HIS HIS A . n 
A 1 23  VAL 23  26  26  VAL VAL A . n 
A 1 24  ASN 24  27  27  ASN ASN A . n 
A 1 25  PHE 25  28  28  PHE PHE A . n 
A 1 26  LYS 26  29  29  LYS LYS A . n 
A 1 27  ASP 27  30  30  ASP ASP A . n 
A 1 28  MET 28  31  31  MET MET A . n 
A 1 29  GLY 29  32  32  GLY GLY A . n 
A 1 30  TRP 30  33  33  TRP TRP A . n 
A 1 31  ASP 31  34  34  ASP ASP A . n 
A 1 32  ASP 32  35  35  ASP ASP A . n 
A 1 33  TRP 33  36  36  TRP TRP A . n 
A 1 34  ILE 34  37  37  ILE ILE A . n 
A 1 35  ILE 35  38  38  ILE ILE A . n 
A 1 36  ALA 36  39  39  ALA ALA A . n 
A 1 37  PRO 37  40  40  PRO PRO A . n 
A 1 38  LEU 38  41  41  LEU LEU A . n 
A 1 39  GLU 39  42  42  GLU GLU A . n 
A 1 40  TYR 40  43  43  TYR TYR A . n 
A 1 41  GLU 41  44  44  GLU GLU A . n 
A 1 42  ALA 42  45  45  ALA ALA A . n 
A 1 43  PHE 43  46  46  PHE PHE A . n 
A 1 44  HIS 44  47  47  HIS HIS A . n 
A 1 45  CYS 45  48  48  CYS CYS A . n 
A 1 46  GLU 46  49  49  GLU GLU A . n 
A 1 47  GLY 47  50  50  GLY GLY A . n 
A 1 48  LEU 48  51  51  LEU LEU A . n 
A 1 49  CYS 49  52  52  CYS CYS A . n 
A 1 50  GLU 50  53  53  GLU GLU A . n 
A 1 51  PHE 51  54  54  PHE PHE A . n 
A 1 52  PRO 52  55  55  PRO PRO A . n 
A 1 53  LEU 53  56  56  LEU LEU A . n 
A 1 54  ARG 54  57  57  ARG ARG A . n 
A 1 55  SER 55  58  58  SER SER A . n 
A 1 56  HIS 56  59  59  HIS HIS A . n 
A 1 57  LEU 57  60  60  LEU LEU A . n 
A 1 58  GLU 58  61  61  GLU GLU A . n 
A 1 59  PRO 59  62  62  PRO PRO A . n 
A 1 60  THR 60  63  63  THR THR A . n 
A 1 61  ASN 61  64  64  ASN ASN A . n 
A 1 62  HIS 62  65  65  HIS HIS A . n 
A 1 63  ALA 63  66  66  ALA ALA A . n 
A 1 64  VAL 64  67  67  VAL VAL A . n 
A 1 65  ILE 65  68  68  ILE ILE A . n 
A 1 66  GLN 66  69  69  GLN GLN A . n 
A 1 67  THR 67  70  70  THR THR A . n 
A 1 68  LEU 68  71  71  LEU LEU A . n 
A 1 69  MET 69  72  72  MET MET A . n 
A 1 70  ASN 70  73  73  ASN ASN A . n 
A 1 71  SER 71  74  74  SER SER A . n 
A 1 72  MET 72  75  75  MET MET A . n 
A 1 73  ASP 73  76  76  ASP ASP A . n 
A 1 74  PRO 74  77  77  PRO PRO A . n 
A 1 75  GLU 75  78  78  GLU GLU A . n 
A 1 76  SER 76  79  79  SER SER A . n 
A 1 77  THR 77  80  80  THR THR A . n 
A 1 78  PRO 78  81  81  PRO PRO A . n 
A 1 79  PRO 79  82  82  PRO PRO A . n 
A 1 80  THR 80  83  83  THR THR A . n 
A 1 81  CYS 81  84  84  CYS CYS A . n 
A 1 82  CYS 82  85  85  CYS CYS A . n 
A 1 83  VAL 83  86  86  VAL VAL A . n 
A 1 84  PRO 84  87  87  PRO PRO A . n 
A 1 85  THR 85  88  88  THR THR A . n 
A 1 86  ARG 86  89  89  ARG ARG A . n 
A 1 87  LEU 87  90  90  LEU LEU A . n 
A 1 88  SER 88  91  91  SER SER A . n 
A 1 89  PRO 89  92  92  PRO PRO A . n 
A 1 90  ILE 90  93  93  ILE ILE A . n 
A 1 91  SER 91  94  94  SER SER A . n 
A 1 92  ILE 92  95  95  ILE ILE A . n 
A 1 93  LEU 93  96  96  LEU LEU A . n 
A 1 94  PHE 94  97  97  PHE PHE A . n 
A 1 95  ILE 95  98  98  ILE ILE A . n 
A 1 96  ASP 96  99  99  ASP ASP A . n 
A 1 97  SER 97  100 100 SER SER A . n 
A 1 98  ALA 98  101 101 ALA ALA A . n 
A 1 99  ASN 99  102 102 ASN ASN A . n 
A 1 100 ASN 100 103 103 ASN ASN A . n 
A 1 101 VAL 101 104 104 VAL VAL A . n 
A 1 102 VAL 102 105 105 VAL VAL A . n 
A 1 103 TYR 103 106 106 TYR TYR A . n 
A 1 104 LYS 104 107 107 LYS LYS A . n 
A 1 105 GLN 105 108 108 GLN GLN A . n 
A 1 106 TYR 106 109 109 TYR TYR A . n 
A 1 107 GLU 107 110 110 GLU GLU A . n 
A 1 108 ASP 108 111 111 ASP ASP A . n 
A 1 109 MET 109 112 112 MET MET A . n 
A 1 110 VAL 110 113 113 VAL VAL A . n 
A 1 111 VAL 111 114 114 VAL VAL A . n 
A 1 112 GLU 112 115 115 GLU GLU A . n 
A 1 113 SER 113 116 116 SER SER A . n 
A 1 114 CYS 114 117 117 CYS CYS A . n 
A 1 115 GLY 115 118 118 GLY GLY A . n 
A 1 116 CYS 116 119 119 CYS CYS A . n 
A 1 117 ARG 117 120 120 ARG ARG A . n 
# 
loop_
_pdbx_nonpoly_scheme.asym_id 
_pdbx_nonpoly_scheme.entity_id 
_pdbx_nonpoly_scheme.mon_id 
_pdbx_nonpoly_scheme.ndb_seq_num 
_pdbx_nonpoly_scheme.pdb_seq_num 
_pdbx_nonpoly_scheme.auth_seq_num 
_pdbx_nonpoly_scheme.pdb_mon_id 
_pdbx_nonpoly_scheme.auth_mon_id 
_pdbx_nonpoly_scheme.pdb_strand_id 
_pdbx_nonpoly_scheme.pdb_ins_code 
B 2 MPD 1  1121 1121 MPD MPD A . 
C 2 MPD 1  1122 1122 MPD MPD A . 
D 2 MPD 1  1123 1123 MPD MPD A . 
E 3 HOH 1  2001 2001 HOH HOH A . 
E 3 HOH 2  2002 2002 HOH HOH A . 
E 3 HOH 3  2003 2003 HOH HOH A . 
E 3 HOH 4  2004 2004 HOH HOH A . 
E 3 HOH 5  2005 2005 HOH HOH A . 
E 3 HOH 6  2006 2006 HOH HOH A . 
E 3 HOH 7  2007 2007 HOH HOH A . 
E 3 HOH 8  2008 2008 HOH HOH A . 
E 3 HOH 9  2009 2009 HOH HOH A . 
E 3 HOH 10 2010 2010 HOH HOH A . 
E 3 HOH 11 2011 2011 HOH HOH A . 
E 3 HOH 12 2012 2012 HOH HOH A . 
E 3 HOH 13 2013 2013 HOH HOH A . 
E 3 HOH 14 2014 2014 HOH HOH A . 
E 3 HOH 15 2015 2015 HOH HOH A . 
E 3 HOH 16 2016 2016 HOH HOH A . 
E 3 HOH 17 2017 2017 HOH HOH A . 
E 3 HOH 18 2018 2018 HOH HOH A . 
E 3 HOH 19 2019 2019 HOH HOH A . 
E 3 HOH 20 2020 2020 HOH HOH A . 
E 3 HOH 21 2021 2021 HOH HOH A . 
E 3 HOH 22 2022 2022 HOH HOH A . 
E 3 HOH 23 2023 2023 HOH HOH A . 
# 
loop_
_software.name 
_software.classification 
_software.version 
_software.citation_id 
_software.pdbx_ordinal 
REFMAC refinement       5.1.24 ? 1 
MOSFLM 'data reduction' .      ? 2 
SCALA  'data scaling'   .      ? 3 
CNS    phasing          .      ? 4 
# 
_cell.entry_id           1WAQ 
_cell.length_a           97.771 
_cell.length_b           97.771 
_cell.length_c           43.325 
_cell.angle_alpha        90.00 
_cell.angle_beta         90.00 
_cell.angle_gamma        120.00 
_cell.Z_PDB              6 
_cell.pdbx_unique_axis   ? 
# 
_symmetry.entry_id                         1WAQ 
_symmetry.space_group_name_H-M             'P 32 2 1' 
_symmetry.pdbx_full_space_group_name_H-M   ? 
_symmetry.cell_setting                     ? 
_symmetry.Int_Tables_number                154 
# 
_exptl.entry_id          1WAQ 
_exptl.method            'X-RAY DIFFRACTION' 
_exptl.crystals_number   1 
# 
_exptl_crystal.id                    1 
_exptl_crystal.density_meas          ? 
_exptl_crystal.density_Matthews      4.4 
_exptl_crystal.density_percent_sol   72 
_exptl_crystal.description           ? 
# 
_exptl_crystal_grow.crystal_id      1 
_exptl_crystal_grow.method          ? 
_exptl_crystal_grow.temp            ? 
_exptl_crystal_grow.temp_details    ? 
_exptl_crystal_grow.pH              ? 
_exptl_crystal_grow.pdbx_pH_range   ? 
_exptl_crystal_grow.pdbx_details    '25% 2-METHLY-2,4-PENTANEDIOL, 0.1M SODIUM CITRATE PH 4.0' 
# 
_diffrn.id                     1 
_diffrn.ambient_temp           100.0 
_diffrn.ambient_temp_details   ? 
_diffrn.crystal_id             1 
# 
_diffrn_detector.diffrn_id              1 
_diffrn_detector.detector               CCD 
_diffrn_detector.type                   MARRESEARCH 
_diffrn_detector.pdbx_collection_date   2002-08-16 
_diffrn_detector.details                'DYNAMICALLY BENDABLE MIRROR' 
# 
_diffrn_radiation.diffrn_id                        1 
_diffrn_radiation.wavelength_id                    1 
_diffrn_radiation.pdbx_monochromatic_or_laue_m_l   M 
_diffrn_radiation.monochromator                    'SI(111)' 
_diffrn_radiation.pdbx_diffrn_protocol             'SINGLE WAVELENGTH' 
_diffrn_radiation.pdbx_scattering_type             x-ray 
# 
_diffrn_radiation_wavelength.id           1 
_diffrn_radiation_wavelength.wavelength   0.9183 
_diffrn_radiation_wavelength.wt           1.0 
# 
_diffrn_source.diffrn_id                   1 
_diffrn_source.source                      SYNCHROTRON 
_diffrn_source.type                        'SLS BEAMLINE X06SA' 
_diffrn_source.pdbx_synchrotron_site       SLS 
_diffrn_source.pdbx_synchrotron_beamline   X06SA 
_diffrn_source.pdbx_wavelength             0.9183 
_diffrn_source.pdbx_wavelength_list        ? 
# 
_reflns.pdbx_diffrn_id               1 
_reflns.pdbx_ordinal                 1 
_reflns.entry_id                     1WAQ 
_reflns.observed_criterion_sigma_I   0.000 
_reflns.observed_criterion_sigma_F   ? 
_reflns.d_resolution_low             84.520 
_reflns.d_resolution_high            2.280 
_reflns.number_obs                   11084 
_reflns.number_all                   ? 
_reflns.percent_possible_obs         98.3 
_reflns.pdbx_Rmerge_I_obs            0.05000 
_reflns.pdbx_Rsym_value              ? 
_reflns.pdbx_netI_over_sigmaI        8.7000 
_reflns.B_iso_Wilson_estimate        ? 
_reflns.pdbx_redundancy              4.500 
# 
_reflns_shell.pdbx_diffrn_id         1 
_reflns_shell.pdbx_ordinal           1 
_reflns_shell.d_res_high             2.28 
_reflns_shell.d_res_low              2.39 
_reflns_shell.percent_possible_all   93.3 
_reflns_shell.Rmerge_I_obs           0.19000 
_reflns_shell.pdbx_Rsym_value        ? 
_reflns_shell.meanI_over_sigI_obs    3.400 
_reflns_shell.pdbx_redundancy        2.70 
# 
_refine.pdbx_refine_id                           'X-RAY DIFFRACTION' 
_refine.entry_id                                 1WAQ 
_refine.pdbx_diffrn_id                           1 
_refine.pdbx_TLS_residual_ADP_flag               'LIKELY RESIDUAL' 
_refine.ls_number_reflns_obs                     10300 
_refine.ls_number_reflns_all                     ? 
_refine.pdbx_ls_sigma_I                          ? 
_refine.pdbx_ls_sigma_F                          ? 
_refine.pdbx_data_cutoff_high_absF               ? 
_refine.pdbx_data_cutoff_low_absF                ? 
_refine.pdbx_data_cutoff_high_rms_absF           ? 
_refine.ls_d_res_low                             17.00 
_refine.ls_d_res_high                            2.28 
_refine.ls_percent_reflns_obs                    98.2 
_refine.ls_R_factor_obs                          0.223 
_refine.ls_R_factor_all                          ? 
_refine.ls_R_factor_R_work                       0.222 
_refine.ls_R_factor_R_free                       0.237 
_refine.ls_R_factor_R_free_error                 ? 
_refine.ls_R_factor_R_free_error_details         ? 
_refine.ls_percent_reflns_R_free                 5.000 
_refine.ls_number_reflns_R_free                  546 
_refine.ls_number_parameters                     ? 
_refine.ls_number_restraints                     ? 
_refine.occupancy_min                            ? 
_refine.occupancy_max                            ? 
_refine.correlation_coeff_Fo_to_Fc               0.947 
_refine.correlation_coeff_Fo_to_Fc_free          0.937 
_refine.B_iso_mean                               61.71 
_refine.aniso_B[1][1]                            0.09000 
_refine.aniso_B[2][2]                            0.09000 
_refine.aniso_B[3][3]                            -0.14000 
_refine.aniso_B[1][2]                            0.05000 
_refine.aniso_B[1][3]                            0.00000 
_refine.aniso_B[2][3]                            0.00000 
_refine.solvent_model_details                    'BABINET MODEL WITH MASK' 
_refine.solvent_model_param_ksol                 ? 
_refine.solvent_model_param_bsol                 ? 
_refine.pdbx_solvent_vdw_probe_radii             1.40 
_refine.pdbx_solvent_ion_probe_radii             0.80 
_refine.pdbx_solvent_shrinkage_radii             0.80 
_refine.pdbx_ls_cross_valid_method               THROUGHOUT 
_refine.details                                  
'HYDROGENS HAVE BEEN ADDED IN THE RIDING POSITIONS. RESIDUES 6 TO 16 OF THE MATURE PART OF GDF-5 ARE DISORDERED' 
_refine.pdbx_starting_model                      'PDB ENTRY 1BMP' 
_refine.pdbx_method_to_determine_struct          'MOLECULAR REPLACEMENT' 
_refine.pdbx_isotropic_thermal_model             ? 
_refine.pdbx_stereochemistry_target_values       'MAXIMUM LIKELIHOOD' 
_refine.pdbx_stereochem_target_val_spec_case     ? 
_refine.pdbx_R_Free_selection_details            RANDOM 
_refine.pdbx_overall_ESU_R                       0.187 
_refine.pdbx_overall_ESU_R_Free                  0.162 
_refine.overall_SU_ML                            0.134 
_refine.pdbx_overall_phase_error                 ? 
_refine.overall_SU_B                             5.508 
_refine.overall_SU_R_Cruickshank_DPI             ? 
_refine.pdbx_overall_SU_R_free_Cruickshank_DPI   ? 
_refine.pdbx_overall_SU_R_Blow_DPI               ? 
_refine.pdbx_overall_SU_R_free_Blow_DPI          ? 
# 
_refine_hist.pdbx_refine_id                   'X-RAY DIFFRACTION' 
_refine_hist.cycle_id                         LAST 
_refine_hist.pdbx_number_atoms_protein        825 
_refine_hist.pdbx_number_atoms_nucleic_acid   0 
_refine_hist.pdbx_number_atoms_ligand         24 
_refine_hist.number_atoms_solvent             23 
_refine_hist.number_atoms_total               872 
_refine_hist.d_res_high                       2.28 
_refine_hist.d_res_low                        17.00 
# 
loop_
_refine_ls_restr.type 
_refine_ls_restr.dev_ideal 
_refine_ls_restr.dev_ideal_target 
_refine_ls_restr.weight 
_refine_ls_restr.number 
_refine_ls_restr.pdbx_refine_id 
_refine_ls_restr.pdbx_restraint_function 
r_bond_refined_d             0.017  0.021 ? 877  'X-RAY DIFFRACTION' ? 
r_bond_other_d               ?      ?     ? ?    'X-RAY DIFFRACTION' ? 
r_angle_refined_deg          1.412  1.971 ? 1197 'X-RAY DIFFRACTION' ? 
r_angle_other_deg            ?      ?     ? ?    'X-RAY DIFFRACTION' ? 
r_dihedral_angle_1_deg       6.457  5.000 ? 103  'X-RAY DIFFRACTION' ? 
r_dihedral_angle_2_deg       ?      ?     ? ?    'X-RAY DIFFRACTION' ? 
r_dihedral_angle_3_deg       ?      ?     ? ?    'X-RAY DIFFRACTION' ? 
r_dihedral_angle_4_deg       ?      ?     ? ?    'X-RAY DIFFRACTION' ? 
r_chiral_restr               0.095  0.200 ? 130  'X-RAY DIFFRACTION' ? 
r_gen_planes_refined         0.006  0.020 ? 659  'X-RAY DIFFRACTION' ? 
r_gen_planes_other           ?      ?     ? ?    'X-RAY DIFFRACTION' ? 
r_nbd_refined                0.212  0.300 ? 337  'X-RAY DIFFRACTION' ? 
r_nbd_other                  ?      ?     ? ?    'X-RAY DIFFRACTION' ? 
r_nbtor_refined              ?      ?     ? ?    'X-RAY DIFFRACTION' ? 
r_nbtor_other                ?      ?     ? ?    'X-RAY DIFFRACTION' ? 
r_xyhbond_nbd_refined        0.186  0.500 ? 52   'X-RAY DIFFRACTION' ? 
r_xyhbond_nbd_other          ?      ?     ? ?    'X-RAY DIFFRACTION' ? 
r_metal_ion_refined          ?      ?     ? ?    'X-RAY DIFFRACTION' ? 
r_metal_ion_other            ?      ?     ? ?    'X-RAY DIFFRACTION' ? 
r_symmetry_vdw_refined       0.266  0.300 ? 44   'X-RAY DIFFRACTION' ? 
r_symmetry_vdw_other         ?      ?     ? ?    'X-RAY DIFFRACTION' ? 
r_symmetry_hbond_refined     0.194  0.500 ? 8    'X-RAY DIFFRACTION' ? 
r_symmetry_hbond_other       ?      ?     ? ?    'X-RAY DIFFRACTION' ? 
r_symmetry_metal_ion_refined ?      ?     ? ?    'X-RAY DIFFRACTION' ? 
r_symmetry_metal_ion_other   ?      ?     ? ?    'X-RAY DIFFRACTION' ? 
r_mcbond_it                  9.014  1.500 ? 525  'X-RAY DIFFRACTION' ? 
r_mcbond_other               ?      ?     ? ?    'X-RAY DIFFRACTION' ? 
r_mcangle_it                 11.061 2.000 ? 858  'X-RAY DIFFRACTION' ? 
r_mcangle_other              ?      ?     ? ?    'X-RAY DIFFRACTION' ? 
r_scbond_it                  14.125 3.000 ? 352  'X-RAY DIFFRACTION' ? 
r_scbond_other               ?      ?     ? ?    'X-RAY DIFFRACTION' ? 
r_scangle_it                 17.954 4.500 ? 339  'X-RAY DIFFRACTION' ? 
r_scangle_other              ?      ?     ? ?    'X-RAY DIFFRACTION' ? 
r_long_range_B_refined       ?      ?     ? ?    'X-RAY DIFFRACTION' ? 
r_long_range_B_other         ?      ?     ? ?    'X-RAY DIFFRACTION' ? 
r_rigid_bond_restr           ?      ?     ? ?    'X-RAY DIFFRACTION' ? 
r_sphericity_free            ?      ?     ? ?    'X-RAY DIFFRACTION' ? 
r_sphericity_bonded          ?      ?     ? ?    'X-RAY DIFFRACTION' ? 
# 
_refine_ls_shell.pdbx_refine_id                   'X-RAY DIFFRACTION' 
_refine_ls_shell.pdbx_total_number_of_bins_used   20 
_refine_ls_shell.d_res_high                       2.28 
_refine_ls_shell.d_res_low                        2.34 
_refine_ls_shell.number_reflns_R_work             645 
_refine_ls_shell.R_factor_R_work                  0.2890 
_refine_ls_shell.percent_reflns_obs               ? 
_refine_ls_shell.R_factor_R_free                  0.2970 
_refine_ls_shell.R_factor_R_free_error            ? 
_refine_ls_shell.percent_reflns_R_free            ? 
_refine_ls_shell.number_reflns_R_free             35 
_refine_ls_shell.number_reflns_all                ? 
_refine_ls_shell.R_factor_all                     ? 
# 
_struct.entry_id                  1WAQ 
_struct.title                     'Crystal structure of human Growth and Differentiation Factor 5 (GDF-5)' 
_struct.pdbx_model_details        ? 
_struct.pdbx_CASP_flag            ? 
_struct.pdbx_model_type_details   ? 
# 
_struct_keywords.entry_id        1WAQ 
_struct_keywords.pdbx_keywords   'GROWTH FACTOR' 
_struct_keywords.text            'GROWTH FACTOR, TGF-BETA SUPERFAMILY, CYTOKINE' 
# 
loop_
_struct_asym.id 
_struct_asym.pdbx_blank_PDB_chainid_flag 
_struct_asym.pdbx_modified 
_struct_asym.entity_id 
_struct_asym.details 
A N N 1 ? 
B N N 2 ? 
C N N 2 ? 
D N N 2 ? 
E N N 3 ? 
# 
loop_
_struct_ref.id 
_struct_ref.db_name 
_struct_ref.db_code 
_struct_ref.entity_id 
_struct_ref.pdbx_seq_one_letter_code 
_struct_ref.pdbx_align_begin 
_struct_ref.pdbx_db_accession 
_struct_ref.pdbx_db_isoform 
1 PDB 1WAQ       1 ? ? 1WAQ   ? 
2 UNP GDF5_HUMAN 1 ? ? P43026 ? 
# 
loop_
_struct_ref_seq.align_id 
_struct_ref_seq.ref_id 
_struct_ref_seq.pdbx_PDB_id_code 
_struct_ref_seq.pdbx_strand_id 
_struct_ref_seq.seq_align_beg 
_struct_ref_seq.pdbx_seq_align_beg_ins_code 
_struct_ref_seq.seq_align_end 
_struct_ref_seq.pdbx_seq_align_end_ins_code 
_struct_ref_seq.pdbx_db_accession 
_struct_ref_seq.db_align_beg 
_struct_ref_seq.pdbx_db_align_beg_ins_code 
_struct_ref_seq.db_align_end 
_struct_ref_seq.pdbx_db_align_end_ins_code 
_struct_ref_seq.pdbx_auth_seq_align_beg 
_struct_ref_seq.pdbx_auth_seq_align_end 
1 1 1WAQ A 1 ? 2   ? 1WAQ   4   ? 5   ? 4 5   
2 2 1WAQ A 3 ? 117 ? P43026 387 ? 501 ? 6 120 
# 
_pdbx_struct_assembly.id                   1 
_pdbx_struct_assembly.details              author_and_software_defined_assembly 
_pdbx_struct_assembly.method_details       PQS 
_pdbx_struct_assembly.oligomeric_details   dimeric 
_pdbx_struct_assembly.oligomeric_count     2 
# 
_pdbx_struct_assembly_gen.assembly_id       1 
_pdbx_struct_assembly_gen.oper_expression   1,2 
_pdbx_struct_assembly_gen.asym_id_list      A,B,C,D,E 
# 
loop_
_pdbx_struct_oper_list.id 
_pdbx_struct_oper_list.type 
_pdbx_struct_oper_list.name 
_pdbx_struct_oper_list.symmetry_operation 
_pdbx_struct_oper_list.matrix[1][1] 
_pdbx_struct_oper_list.matrix[1][2] 
_pdbx_struct_oper_list.matrix[1][3] 
_pdbx_struct_oper_list.vector[1] 
_pdbx_struct_oper_list.matrix[2][1] 
_pdbx_struct_oper_list.matrix[2][2] 
_pdbx_struct_oper_list.matrix[2][3] 
_pdbx_struct_oper_list.vector[2] 
_pdbx_struct_oper_list.matrix[3][1] 
_pdbx_struct_oper_list.matrix[3][2] 
_pdbx_struct_oper_list.matrix[3][3] 
_pdbx_struct_oper_list.vector[3] 
1 'identity operation'         1_555 x,y,z              1.0000000000  0.0000000000  0.0000000000 0.0000000000 0.0000000000  1.0000000000  0.0000000000  0.0000000000  0.0000000000 0.0000000000  1.0000000000 0.0000000000 
2 'crystal symmetry operation' 5_679 x-y+1,-y+2,-z+13/3 -0.2981220802 -0.3753715122 0.8776214749 6.7393252858 -0.3753715122 -0.7992474643 -0.4693609684 16.3271519183 0.8776214749 -0.4693609684 0.0973695445 1.5935846291 
# 
_struct_biol.id   1 
# 
loop_
_struct_conf.conf_type_id 
_struct_conf.id 
_struct_conf.pdbx_PDB_helix_id 
_struct_conf.beg_label_comp_id 
_struct_conf.beg_label_asym_id 
_struct_conf.beg_label_seq_id 
_struct_conf.pdbx_beg_PDB_ins_code 
_struct_conf.end_label_comp_id 
_struct_conf.end_label_asym_id 
_struct_conf.end_label_seq_id 
_struct_conf.pdbx_end_PDB_ins_code 
_struct_conf.beg_auth_comp_id 
_struct_conf.beg_auth_asym_id 
_struct_conf.beg_auth_seq_id 
_struct_conf.end_auth_comp_id 
_struct_conf.end_auth_asym_id 
_struct_conf.end_auth_seq_id 
_struct_conf.pdbx_PDB_helix_class 
_struct_conf.details 
_struct_conf.pdbx_PDB_helix_length 
HELX_P HELX_P1 1 ARG A 54 ? GLU A 58 ? ARG A 57 GLU A 61 5 ? 5  
HELX_P HELX_P2 2 THR A 60 ? ASP A 73 ? THR A 63 ASP A 76 1 ? 14 
# 
_struct_conf_type.id          HELX_P 
_struct_conf_type.criteria    ? 
_struct_conf_type.reference   ? 
# 
loop_
_struct_conn.id 
_struct_conn.conn_type_id 
_struct_conn.pdbx_leaving_atom_flag 
_struct_conn.pdbx_PDB_id 
_struct_conn.ptnr1_label_asym_id 
_struct_conn.ptnr1_label_comp_id 
_struct_conn.ptnr1_label_seq_id 
_struct_conn.ptnr1_label_atom_id 
_struct_conn.pdbx_ptnr1_label_alt_id 
_struct_conn.pdbx_ptnr1_PDB_ins_code 
_struct_conn.pdbx_ptnr1_standard_comp_id 
_struct_conn.ptnr1_symmetry 
_struct_conn.ptnr2_label_asym_id 
_struct_conn.ptnr2_label_comp_id 
_struct_conn.ptnr2_label_seq_id 
_struct_conn.ptnr2_label_atom_id 
_struct_conn.pdbx_ptnr2_label_alt_id 
_struct_conn.pdbx_ptnr2_PDB_ins_code 
_struct_conn.ptnr1_auth_asym_id 
_struct_conn.ptnr1_auth_comp_id 
_struct_conn.ptnr1_auth_seq_id 
_struct_conn.ptnr2_auth_asym_id 
_struct_conn.ptnr2_auth_comp_id 
_struct_conn.ptnr2_auth_seq_id 
_struct_conn.ptnr2_symmetry 
_struct_conn.pdbx_ptnr3_label_atom_id 
_struct_conn.pdbx_ptnr3_label_seq_id 
_struct_conn.pdbx_ptnr3_label_comp_id 
_struct_conn.pdbx_ptnr3_label_asym_id 
_struct_conn.pdbx_ptnr3_label_alt_id 
_struct_conn.pdbx_ptnr3_PDB_ins_code 
_struct_conn.details 
_struct_conn.pdbx_dist_value 
_struct_conn.pdbx_value_order 
_struct_conn.pdbx_role 
disulf1 disulf ? ? A CYS 16 SG ? ? ? 1_555 A CYS 82  SG ? ? A CYS 19 A CYS 85  1_555 ? ? ? ? ? ? ? 2.051 ? ? 
disulf2 disulf ? ? A CYS 45 SG ? ? ? 1_555 A CYS 114 SG ? ? A CYS 48 A CYS 117 1_555 ? ? ? ? ? ? ? 2.047 ? ? 
disulf3 disulf ? ? A CYS 49 SG ? ? ? 1_555 A CYS 116 SG ? ? A CYS 52 A CYS 119 1_555 ? ? ? ? ? ? ? 2.069 ? ? 
disulf4 disulf ? ? A CYS 81 SG ? ? ? 1_555 A CYS 81  SG ? ? A CYS 84 A CYS 84  5_679 ? ? ? ? ? ? ? 2.495 ? ? 
# 
_struct_conn_type.id          disulf 
_struct_conn_type.criteria    ? 
_struct_conn_type.reference   ? 
# 
loop_
_pdbx_modification_feature.ordinal 
_pdbx_modification_feature.label_comp_id 
_pdbx_modification_feature.label_asym_id 
_pdbx_modification_feature.label_seq_id 
_pdbx_modification_feature.label_alt_id 
_pdbx_modification_feature.modified_residue_label_comp_id 
_pdbx_modification_feature.modified_residue_label_asym_id 
_pdbx_modification_feature.modified_residue_label_seq_id 
_pdbx_modification_feature.modified_residue_label_alt_id 
_pdbx_modification_feature.auth_comp_id 
_pdbx_modification_feature.auth_asym_id 
_pdbx_modification_feature.auth_seq_id 
_pdbx_modification_feature.PDB_ins_code 
_pdbx_modification_feature.symmetry 
_pdbx_modification_feature.modified_residue_auth_comp_id 
_pdbx_modification_feature.modified_residue_auth_asym_id 
_pdbx_modification_feature.modified_residue_auth_seq_id 
_pdbx_modification_feature.modified_residue_PDB_ins_code 
_pdbx_modification_feature.modified_residue_symmetry 
_pdbx_modification_feature.comp_id_linking_atom 
_pdbx_modification_feature.modified_residue_id_linking_atom 
_pdbx_modification_feature.modified_residue_id 
_pdbx_modification_feature.ref_pcm_id 
_pdbx_modification_feature.ref_comp_id 
_pdbx_modification_feature.type 
_pdbx_modification_feature.category 
1 CYS A 16 ? CYS A 82  ? CYS A 19 ? 1_555 CYS A 85  ? 1_555 SG SG . . . None 'Disulfide bridge' 
2 CYS A 45 ? CYS A 114 ? CYS A 48 ? 1_555 CYS A 117 ? 1_555 SG SG . . . None 'Disulfide bridge' 
3 CYS A 49 ? CYS A 116 ? CYS A 52 ? 1_555 CYS A 119 ? 1_555 SG SG . . . None 'Disulfide bridge' 
4 CYS A 81 ? CYS A 81  ? CYS A 84 ? 1_555 CYS A 84  ? 5_679 SG SG . . . None 'Disulfide bridge' 
# 
loop_
_struct_mon_prot_cis.pdbx_id 
_struct_mon_prot_cis.label_comp_id 
_struct_mon_prot_cis.label_seq_id 
_struct_mon_prot_cis.label_asym_id 
_struct_mon_prot_cis.label_alt_id 
_struct_mon_prot_cis.pdbx_PDB_ins_code 
_struct_mon_prot_cis.auth_comp_id 
_struct_mon_prot_cis.auth_seq_id 
_struct_mon_prot_cis.auth_asym_id 
_struct_mon_prot_cis.pdbx_label_comp_id_2 
_struct_mon_prot_cis.pdbx_label_seq_id_2 
_struct_mon_prot_cis.pdbx_label_asym_id_2 
_struct_mon_prot_cis.pdbx_PDB_ins_code_2 
_struct_mon_prot_cis.pdbx_auth_comp_id_2 
_struct_mon_prot_cis.pdbx_auth_seq_id_2 
_struct_mon_prot_cis.pdbx_auth_asym_id_2 
_struct_mon_prot_cis.pdbx_PDB_model_num 
_struct_mon_prot_cis.pdbx_omega_angle 
1 ALA 36 A . ? ALA 39 A PRO 37 A ? PRO 40 A 1 -6.06 
2 PHE 51 A . ? PHE 54 A PRO 52 A ? PRO 55 A 1 0.60  
# 
loop_
_struct_sheet.id 
_struct_sheet.type 
_struct_sheet.number_strands 
_struct_sheet.details 
AA ? 2 ? 
AB ? 2 ? 
AC ? 3 ? 
# 
loop_
_struct_sheet_order.sheet_id 
_struct_sheet_order.range_id_1 
_struct_sheet_order.range_id_2 
_struct_sheet_order.offset 
_struct_sheet_order.sense 
AA 1 2 ? anti-parallel 
AB 1 2 ? anti-parallel 
AC 1 2 ? anti-parallel 
AC 2 3 ? anti-parallel 
# 
loop_
_struct_sheet_range.sheet_id 
_struct_sheet_range.id 
_struct_sheet_range.beg_label_comp_id 
_struct_sheet_range.beg_label_asym_id 
_struct_sheet_range.beg_label_seq_id 
_struct_sheet_range.pdbx_beg_PDB_ins_code 
_struct_sheet_range.end_label_comp_id 
_struct_sheet_range.end_label_asym_id 
_struct_sheet_range.end_label_seq_id 
_struct_sheet_range.pdbx_end_PDB_ins_code 
_struct_sheet_range.beg_auth_comp_id 
_struct_sheet_range.beg_auth_asym_id 
_struct_sheet_range.beg_auth_seq_id 
_struct_sheet_range.end_auth_comp_id 
_struct_sheet_range.end_auth_asym_id 
_struct_sheet_range.end_auth_seq_id 
AA 1 SER A 17  ? LYS A 19  ? SER A 20  LYS A 22  
AA 2 HIS A 44  ? GLU A 46  ? HIS A 47  GLU A 49  
AB 1 HIS A 22  ? ASN A 24  ? HIS A 25  ASN A 27  
AB 2 GLU A 39  ? GLU A 41  ? GLU A 42  GLU A 44  
AC 1 ILE A 34  ? ALA A 36  ? ILE A 37  ALA A 39  
AC 2 CYS A 82  ? ILE A 95  ? CYS A 85  ILE A 98  
AC 3 VAL A 101 ? CYS A 116 ? VAL A 104 CYS A 119 
# 
loop_
_pdbx_struct_sheet_hbond.sheet_id 
_pdbx_struct_sheet_hbond.range_id_1 
_pdbx_struct_sheet_hbond.range_id_2 
_pdbx_struct_sheet_hbond.range_1_label_atom_id 
_pdbx_struct_sheet_hbond.range_1_label_comp_id 
_pdbx_struct_sheet_hbond.range_1_label_asym_id 
_pdbx_struct_sheet_hbond.range_1_label_seq_id 
_pdbx_struct_sheet_hbond.range_1_PDB_ins_code 
_pdbx_struct_sheet_hbond.range_1_auth_atom_id 
_pdbx_struct_sheet_hbond.range_1_auth_comp_id 
_pdbx_struct_sheet_hbond.range_1_auth_asym_id 
_pdbx_struct_sheet_hbond.range_1_auth_seq_id 
_pdbx_struct_sheet_hbond.range_2_label_atom_id 
_pdbx_struct_sheet_hbond.range_2_label_comp_id 
_pdbx_struct_sheet_hbond.range_2_label_asym_id 
_pdbx_struct_sheet_hbond.range_2_label_seq_id 
_pdbx_struct_sheet_hbond.range_2_PDB_ins_code 
_pdbx_struct_sheet_hbond.range_2_auth_atom_id 
_pdbx_struct_sheet_hbond.range_2_auth_comp_id 
_pdbx_struct_sheet_hbond.range_2_auth_asym_id 
_pdbx_struct_sheet_hbond.range_2_auth_seq_id 
AA 1 2 N LYS A 19 ? N LYS A 22 O HIS A 44  ? O HIS A 47  
AB 1 2 N VAL A 23 ? N VAL A 26 O TYR A 40  ? O TYR A 43  
AC 1 2 N ILE A 35 ? N ILE A 38 O LEU A 93  ? O LEU A 96  
AC 2 3 N PHE A 94 ? N PHE A 97 O VAL A 102 ? O VAL A 105 
# 
loop_
_struct_site.id 
_struct_site.pdbx_evidence_code 
_struct_site.pdbx_auth_asym_id 
_struct_site.pdbx_auth_comp_id 
_struct_site.pdbx_auth_seq_id 
_struct_site.pdbx_auth_ins_code 
_struct_site.pdbx_num_residues 
_struct_site.details 
AC1 Software ? ? ? ? 4 'BINDING SITE FOR RESIDUE MPD A1121' 
AC2 Software ? ? ? ? 2 'BINDING SITE FOR RESIDUE MPD A1122' 
AC3 Software ? ? ? ? 4 'BINDING SITE FOR RESIDUE MPD A1123' 
# 
loop_
_struct_site_gen.id 
_struct_site_gen.site_id 
_struct_site_gen.pdbx_num_res 
_struct_site_gen.label_comp_id 
_struct_site_gen.label_asym_id 
_struct_site_gen.label_seq_id 
_struct_site_gen.pdbx_auth_ins_code 
_struct_site_gen.auth_comp_id 
_struct_site_gen.auth_asym_id 
_struct_site_gen.auth_seq_id 
_struct_site_gen.label_atom_id 
_struct_site_gen.label_alt_id 
_struct_site_gen.symmetry 
_struct_site_gen.details 
1  AC1 4 TRP A 30  ? TRP A 33  . ? 1_555 ? 
2  AC1 4 TRP A 33  ? TRP A 36  . ? 1_555 ? 
3  AC1 4 PHE A 94  ? PHE A 97  . ? 1_555 ? 
4  AC1 4 TYR A 106 ? TYR A 109 . ? 1_555 ? 
5  AC2 2 ASN A 61  ? ASN A 64  . ? 1_555 ? 
6  AC2 2 VAL A 64  ? VAL A 67  . ? 1_555 ? 
7  AC3 4 ASP A 31  ? ASP A 34  . ? 1_555 ? 
8  AC3 4 ASP A 32  ? ASP A 35  . ? 1_555 ? 
9  AC3 4 ILE A 34  ? ILE A 37  . ? 1_555 ? 
10 AC3 4 ILE A 95  ? ILE A 98  . ? 1_555 ? 
# 
_pdbx_entry_details.entry_id                   1WAQ 
_pdbx_entry_details.compound_details           
;COULD BE INVOLVED IN BONE FORMATION.
 HOMODIMER; DISULFIDE-LINKED (BY SIMILARITY).
 DEFECTS IN GDF5 ARE THE CAUSE OF CHONDRODYSPLASIA GREBE.
;
_pdbx_entry_details.source_details             ? 
_pdbx_entry_details.nonpolymer_details         ? 
_pdbx_entry_details.sequence_details           
;RESIDUES 6 TO 120 OF MATURE GDF-5 WERE EXPRESSED WITH AN N-
TERMINAL EXTENSION MET-LYS FROM THE EXPRESSION VECTOR
;
_pdbx_entry_details.has_ligand_of_interest     ? 
_pdbx_entry_details.has_protein_modification   Y 
# 
loop_
_pdbx_validate_rmsd_bond.id 
_pdbx_validate_rmsd_bond.PDB_model_num 
_pdbx_validate_rmsd_bond.auth_atom_id_1 
_pdbx_validate_rmsd_bond.auth_asym_id_1 
_pdbx_validate_rmsd_bond.auth_comp_id_1 
_pdbx_validate_rmsd_bond.auth_seq_id_1 
_pdbx_validate_rmsd_bond.PDB_ins_code_1 
_pdbx_validate_rmsd_bond.label_alt_id_1 
_pdbx_validate_rmsd_bond.auth_atom_id_2 
_pdbx_validate_rmsd_bond.auth_asym_id_2 
_pdbx_validate_rmsd_bond.auth_comp_id_2 
_pdbx_validate_rmsd_bond.auth_seq_id_2 
_pdbx_validate_rmsd_bond.PDB_ins_code_2 
_pdbx_validate_rmsd_bond.label_alt_id_2 
_pdbx_validate_rmsd_bond.bond_value 
_pdbx_validate_rmsd_bond.bond_target_value 
_pdbx_validate_rmsd_bond.bond_deviation 
_pdbx_validate_rmsd_bond.bond_standard_deviation 
_pdbx_validate_rmsd_bond.linker_flag 
1 1 CZ  A ARG 57  ? ? NH1 A ARG 57  ? ? 1.467 1.326 0.141 0.013 N 
2 1 CZ  A TYR 106 ? ? CE2 A TYR 106 ? ? 1.464 1.381 0.083 0.013 N 
3 1 CE2 A TYR 106 ? ? CD2 A TYR 106 ? ? 1.554 1.389 0.165 0.015 N 
# 
_pdbx_validate_rmsd_angle.id                         1 
_pdbx_validate_rmsd_angle.PDB_model_num              1 
_pdbx_validate_rmsd_angle.auth_atom_id_1             NE 
_pdbx_validate_rmsd_angle.auth_asym_id_1             A 
_pdbx_validate_rmsd_angle.auth_comp_id_1             ARG 
_pdbx_validate_rmsd_angle.auth_seq_id_1              57 
_pdbx_validate_rmsd_angle.PDB_ins_code_1             ? 
_pdbx_validate_rmsd_angle.label_alt_id_1             ? 
_pdbx_validate_rmsd_angle.auth_atom_id_2             CZ 
_pdbx_validate_rmsd_angle.auth_asym_id_2             A 
_pdbx_validate_rmsd_angle.auth_comp_id_2             ARG 
_pdbx_validate_rmsd_angle.auth_seq_id_2              57 
_pdbx_validate_rmsd_angle.PDB_ins_code_2             ? 
_pdbx_validate_rmsd_angle.label_alt_id_2             ? 
_pdbx_validate_rmsd_angle.auth_atom_id_3             NH2 
_pdbx_validate_rmsd_angle.auth_asym_id_3             A 
_pdbx_validate_rmsd_angle.auth_comp_id_3             ARG 
_pdbx_validate_rmsd_angle.auth_seq_id_3              57 
_pdbx_validate_rmsd_angle.PDB_ins_code_3             ? 
_pdbx_validate_rmsd_angle.label_alt_id_3             ? 
_pdbx_validate_rmsd_angle.angle_value                115.75 
_pdbx_validate_rmsd_angle.angle_target_value         120.30 
_pdbx_validate_rmsd_angle.angle_deviation            -4.55 
_pdbx_validate_rmsd_angle.angle_standard_deviation   0.50 
_pdbx_validate_rmsd_angle.linker_flag                N 
# 
loop_
_pdbx_validate_torsion.id 
_pdbx_validate_torsion.PDB_model_num 
_pdbx_validate_torsion.auth_comp_id 
_pdbx_validate_torsion.auth_asym_id 
_pdbx_validate_torsion.auth_seq_id 
_pdbx_validate_torsion.PDB_ins_code 
_pdbx_validate_torsion.label_alt_id 
_pdbx_validate_torsion.phi 
_pdbx_validate_torsion.psi 
1 1 PHE A 46 ? ? 63.02   164.00  
2 1 GLU A 61 ? ? 29.89   60.17   
3 1 ASP A 76 ? ? -154.09 84.98   
4 1 THR A 83 ? ? -69.61  -179.92 
# 
_pdbx_refine_tls.pdbx_refine_id   'X-RAY DIFFRACTION' 
_pdbx_refine_tls.id               1 
_pdbx_refine_tls.details          ? 
_pdbx_refine_tls.method           refined 
_pdbx_refine_tls.origin_x         0.1662 
_pdbx_refine_tls.origin_y         -0.5603 
_pdbx_refine_tls.origin_z         -0.0270 
_pdbx_refine_tls.T[1][1]          0.0485 
_pdbx_refine_tls.T[2][2]          0.0661 
_pdbx_refine_tls.T[3][3]          0.1184 
_pdbx_refine_tls.T[1][2]          -0.0550 
_pdbx_refine_tls.T[1][3]          0.0404 
_pdbx_refine_tls.T[2][3]          -0.0276 
_pdbx_refine_tls.L[1][1]          0.9417 
_pdbx_refine_tls.L[2][2]          21.4845 
_pdbx_refine_tls.L[3][3]          2.0034 
_pdbx_refine_tls.L[1][2]          -3.2795 
_pdbx_refine_tls.L[1][3]          -1.1503 
_pdbx_refine_tls.L[2][3]          4.8762 
_pdbx_refine_tls.S[1][1]          0.0335 
_pdbx_refine_tls.S[1][2]          0.0756 
_pdbx_refine_tls.S[1][3]          -0.2639 
_pdbx_refine_tls.S[2][1]          0.0648 
_pdbx_refine_tls.S[2][2]          -0.5052 
_pdbx_refine_tls.S[2][3]          1.3182 
_pdbx_refine_tls.S[3][1]          0.1260 
_pdbx_refine_tls.S[3][2]          -0.2368 
_pdbx_refine_tls.S[3][3]          0.4717 
# 
_pdbx_refine_tls_group.pdbx_refine_id      'X-RAY DIFFRACTION' 
_pdbx_refine_tls_group.id                  1 
_pdbx_refine_tls_group.refine_tls_id       1 
_pdbx_refine_tls_group.beg_auth_asym_id    A 
_pdbx_refine_tls_group.beg_auth_seq_id     17 
_pdbx_refine_tls_group.beg_label_asym_id   ? 
_pdbx_refine_tls_group.beg_label_seq_id    ? 
_pdbx_refine_tls_group.end_auth_asym_id    A 
_pdbx_refine_tls_group.end_auth_seq_id     120 
_pdbx_refine_tls_group.end_label_asym_id   ? 
_pdbx_refine_tls_group.end_label_seq_id    ? 
_pdbx_refine_tls_group.selection           ? 
_pdbx_refine_tls_group.selection_details   ? 
# 
loop_
_pdbx_unobs_or_zero_occ_residues.id 
_pdbx_unobs_or_zero_occ_residues.PDB_model_num 
_pdbx_unobs_or_zero_occ_residues.polymer_flag 
_pdbx_unobs_or_zero_occ_residues.occupancy_flag 
_pdbx_unobs_or_zero_occ_residues.auth_asym_id 
_pdbx_unobs_or_zero_occ_residues.auth_comp_id 
_pdbx_unobs_or_zero_occ_residues.auth_seq_id 
_pdbx_unobs_or_zero_occ_residues.PDB_ins_code 
_pdbx_unobs_or_zero_occ_residues.label_asym_id 
_pdbx_unobs_or_zero_occ_residues.label_comp_id 
_pdbx_unobs_or_zero_occ_residues.label_seq_id 
1  1 Y 1 A MET 4  ? A MET 1  
2  1 Y 1 A LYS 5  ? A LYS 2  
3  1 Y 1 A ARG 6  ? A ARG 3  
4  1 Y 1 A GLN 7  ? A GLN 4  
5  1 Y 1 A GLY 8  ? A GLY 5  
6  1 Y 1 A LYS 9  ? A LYS 6  
7  1 Y 1 A ARG 10 ? A ARG 7  
8  1 Y 1 A PRO 11 ? A PRO 8  
9  1 Y 1 A SER 12 ? A SER 9  
10 1 Y 1 A LYS 13 ? A LYS 10 
11 1 Y 1 A ASN 14 ? A ASN 11 
12 1 Y 1 A LEU 15 ? A LEU 12 
13 1 Y 1 A LYS 16 ? A LYS 13 
# 
loop_
_chem_comp_atom.comp_id 
_chem_comp_atom.atom_id 
_chem_comp_atom.type_symbol 
_chem_comp_atom.pdbx_aromatic_flag 
_chem_comp_atom.pdbx_stereo_config 
_chem_comp_atom.pdbx_ordinal 
ALA N    N N N 1   
ALA CA   C N S 2   
ALA C    C N N 3   
ALA O    O N N 4   
ALA CB   C N N 5   
ALA OXT  O N N 6   
ALA H    H N N 7   
ALA H2   H N N 8   
ALA HA   H N N 9   
ALA HB1  H N N 10  
ALA HB2  H N N 11  
ALA HB3  H N N 12  
ALA HXT  H N N 13  
ARG N    N N N 14  
ARG CA   C N S 15  
ARG C    C N N 16  
ARG O    O N N 17  
ARG CB   C N N 18  
ARG CG   C N N 19  
ARG CD   C N N 20  
ARG NE   N N N 21  
ARG CZ   C N N 22  
ARG NH1  N N N 23  
ARG NH2  N N N 24  
ARG OXT  O N N 25  
ARG H    H N N 26  
ARG H2   H N N 27  
ARG HA   H N N 28  
ARG HB2  H N N 29  
ARG HB3  H N N 30  
ARG HG2  H N N 31  
ARG HG3  H N N 32  
ARG HD2  H N N 33  
ARG HD3  H N N 34  
ARG HE   H N N 35  
ARG HH11 H N N 36  
ARG HH12 H N N 37  
ARG HH21 H N N 38  
ARG HH22 H N N 39  
ARG HXT  H N N 40  
ASN N    N N N 41  
ASN CA   C N S 42  
ASN C    C N N 43  
ASN O    O N N 44  
ASN CB   C N N 45  
ASN CG   C N N 46  
ASN OD1  O N N 47  
ASN ND2  N N N 48  
ASN OXT  O N N 49  
ASN H    H N N 50  
ASN H2   H N N 51  
ASN HA   H N N 52  
ASN HB2  H N N 53  
ASN HB3  H N N 54  
ASN HD21 H N N 55  
ASN HD22 H N N 56  
ASN HXT  H N N 57  
ASP N    N N N 58  
ASP CA   C N S 59  
ASP C    C N N 60  
ASP O    O N N 61  
ASP CB   C N N 62  
ASP CG   C N N 63  
ASP OD1  O N N 64  
ASP OD2  O N N 65  
ASP OXT  O N N 66  
ASP H    H N N 67  
ASP H2   H N N 68  
ASP HA   H N N 69  
ASP HB2  H N N 70  
ASP HB3  H N N 71  
ASP HD2  H N N 72  
ASP HXT  H N N 73  
CYS N    N N N 74  
CYS CA   C N R 75  
CYS C    C N N 76  
CYS O    O N N 77  
CYS CB   C N N 78  
CYS SG   S N N 79  
CYS OXT  O N N 80  
CYS H    H N N 81  
CYS H2   H N N 82  
CYS HA   H N N 83  
CYS HB2  H N N 84  
CYS HB3  H N N 85  
CYS HG   H N N 86  
CYS HXT  H N N 87  
GLN N    N N N 88  
GLN CA   C N S 89  
GLN C    C N N 90  
GLN O    O N N 91  
GLN CB   C N N 92  
GLN CG   C N N 93  
GLN CD   C N N 94  
GLN OE1  O N N 95  
GLN NE2  N N N 96  
GLN OXT  O N N 97  
GLN H    H N N 98  
GLN H2   H N N 99  
GLN HA   H N N 100 
GLN HB2  H N N 101 
GLN HB3  H N N 102 
GLN HG2  H N N 103 
GLN HG3  H N N 104 
GLN HE21 H N N 105 
GLN HE22 H N N 106 
GLN HXT  H N N 107 
GLU N    N N N 108 
GLU CA   C N S 109 
GLU C    C N N 110 
GLU O    O N N 111 
GLU CB   C N N 112 
GLU CG   C N N 113 
GLU CD   C N N 114 
GLU OE1  O N N 115 
GLU OE2  O N N 116 
GLU OXT  O N N 117 
GLU H    H N N 118 
GLU H2   H N N 119 
GLU HA   H N N 120 
GLU HB2  H N N 121 
GLU HB3  H N N 122 
GLU HG2  H N N 123 
GLU HG3  H N N 124 
GLU HE2  H N N 125 
GLU HXT  H N N 126 
GLY N    N N N 127 
GLY CA   C N N 128 
GLY C    C N N 129 
GLY O    O N N 130 
GLY OXT  O N N 131 
GLY H    H N N 132 
GLY H2   H N N 133 
GLY HA2  H N N 134 
GLY HA3  H N N 135 
GLY HXT  H N N 136 
HIS N    N N N 137 
HIS CA   C N S 138 
HIS C    C N N 139 
HIS O    O N N 140 
HIS CB   C N N 141 
HIS CG   C Y N 142 
HIS ND1  N Y N 143 
HIS CD2  C Y N 144 
HIS CE1  C Y N 145 
HIS NE2  N Y N 146 
HIS OXT  O N N 147 
HIS H    H N N 148 
HIS H2   H N N 149 
HIS HA   H N N 150 
HIS HB2  H N N 151 
HIS HB3  H N N 152 
HIS HD1  H N N 153 
HIS HD2  H N N 154 
HIS HE1  H N N 155 
HIS HE2  H N N 156 
HIS HXT  H N N 157 
HOH O    O N N 158 
HOH H1   H N N 159 
HOH H2   H N N 160 
ILE N    N N N 161 
ILE CA   C N S 162 
ILE C    C N N 163 
ILE O    O N N 164 
ILE CB   C N S 165 
ILE CG1  C N N 166 
ILE CG2  C N N 167 
ILE CD1  C N N 168 
ILE OXT  O N N 169 
ILE H    H N N 170 
ILE H2   H N N 171 
ILE HA   H N N 172 
ILE HB   H N N 173 
ILE HG12 H N N 174 
ILE HG13 H N N 175 
ILE HG21 H N N 176 
ILE HG22 H N N 177 
ILE HG23 H N N 178 
ILE HD11 H N N 179 
ILE HD12 H N N 180 
ILE HD13 H N N 181 
ILE HXT  H N N 182 
LEU N    N N N 183 
LEU CA   C N S 184 
LEU C    C N N 185 
LEU O    O N N 186 
LEU CB   C N N 187 
LEU CG   C N N 188 
LEU CD1  C N N 189 
LEU CD2  C N N 190 
LEU OXT  O N N 191 
LEU H    H N N 192 
LEU H2   H N N 193 
LEU HA   H N N 194 
LEU HB2  H N N 195 
LEU HB3  H N N 196 
LEU HG   H N N 197 
LEU HD11 H N N 198 
LEU HD12 H N N 199 
LEU HD13 H N N 200 
LEU HD21 H N N 201 
LEU HD22 H N N 202 
LEU HD23 H N N 203 
LEU HXT  H N N 204 
LYS N    N N N 205 
LYS CA   C N S 206 
LYS C    C N N 207 
LYS O    O N N 208 
LYS CB   C N N 209 
LYS CG   C N N 210 
LYS CD   C N N 211 
LYS CE   C N N 212 
LYS NZ   N N N 213 
LYS OXT  O N N 214 
LYS H    H N N 215 
LYS H2   H N N 216 
LYS HA   H N N 217 
LYS HB2  H N N 218 
LYS HB3  H N N 219 
LYS HG2  H N N 220 
LYS HG3  H N N 221 
LYS HD2  H N N 222 
LYS HD3  H N N 223 
LYS HE2  H N N 224 
LYS HE3  H N N 225 
LYS HZ1  H N N 226 
LYS HZ2  H N N 227 
LYS HZ3  H N N 228 
LYS HXT  H N N 229 
MET N    N N N 230 
MET CA   C N S 231 
MET C    C N N 232 
MET O    O N N 233 
MET CB   C N N 234 
MET CG   C N N 235 
MET SD   S N N 236 
MET CE   C N N 237 
MET OXT  O N N 238 
MET H    H N N 239 
MET H2   H N N 240 
MET HA   H N N 241 
MET HB2  H N N 242 
MET HB3  H N N 243 
MET HG2  H N N 244 
MET HG3  H N N 245 
MET HE1  H N N 246 
MET HE2  H N N 247 
MET HE3  H N N 248 
MET HXT  H N N 249 
MPD C1   C N N 250 
MPD C2   C N N 251 
MPD O2   O N N 252 
MPD CM   C N N 253 
MPD C3   C N N 254 
MPD C4   C N S 255 
MPD O4   O N N 256 
MPD C5   C N N 257 
MPD H11  H N N 258 
MPD H12  H N N 259 
MPD H13  H N N 260 
MPD HO2  H N N 261 
MPD HM1  H N N 262 
MPD HM2  H N N 263 
MPD HM3  H N N 264 
MPD H31  H N N 265 
MPD H32  H N N 266 
MPD H4   H N N 267 
MPD HO4  H N N 268 
MPD H51  H N N 269 
MPD H52  H N N 270 
MPD H53  H N N 271 
PHE N    N N N 272 
PHE CA   C N S 273 
PHE C    C N N 274 
PHE O    O N N 275 
PHE CB   C N N 276 
PHE CG   C Y N 277 
PHE CD1  C Y N 278 
PHE CD2  C Y N 279 
PHE CE1  C Y N 280 
PHE CE2  C Y N 281 
PHE CZ   C Y N 282 
PHE OXT  O N N 283 
PHE H    H N N 284 
PHE H2   H N N 285 
PHE HA   H N N 286 
PHE HB2  H N N 287 
PHE HB3  H N N 288 
PHE HD1  H N N 289 
PHE HD2  H N N 290 
PHE HE1  H N N 291 
PHE HE2  H N N 292 
PHE HZ   H N N 293 
PHE HXT  H N N 294 
PRO N    N N N 295 
PRO CA   C N S 296 
PRO C    C N N 297 
PRO O    O N N 298 
PRO CB   C N N 299 
PRO CG   C N N 300 
PRO CD   C N N 301 
PRO OXT  O N N 302 
PRO H    H N N 303 
PRO HA   H N N 304 
PRO HB2  H N N 305 
PRO HB3  H N N 306 
PRO HG2  H N N 307 
PRO HG3  H N N 308 
PRO HD2  H N N 309 
PRO HD3  H N N 310 
PRO HXT  H N N 311 
SER N    N N N 312 
SER CA   C N S 313 
SER C    C N N 314 
SER O    O N N 315 
SER CB   C N N 316 
SER OG   O N N 317 
SER OXT  O N N 318 
SER H    H N N 319 
SER H2   H N N 320 
SER HA   H N N 321 
SER HB2  H N N 322 
SER HB3  H N N 323 
SER HG   H N N 324 
SER HXT  H N N 325 
THR N    N N N 326 
THR CA   C N S 327 
THR C    C N N 328 
THR O    O N N 329 
THR CB   C N R 330 
THR OG1  O N N 331 
THR CG2  C N N 332 
THR OXT  O N N 333 
THR H    H N N 334 
THR H2   H N N 335 
THR HA   H N N 336 
THR HB   H N N 337 
THR HG1  H N N 338 
THR HG21 H N N 339 
THR HG22 H N N 340 
THR HG23 H N N 341 
THR HXT  H N N 342 
TRP N    N N N 343 
TRP CA   C N S 344 
TRP C    C N N 345 
TRP O    O N N 346 
TRP CB   C N N 347 
TRP CG   C Y N 348 
TRP CD1  C Y N 349 
TRP CD2  C Y N 350 
TRP NE1  N Y N 351 
TRP CE2  C Y N 352 
TRP CE3  C Y N 353 
TRP CZ2  C Y N 354 
TRP CZ3  C Y N 355 
TRP CH2  C Y N 356 
TRP OXT  O N N 357 
TRP H    H N N 358 
TRP H2   H N N 359 
TRP HA   H N N 360 
TRP HB2  H N N 361 
TRP HB3  H N N 362 
TRP HD1  H N N 363 
TRP HE1  H N N 364 
TRP HE3  H N N 365 
TRP HZ2  H N N 366 
TRP HZ3  H N N 367 
TRP HH2  H N N 368 
TRP HXT  H N N 369 
TYR N    N N N 370 
TYR CA   C N S 371 
TYR C    C N N 372 
TYR O    O N N 373 
TYR CB   C N N 374 
TYR CG   C Y N 375 
TYR CD1  C Y N 376 
TYR CD2  C Y N 377 
TYR CE1  C Y N 378 
TYR CE2  C Y N 379 
TYR CZ   C Y N 380 
TYR OH   O N N 381 
TYR OXT  O N N 382 
TYR H    H N N 383 
TYR H2   H N N 384 
TYR HA   H N N 385 
TYR HB2  H N N 386 
TYR HB3  H N N 387 
TYR HD1  H N N 388 
TYR HD2  H N N 389 
TYR HE1  H N N 390 
TYR HE2  H N N 391 
TYR HH   H N N 392 
TYR HXT  H N N 393 
VAL N    N N N 394 
VAL CA   C N S 395 
VAL C    C N N 396 
VAL O    O N N 397 
VAL CB   C N N 398 
VAL CG1  C N N 399 
VAL CG2  C N N 400 
VAL OXT  O N N 401 
VAL H    H N N 402 
VAL H2   H N N 403 
VAL HA   H N N 404 
VAL HB   H N N 405 
VAL HG11 H N N 406 
VAL HG12 H N N 407 
VAL HG13 H N N 408 
VAL HG21 H N N 409 
VAL HG22 H N N 410 
VAL HG23 H N N 411 
VAL HXT  H N N 412 
# 
loop_
_chem_comp_bond.comp_id 
_chem_comp_bond.atom_id_1 
_chem_comp_bond.atom_id_2 
_chem_comp_bond.value_order 
_chem_comp_bond.pdbx_aromatic_flag 
_chem_comp_bond.pdbx_stereo_config 
_chem_comp_bond.pdbx_ordinal 
ALA N   CA   sing N N 1   
ALA N   H    sing N N 2   
ALA N   H2   sing N N 3   
ALA CA  C    sing N N 4   
ALA CA  CB   sing N N 5   
ALA CA  HA   sing N N 6   
ALA C   O    doub N N 7   
ALA C   OXT  sing N N 8   
ALA CB  HB1  sing N N 9   
ALA CB  HB2  sing N N 10  
ALA CB  HB3  sing N N 11  
ALA OXT HXT  sing N N 12  
ARG N   CA   sing N N 13  
ARG N   H    sing N N 14  
ARG N   H2   sing N N 15  
ARG CA  C    sing N N 16  
ARG CA  CB   sing N N 17  
ARG CA  HA   sing N N 18  
ARG C   O    doub N N 19  
ARG C   OXT  sing N N 20  
ARG CB  CG   sing N N 21  
ARG CB  HB2  sing N N 22  
ARG CB  HB3  sing N N 23  
ARG CG  CD   sing N N 24  
ARG CG  HG2  sing N N 25  
ARG CG  HG3  sing N N 26  
ARG CD  NE   sing N N 27  
ARG CD  HD2  sing N N 28  
ARG CD  HD3  sing N N 29  
ARG NE  CZ   sing N N 30  
ARG NE  HE   sing N N 31  
ARG CZ  NH1  sing N N 32  
ARG CZ  NH2  doub N N 33  
ARG NH1 HH11 sing N N 34  
ARG NH1 HH12 sing N N 35  
ARG NH2 HH21 sing N N 36  
ARG NH2 HH22 sing N N 37  
ARG OXT HXT  sing N N 38  
ASN N   CA   sing N N 39  
ASN N   H    sing N N 40  
ASN N   H2   sing N N 41  
ASN CA  C    sing N N 42  
ASN CA  CB   sing N N 43  
ASN CA  HA   sing N N 44  
ASN C   O    doub N N 45  
ASN C   OXT  sing N N 46  
ASN CB  CG   sing N N 47  
ASN CB  HB2  sing N N 48  
ASN CB  HB3  sing N N 49  
ASN CG  OD1  doub N N 50  
ASN CG  ND2  sing N N 51  
ASN ND2 HD21 sing N N 52  
ASN ND2 HD22 sing N N 53  
ASN OXT HXT  sing N N 54  
ASP N   CA   sing N N 55  
ASP N   H    sing N N 56  
ASP N   H2   sing N N 57  
ASP CA  C    sing N N 58  
ASP CA  CB   sing N N 59  
ASP CA  HA   sing N N 60  
ASP C   O    doub N N 61  
ASP C   OXT  sing N N 62  
ASP CB  CG   sing N N 63  
ASP CB  HB2  sing N N 64  
ASP CB  HB3  sing N N 65  
ASP CG  OD1  doub N N 66  
ASP CG  OD2  sing N N 67  
ASP OD2 HD2  sing N N 68  
ASP OXT HXT  sing N N 69  
CYS N   CA   sing N N 70  
CYS N   H    sing N N 71  
CYS N   H2   sing N N 72  
CYS CA  C    sing N N 73  
CYS CA  CB   sing N N 74  
CYS CA  HA   sing N N 75  
CYS C   O    doub N N 76  
CYS C   OXT  sing N N 77  
CYS CB  SG   sing N N 78  
CYS CB  HB2  sing N N 79  
CYS CB  HB3  sing N N 80  
CYS SG  HG   sing N N 81  
CYS OXT HXT  sing N N 82  
GLN N   CA   sing N N 83  
GLN N   H    sing N N 84  
GLN N   H2   sing N N 85  
GLN CA  C    sing N N 86  
GLN CA  CB   sing N N 87  
GLN CA  HA   sing N N 88  
GLN C   O    doub N N 89  
GLN C   OXT  sing N N 90  
GLN CB  CG   sing N N 91  
GLN CB  HB2  sing N N 92  
GLN CB  HB3  sing N N 93  
GLN CG  CD   sing N N 94  
GLN CG  HG2  sing N N 95  
GLN CG  HG3  sing N N 96  
GLN CD  OE1  doub N N 97  
GLN CD  NE2  sing N N 98  
GLN NE2 HE21 sing N N 99  
GLN NE2 HE22 sing N N 100 
GLN OXT HXT  sing N N 101 
GLU N   CA   sing N N 102 
GLU N   H    sing N N 103 
GLU N   H2   sing N N 104 
GLU CA  C    sing N N 105 
GLU CA  CB   sing N N 106 
GLU CA  HA   sing N N 107 
GLU C   O    doub N N 108 
GLU C   OXT  sing N N 109 
GLU CB  CG   sing N N 110 
GLU CB  HB2  sing N N 111 
GLU CB  HB3  sing N N 112 
GLU CG  CD   sing N N 113 
GLU CG  HG2  sing N N 114 
GLU CG  HG3  sing N N 115 
GLU CD  OE1  doub N N 116 
GLU CD  OE2  sing N N 117 
GLU OE2 HE2  sing N N 118 
GLU OXT HXT  sing N N 119 
GLY N   CA   sing N N 120 
GLY N   H    sing N N 121 
GLY N   H2   sing N N 122 
GLY CA  C    sing N N 123 
GLY CA  HA2  sing N N 124 
GLY CA  HA3  sing N N 125 
GLY C   O    doub N N 126 
GLY C   OXT  sing N N 127 
GLY OXT HXT  sing N N 128 
HIS N   CA   sing N N 129 
HIS N   H    sing N N 130 
HIS N   H2   sing N N 131 
HIS CA  C    sing N N 132 
HIS CA  CB   sing N N 133 
HIS CA  HA   sing N N 134 
HIS C   O    doub N N 135 
HIS C   OXT  sing N N 136 
HIS CB  CG   sing N N 137 
HIS CB  HB2  sing N N 138 
HIS CB  HB3  sing N N 139 
HIS CG  ND1  sing Y N 140 
HIS CG  CD2  doub Y N 141 
HIS ND1 CE1  doub Y N 142 
HIS ND1 HD1  sing N N 143 
HIS CD2 NE2  sing Y N 144 
HIS CD2 HD2  sing N N 145 
HIS CE1 NE2  sing Y N 146 
HIS CE1 HE1  sing N N 147 
HIS NE2 HE2  sing N N 148 
HIS OXT HXT  sing N N 149 
HOH O   H1   sing N N 150 
HOH O   H2   sing N N 151 
ILE N   CA   sing N N 152 
ILE N   H    sing N N 153 
ILE N   H2   sing N N 154 
ILE CA  C    sing N N 155 
ILE CA  CB   sing N N 156 
ILE CA  HA   sing N N 157 
ILE C   O    doub N N 158 
ILE C   OXT  sing N N 159 
ILE CB  CG1  sing N N 160 
ILE CB  CG2  sing N N 161 
ILE CB  HB   sing N N 162 
ILE CG1 CD1  sing N N 163 
ILE CG1 HG12 sing N N 164 
ILE CG1 HG13 sing N N 165 
ILE CG2 HG21 sing N N 166 
ILE CG2 HG22 sing N N 167 
ILE CG2 HG23 sing N N 168 
ILE CD1 HD11 sing N N 169 
ILE CD1 HD12 sing N N 170 
ILE CD1 HD13 sing N N 171 
ILE OXT HXT  sing N N 172 
LEU N   CA   sing N N 173 
LEU N   H    sing N N 174 
LEU N   H2   sing N N 175 
LEU CA  C    sing N N 176 
LEU CA  CB   sing N N 177 
LEU CA  HA   sing N N 178 
LEU C   O    doub N N 179 
LEU C   OXT  sing N N 180 
LEU CB  CG   sing N N 181 
LEU CB  HB2  sing N N 182 
LEU CB  HB3  sing N N 183 
LEU CG  CD1  sing N N 184 
LEU CG  CD2  sing N N 185 
LEU CG  HG   sing N N 186 
LEU CD1 HD11 sing N N 187 
LEU CD1 HD12 sing N N 188 
LEU CD1 HD13 sing N N 189 
LEU CD2 HD21 sing N N 190 
LEU CD2 HD22 sing N N 191 
LEU CD2 HD23 sing N N 192 
LEU OXT HXT  sing N N 193 
LYS N   CA   sing N N 194 
LYS N   H    sing N N 195 
LYS N   H2   sing N N 196 
LYS CA  C    sing N N 197 
LYS CA  CB   sing N N 198 
LYS CA  HA   sing N N 199 
LYS C   O    doub N N 200 
LYS C   OXT  sing N N 201 
LYS CB  CG   sing N N 202 
LYS CB  HB2  sing N N 203 
LYS CB  HB3  sing N N 204 
LYS CG  CD   sing N N 205 
LYS CG  HG2  sing N N 206 
LYS CG  HG3  sing N N 207 
LYS CD  CE   sing N N 208 
LYS CD  HD2  sing N N 209 
LYS CD  HD3  sing N N 210 
LYS CE  NZ   sing N N 211 
LYS CE  HE2  sing N N 212 
LYS CE  HE3  sing N N 213 
LYS NZ  HZ1  sing N N 214 
LYS NZ  HZ2  sing N N 215 
LYS NZ  HZ3  sing N N 216 
LYS OXT HXT  sing N N 217 
MET N   CA   sing N N 218 
MET N   H    sing N N 219 
MET N   H2   sing N N 220 
MET CA  C    sing N N 221 
MET CA  CB   sing N N 222 
MET CA  HA   sing N N 223 
MET C   O    doub N N 224 
MET C   OXT  sing N N 225 
MET CB  CG   sing N N 226 
MET CB  HB2  sing N N 227 
MET CB  HB3  sing N N 228 
MET CG  SD   sing N N 229 
MET CG  HG2  sing N N 230 
MET CG  HG3  sing N N 231 
MET SD  CE   sing N N 232 
MET CE  HE1  sing N N 233 
MET CE  HE2  sing N N 234 
MET CE  HE3  sing N N 235 
MET OXT HXT  sing N N 236 
MPD C1  C2   sing N N 237 
MPD C1  H11  sing N N 238 
MPD C1  H12  sing N N 239 
MPD C1  H13  sing N N 240 
MPD C2  O2   sing N N 241 
MPD C2  CM   sing N N 242 
MPD C2  C3   sing N N 243 
MPD O2  HO2  sing N N 244 
MPD CM  HM1  sing N N 245 
MPD CM  HM2  sing N N 246 
MPD CM  HM3  sing N N 247 
MPD C3  C4   sing N N 248 
MPD C3  H31  sing N N 249 
MPD C3  H32  sing N N 250 
MPD C4  O4   sing N N 251 
MPD C4  C5   sing N N 252 
MPD C4  H4   sing N N 253 
MPD O4  HO4  sing N N 254 
MPD C5  H51  sing N N 255 
MPD C5  H52  sing N N 256 
MPD C5  H53  sing N N 257 
PHE N   CA   sing N N 258 
PHE N   H    sing N N 259 
PHE N   H2   sing N N 260 
PHE CA  C    sing N N 261 
PHE CA  CB   sing N N 262 
PHE CA  HA   sing N N 263 
PHE C   O    doub N N 264 
PHE C   OXT  sing N N 265 
PHE CB  CG   sing N N 266 
PHE CB  HB2  sing N N 267 
PHE CB  HB3  sing N N 268 
PHE CG  CD1  doub Y N 269 
PHE CG  CD2  sing Y N 270 
PHE CD1 CE1  sing Y N 271 
PHE CD1 HD1  sing N N 272 
PHE CD2 CE2  doub Y N 273 
PHE CD2 HD2  sing N N 274 
PHE CE1 CZ   doub Y N 275 
PHE CE1 HE1  sing N N 276 
PHE CE2 CZ   sing Y N 277 
PHE CE2 HE2  sing N N 278 
PHE CZ  HZ   sing N N 279 
PHE OXT HXT  sing N N 280 
PRO N   CA   sing N N 281 
PRO N   CD   sing N N 282 
PRO N   H    sing N N 283 
PRO CA  C    sing N N 284 
PRO CA  CB   sing N N 285 
PRO CA  HA   sing N N 286 
PRO C   O    doub N N 287 
PRO C   OXT  sing N N 288 
PRO CB  CG   sing N N 289 
PRO CB  HB2  sing N N 290 
PRO CB  HB3  sing N N 291 
PRO CG  CD   sing N N 292 
PRO CG  HG2  sing N N 293 
PRO CG  HG3  sing N N 294 
PRO CD  HD2  sing N N 295 
PRO CD  HD3  sing N N 296 
PRO OXT HXT  sing N N 297 
SER N   CA   sing N N 298 
SER N   H    sing N N 299 
SER N   H2   sing N N 300 
SER CA  C    sing N N 301 
SER CA  CB   sing N N 302 
SER CA  HA   sing N N 303 
SER C   O    doub N N 304 
SER C   OXT  sing N N 305 
SER CB  OG   sing N N 306 
SER CB  HB2  sing N N 307 
SER CB  HB3  sing N N 308 
SER OG  HG   sing N N 309 
SER OXT HXT  sing N N 310 
THR N   CA   sing N N 311 
THR N   H    sing N N 312 
THR N   H2   sing N N 313 
THR CA  C    sing N N 314 
THR CA  CB   sing N N 315 
THR CA  HA   sing N N 316 
THR C   O    doub N N 317 
THR C   OXT  sing N N 318 
THR CB  OG1  sing N N 319 
THR CB  CG2  sing N N 320 
THR CB  HB   sing N N 321 
THR OG1 HG1  sing N N 322 
THR CG2 HG21 sing N N 323 
THR CG2 HG22 sing N N 324 
THR CG2 HG23 sing N N 325 
THR OXT HXT  sing N N 326 
TRP N   CA   sing N N 327 
TRP N   H    sing N N 328 
TRP N   H2   sing N N 329 
TRP CA  C    sing N N 330 
TRP CA  CB   sing N N 331 
TRP CA  HA   sing N N 332 
TRP C   O    doub N N 333 
TRP C   OXT  sing N N 334 
TRP CB  CG   sing N N 335 
TRP CB  HB2  sing N N 336 
TRP CB  HB3  sing N N 337 
TRP CG  CD1  doub Y N 338 
TRP CG  CD2  sing Y N 339 
TRP CD1 NE1  sing Y N 340 
TRP CD1 HD1  sing N N 341 
TRP CD2 CE2  doub Y N 342 
TRP CD2 CE3  sing Y N 343 
TRP NE1 CE2  sing Y N 344 
TRP NE1 HE1  sing N N 345 
TRP CE2 CZ2  sing Y N 346 
TRP CE3 CZ3  doub Y N 347 
TRP CE3 HE3  sing N N 348 
TRP CZ2 CH2  doub Y N 349 
TRP CZ2 HZ2  sing N N 350 
TRP CZ3 CH2  sing Y N 351 
TRP CZ3 HZ3  sing N N 352 
TRP CH2 HH2  sing N N 353 
TRP OXT HXT  sing N N 354 
TYR N   CA   sing N N 355 
TYR N   H    sing N N 356 
TYR N   H2   sing N N 357 
TYR CA  C    sing N N 358 
TYR CA  CB   sing N N 359 
TYR CA  HA   sing N N 360 
TYR C   O    doub N N 361 
TYR C   OXT  sing N N 362 
TYR CB  CG   sing N N 363 
TYR CB  HB2  sing N N 364 
TYR CB  HB3  sing N N 365 
TYR CG  CD1  doub Y N 366 
TYR CG  CD2  sing Y N 367 
TYR CD1 CE1  sing Y N 368 
TYR CD1 HD1  sing N N 369 
TYR CD2 CE2  doub Y N 370 
TYR CD2 HD2  sing N N 371 
TYR CE1 CZ   doub Y N 372 
TYR CE1 HE1  sing N N 373 
TYR CE2 CZ   sing Y N 374 
TYR CE2 HE2  sing N N 375 
TYR CZ  OH   sing N N 376 
TYR OH  HH   sing N N 377 
TYR OXT HXT  sing N N 378 
VAL N   CA   sing N N 379 
VAL N   H    sing N N 380 
VAL N   H2   sing N N 381 
VAL CA  C    sing N N 382 
VAL CA  CB   sing N N 383 
VAL CA  HA   sing N N 384 
VAL C   O    doub N N 385 
VAL C   OXT  sing N N 386 
VAL CB  CG1  sing N N 387 
VAL CB  CG2  sing N N 388 
VAL CB  HB   sing N N 389 
VAL CG1 HG11 sing N N 390 
VAL CG1 HG12 sing N N 391 
VAL CG1 HG13 sing N N 392 
VAL CG2 HG21 sing N N 393 
VAL CG2 HG22 sing N N 394 
VAL CG2 HG23 sing N N 395 
VAL OXT HXT  sing N N 396 
# 
_pdbx_initial_refinement_model.id               1 
_pdbx_initial_refinement_model.entity_id_list   ? 
_pdbx_initial_refinement_model.type             'experimental model' 
_pdbx_initial_refinement_model.source_name      PDB 
_pdbx_initial_refinement_model.accession_code   1BMP 
_pdbx_initial_refinement_model.details          'PDB ENTRY 1BMP' 
# 
_atom_sites.entry_id                    1WAQ 
_atom_sites.fract_transf_matrix[1][1]   0.00667926 
_atom_sites.fract_transf_matrix[1][2]   -0.00844402 
_atom_sites.fract_transf_matrix[1][3]   0.00485458 
_atom_sites.fract_transf_matrix[2][1]   0.00124036 
_atom_sites.fract_transf_matrix[2][2]   -0.01040714 
_atom_sites.fract_transf_matrix[2][3]   -0.00544327 
_atom_sites.fract_transf_matrix[3][1]   0.01843637 
_atom_sites.fract_transf_matrix[3][2]   0.00809765 
_atom_sites.fract_transf_matrix[3][3]   -0.01128100 
_atom_sites.fract_transf_vector[1]      1.521889 
_atom_sites.fract_transf_vector[2]      1.085095 
_atom_sites.fract_transf_vector[3]      2.047391 
# 
loop_
_atom_type.symbol 
C 
N 
O 
S 
# 
loop_
_atom_site.group_PDB 
_atom_site.id 
_atom_site.type_symbol 
_atom_site.label_atom_id 
_atom_site.label_alt_id 
_atom_site.label_comp_id 
_atom_site.label_asym_id 
_atom_site.label_entity_id 
_atom_site.label_seq_id 
_atom_site.pdbx_PDB_ins_code 
_atom_site.Cartn_x 
_atom_site.Cartn_y 
_atom_site.Cartn_z 
_atom_site.occupancy 
_atom_site.B_iso_or_equiv 
_atom_site.pdbx_formal_charge 
_atom_site.auth_seq_id 
_atom_site.auth_comp_id 
_atom_site.auth_asym_id 
_atom_site.auth_atom_id 
_atom_site.pdbx_PDB_model_num 
ATOM   1   N N   . ALA A 1 14  ? -15.337 8.051   -0.389  1.00 49.79  ? 17   ALA A N   1 
ATOM   2   C CA  . ALA A 1 14  ? -14.745 9.208   -1.164  1.00 48.45  ? 17   ALA A CA  1 
ATOM   3   C C   . ALA A 1 14  ? -13.412 9.659   -0.549  1.00 34.17  ? 17   ALA A C   1 
ATOM   4   O O   . ALA A 1 14  ? -12.568 10.255  -1.258  1.00 14.21  ? 17   ALA A O   1 
ATOM   5   C CB  . ALA A 1 14  ? -15.752 10.389  -1.233  1.00 50.27  ? 17   ALA A CB  1 
ATOM   6   N N   . ARG A 1 15  ? -13.232 9.366   0.763   1.00 27.51  ? 18   ARG A N   1 
ATOM   7   C CA  . ARG A 1 15  ? -12.053 9.857   1.470   1.00 72.93  ? 18   ARG A CA  1 
ATOM   8   C C   . ARG A 1 15  ? -10.894 8.855   1.474   1.00 43.82  ? 18   ARG A C   1 
ATOM   9   O O   . ARG A 1 15  ? -11.119 7.672   1.275   1.00 61.73  ? 18   ARG A O   1 
ATOM   10  C CB  . ARG A 1 15  ? -12.399 10.252  2.916   1.00 81.50  ? 18   ARG A CB  1 
ATOM   11  C CG  . ARG A 1 15  ? -13.290 11.488  3.061   1.00 76.83  ? 18   ARG A CG  1 
ATOM   12  C CD  . ARG A 1 15  ? -12.888 12.666  2.123   1.00 80.51  ? 18   ARG A CD  1 
ATOM   13  N NE  . ARG A 1 15  ? -13.612 13.877  2.507   1.00 93.82  ? 18   ARG A NE  1 
ATOM   14  C CZ  . ARG A 1 15  ? -13.180 14.743  3.414   1.00 84.55  ? 18   ARG A CZ  1 
ATOM   15  N NH1 . ARG A 1 15  ? -12.014 14.532  4.035   1.00 84.71  ? 18   ARG A NH1 1 
ATOM   16  N NH2 . ARG A 1 15  ? -13.912 15.822  3.697   1.00 93.00  ? 18   ARG A NH2 1 
ATOM   17  N N   . CYS A 1 16  ? -9.672  9.328   1.707   1.00 55.24  ? 19   CYS A N   1 
ATOM   18  C CA  . CYS A 1 16  ? -8.512  8.432   1.828   1.00 49.17  ? 19   CYS A CA  1 
ATOM   19  C C   . CYS A 1 16  ? -8.894  7.223   2.715   1.00 70.18  ? 19   CYS A C   1 
ATOM   20  O O   . CYS A 1 16  ? -9.185  7.396   3.902   1.00 71.09  ? 19   CYS A O   1 
ATOM   21  C CB  . CYS A 1 16  ? -7.315  9.160   2.428   1.00 55.19  ? 19   CYS A CB  1 
ATOM   22  S SG  . CYS A 1 16  ? -5.798  8.126   2.525   1.00 61.72  ? 19   CYS A SG  1 
ATOM   23  N N   . SER A 1 17  ? -8.981  6.004   2.127   1.00 47.33  ? 20   SER A N   1 
ATOM   24  C CA  . SER A 1 17  ? -9.173  4.797   2.917   1.00 50.23  ? 20   SER A CA  1 
ATOM   25  C C   . SER A 1 17  ? -8.587  3.577   2.227   1.00 58.89  ? 20   SER A C   1 
ATOM   26  O O   . SER A 1 17  ? -7.937  3.710   1.137   1.00 56.79  ? 20   SER A O   1 
ATOM   27  C CB  . SER A 1 17  ? -10.651 4.601   3.368   1.00 84.33  ? 20   SER A CB  1 
ATOM   28  O OG  . SER A 1 17  ? -11.639 4.473   2.281   1.00 84.72  ? 20   SER A OG  1 
ATOM   29  N N   . ARG A 1 18  ? -8.703  2.424   2.888   1.00 53.69  ? 21   ARG A N   1 
ATOM   30  C CA  . ARG A 1 18  ? -8.014  1.201   2.402   1.00 61.47  ? 21   ARG A CA  1 
ATOM   31  C C   . ARG A 1 18  ? -9.027  0.385   1.618   1.00 52.36  ? 21   ARG A C   1 
ATOM   32  O O   . ARG A 1 18  ? -10.082 -0.011  2.147   1.00 65.84  ? 21   ARG A O   1 
ATOM   33  C CB  . ARG A 1 18  ? -7.439  0.355   3.556   1.00 56.62  ? 21   ARG A CB  1 
ATOM   34  C CG  . ARG A 1 18  ? -6.177  -0.461  3.189   1.00 53.28  ? 21   ARG A CG  1 
ATOM   35  C CD  . ARG A 1 18  ? -5.723  -1.450  4.278   1.00 46.65  ? 21   ARG A CD  1 
ATOM   36  N NE  . ARG A 1 18  ? -6.856  -2.162  4.874   1.00 60.22  ? 21   ARG A NE  1 
ATOM   37  C CZ  . ARG A 1 18  ? -6.756  -3.219  5.663   1.00 48.95  ? 21   ARG A CZ  1 
ATOM   38  N NH1 . ARG A 1 18  ? -5.574  -3.721  5.980   1.00 56.55  ? 21   ARG A NH1 1 
ATOM   39  N NH2 . ARG A 1 18  ? -7.851  -3.771  6.144   1.00 64.24  ? 21   ARG A NH2 1 
ATOM   40  N N   . LYS A 1 19  ? -8.726  0.168   0.335   1.00 54.03  ? 22   LYS A N   1 
ATOM   41  C CA  . LYS A 1 19  ? -9.621  -0.600  -0.489  1.00 29.55  ? 22   LYS A CA  1 
ATOM   42  C C   . LYS A 1 19  ? -8.879  -1.878  -0.825  1.00 64.47  ? 22   LYS A C   1 
ATOM   43  O O   . LYS A 1 19  ? -7.660  -1.992  -0.588  1.00 61.42  ? 22   LYS A O   1 
ATOM   44  C CB  . LYS A 1 19  ? -9.999  0.164   -1.752  1.00 21.15  ? 22   LYS A CB  1 
ATOM   45  C CG  . LYS A 1 19  ? -10.747 1.514   -1.451  1.00 70.46  ? 22   LYS A CG  1 
ATOM   46  C CD  . LYS A 1 19  ? -12.277 1.296   -1.201  1.00 93.13  ? 22   LYS A CD  1 
ATOM   47  C CE  . LYS A 1 19  ? -12.786 2.687   -0.593  1.00 127.31 ? 22   LYS A CE  1 
ATOM   48  N NZ  . LYS A 1 19  ? -13.886 2.384   0.428   1.00 90.45  ? 22   LYS A NZ  1 
ATOM   49  N N   . ALA A 1 20  ? -9.598  -2.843  -1.372  1.00 48.93  ? 23   ALA A N   1 
ATOM   50  C CA  . ALA A 1 20  ? -8.939  -4.091  -1.700  1.00 87.23  ? 23   ALA A CA  1 
ATOM   51  C C   . ALA A 1 20  ? -7.954  -3.960  -2.902  1.00 75.26  ? 23   ALA A C   1 
ATOM   52  O O   . ALA A 1 20  ? -8.171  -3.130  -3.861  1.00 105.82 ? 23   ALA A O   1 
ATOM   53  C CB  . ALA A 1 20  ? -10.000 -5.208  -1.997  1.00 37.75  ? 23   ALA A CB  1 
ATOM   54  N N   . LEU A 1 21  ? -6.965  -4.895  -2.866  1.00 45.94  ? 24   LEU A N   1 
ATOM   55  C CA  . LEU A 1 21  ? -6.217  -5.301  -4.056  1.00 56.69  ? 24   LEU A CA  1 
ATOM   56  C C   . LEU A 1 21  ? -5.869  -6.797  -3.974  1.00 55.19  ? 24   LEU A C   1 
ATOM   57  O O   . LEU A 1 21  ? -5.051  -7.201  -3.141  1.00 57.35  ? 24   LEU A O   1 
ATOM   58  C CB  . LEU A 1 21  ? -4.928  -4.470  -4.204  1.00 53.51  ? 24   LEU A CB  1 
ATOM   59  C CG  . LEU A 1 21  ? -4.243  -4.569  -5.565  1.00 38.75  ? 24   LEU A CG  1 
ATOM   60  C CD1 . LEU A 1 21  ? -5.116  -4.043  -6.680  1.00 52.91  ? 24   LEU A CD1 1 
ATOM   61  C CD2 . LEU A 1 21  ? -2.929  -3.847  -5.546  1.00 58.66  ? 24   LEU A CD2 1 
ATOM   62  N N   . HIS A 1 22  ? -6.492  -7.592  -4.851  1.00 46.75  ? 25   HIS A N   1 
ATOM   63  C CA  . HIS A 1 22  ? -6.298  -9.060  -4.928  1.00 50.01  ? 25   HIS A CA  1 
ATOM   64  C C   . HIS A 1 22  ? -5.168  -9.424  -5.929  1.00 35.30  ? 25   HIS A C   1 
ATOM   65  O O   . HIS A 1 22  ? -5.332  -9.295  -7.147  1.00 47.04  ? 25   HIS A O   1 
ATOM   66  C CB  . HIS A 1 22  ? -7.623  -9.717  -5.406  1.00 55.03  ? 25   HIS A CB  1 
ATOM   67  C CG  A HIS A 1 22  ? -8.797  -9.536  -4.410  0.50 87.47  ? 25   HIS A CG  1 
ATOM   68  C CG  B HIS A 1 22  ? -7.609  -11.216 -5.379  0.50 65.59  ? 25   HIS A CG  1 
ATOM   69  N ND1 A HIS A 1 22  ? -9.171  -10.536 -3.426  0.50 63.93  ? 25   HIS A ND1 1 
ATOM   70  N ND1 B HIS A 1 22  ? -7.432  -11.943 -4.218  0.50 71.67  ? 25   HIS A ND1 1 
ATOM   71  C CD2 A HIS A 1 22  ? -9.738  -8.517  -4.274  0.50 93.26  ? 25   HIS A CD2 1 
ATOM   72  C CD2 B HIS A 1 22  ? -7.766  -12.125 -6.373  0.50 56.13  ? 25   HIS A CD2 1 
ATOM   73  C CE1 A HIS A 1 22  ? -10.263 -10.119 -2.724  0.50 84.77  ? 25   HIS A CE1 1 
ATOM   74  C CE1 B HIS A 1 22  ? -7.468  -13.236 -4.502  0.50 63.53  ? 25   HIS A CE1 1 
ATOM   75  N NE2 A HIS A 1 22  ? -10.626 -8.897  -3.210  0.50 89.40  ? 25   HIS A NE2 1 
ATOM   76  N NE2 B HIS A 1 22  ? -7.671  -13.373 -5.802  0.50 45.81  ? 25   HIS A NE2 1 
ATOM   77  N N   . VAL A 1 23  ? -4.005  -9.842  -5.397  1.00 46.49  ? 26   VAL A N   1 
ATOM   78  C CA  . VAL A 1 23  ? -2.812  -10.085 -6.212  1.00 47.91  ? 26   VAL A CA  1 
ATOM   79  C C   . VAL A 1 23  ? -2.798  -11.568 -6.606  1.00 47.70  ? 26   VAL A C   1 
ATOM   80  O O   . VAL A 1 23  ? -2.775  -12.436 -5.743  1.00 48.07  ? 26   VAL A O   1 
ATOM   81  C CB  . VAL A 1 23  ? -1.489  -9.710  -5.459  1.00 52.91  ? 26   VAL A CB  1 
ATOM   82  C CG1 . VAL A 1 23  ? -0.234  -10.128 -6.258  1.00 44.63  ? 26   VAL A CG1 1 
ATOM   83  C CG2 . VAL A 1 23  ? -1.435  -8.212  -5.119  1.00 49.24  ? 26   VAL A CG2 1 
ATOM   84  N N   . ASN A 1 24  ? -2.803  -11.835 -7.906  1.00 44.74  ? 27   ASN A N   1 
ATOM   85  C CA  . ASN A 1 24  ? -2.765  -13.206 -8.433  1.00 39.61  ? 27   ASN A CA  1 
ATOM   86  C C   . ASN A 1 24  ? -1.378  -13.600 -8.974  1.00 50.17  ? 27   ASN A C   1 
ATOM   87  O O   . ASN A 1 24  ? -1.001  -13.199 -10.078 1.00 62.08  ? 27   ASN A O   1 
ATOM   88  C CB  . ASN A 1 24  ? -3.808  -13.373 -9.535  1.00 29.77  ? 27   ASN A CB  1 
ATOM   89  C CG  . ASN A 1 24  ? -3.981  -14.827 -9.956  1.00 57.66  ? 27   ASN A CG  1 
ATOM   90  O OD1 . ASN A 1 24  ? -3.254  -15.708 -9.482  1.00 71.09  ? 27   ASN A OD1 1 
ATOM   91  N ND2 . ASN A 1 24  ? -4.933  -15.092 -10.856 1.00 35.90  ? 27   ASN A ND2 1 
ATOM   92  N N   . PHE A 1 25  ? -0.626  -14.381 -8.205  1.00 46.40  ? 28   PHE A N   1 
ATOM   93  C CA  . PHE A 1 25  ? 0.713   -14.786 -8.617  1.00 52.55  ? 28   PHE A CA  1 
ATOM   94  C C   . PHE A 1 25  ? 0.725   -15.716 -9.825  1.00 74.51  ? 28   PHE A C   1 
ATOM   95  O O   . PHE A 1 25  ? 1.793   -15.983 -10.375 1.00 78.02  ? 28   PHE A O   1 
ATOM   96  C CB  . PHE A 1 25  ? 1.484   -15.433 -7.463  1.00 53.65  ? 28   PHE A CB  1 
ATOM   97  C CG  . PHE A 1 25  ? 2.017   -14.465 -6.465  1.00 53.60  ? 28   PHE A CG  1 
ATOM   98  C CD1 . PHE A 1 25  ? 2.423   -13.196 -6.842  1.00 56.32  ? 28   PHE A CD1 1 
ATOM   99  C CD2 . PHE A 1 25  ? 2.120   -14.823 -5.136  1.00 61.67  ? 28   PHE A CD2 1 
ATOM   100 C CE1 . PHE A 1 25  ? 2.933   -12.314 -5.899  1.00 55.52  ? 28   PHE A CE1 1 
ATOM   101 C CE2 . PHE A 1 25  ? 2.623   -13.931 -4.196  1.00 56.63  ? 28   PHE A CE2 1 
ATOM   102 C CZ  . PHE A 1 25  ? 3.021   -12.690 -4.578  1.00 59.62  ? 28   PHE A CZ  1 
ATOM   103 N N   . LYS A 1 26  ? -0.452  -16.195 -10.241 1.00 71.37  ? 29   LYS A N   1 
ATOM   104 C CA  . LYS A 1 26  ? -0.568  -17.127 -11.360 1.00 67.16  ? 29   LYS A CA  1 
ATOM   105 C C   . LYS A 1 26  ? -0.474  -16.450 -12.726 1.00 75.28  ? 29   LYS A C   1 
ATOM   106 O O   . LYS A 1 26  ? -0.450  -17.116 -13.757 1.00 83.43  ? 29   LYS A O   1 
ATOM   107 C CB  . LYS A 1 26  ? -1.867  -17.932 -11.259 1.00 85.60  ? 29   LYS A CB  1 
ATOM   108 C CG  . LYS A 1 26  ? -1.846  -19.026 -10.206 1.00 74.87  ? 29   LYS A CG  1 
ATOM   109 C CD  . LYS A 1 26  ? -2.921  -20.070 -10.496 1.00 73.97  ? 29   LYS A CD  1 
ATOM   110 C CE  . LYS A 1 26  ? -2.356  -21.483 -10.411 1.00 66.58  ? 29   LYS A CE  1 
ATOM   111 N NZ  . LYS A 1 26  ? -3.440  -22.502 -10.548 1.00 81.63  ? 29   LYS A NZ  1 
ATOM   112 N N   . ASP A 1 27  ? -0.443  -15.126 -12.738 1.00 83.57  ? 30   ASP A N   1 
ATOM   113 C CA  . ASP A 1 27  ? -0.112  -14.395 -13.956 1.00 94.90  ? 30   ASP A CA  1 
ATOM   114 C C   . ASP A 1 27  ? 1.406   -14.363 -14.059 1.00 97.55  ? 30   ASP A C   1 
ATOM   115 O O   . ASP A 1 27  ? 1.980   -14.593 -15.136 1.00 88.67  ? 30   ASP A O   1 
ATOM   116 C CB  . ASP A 1 27  ? -0.664  -12.962 -13.896 1.00 93.79  ? 30   ASP A CB  1 
ATOM   117 C CG  . ASP A 1 27  ? -2.194  -12.943 -13.835 1.00 91.74  ? 30   ASP A CG  1 
ATOM   118 O OD1 . ASP A 1 27  ? -2.853  -13.974 -14.178 1.00 84.66  ? 30   ASP A OD1 1 
ATOM   119 O OD2 . ASP A 1 27  ? -2.827  -11.938 -13.452 1.00 85.81  ? 30   ASP A OD2 1 
ATOM   120 N N   . MET A 1 28  ? 2.021   -14.111 -12.897 1.00 89.64  ? 31   MET A N   1 
ATOM   121 C CA  . MET A 1 28  ? 3.449   -13.860 -12.699 1.00 76.11  ? 31   MET A CA  1 
ATOM   122 C C   . MET A 1 28  ? 4.429   -14.705 -13.501 1.00 61.83  ? 31   MET A C   1 
ATOM   123 O O   . MET A 1 28  ? 5.542   -14.278 -13.748 1.00 66.74  ? 31   MET A O   1 
ATOM   124 C CB  . MET A 1 28  ? 3.785   -14.001 -11.207 1.00 55.15  ? 31   MET A CB  1 
ATOM   125 C CG  . MET A 1 28  ? 4.205   -12.704 -10.526 1.00 77.06  ? 31   MET A CG  1 
ATOM   126 S SD  . MET A 1 28  ? 3.391   -11.208 -11.109 1.00 70.79  ? 31   MET A SD  1 
ATOM   127 C CE  . MET A 1 28  ? 2.946   -10.415 -9.551  1.00 67.70  ? 31   MET A CE  1 
ATOM   128 N N   . GLY A 1 29  ? 4.025   -15.907 -13.877 1.00 61.49  ? 32   GLY A N   1 
ATOM   129 C CA  . GLY A 1 29  ? 4.872   -16.785 -14.658 1.00 49.80  ? 32   GLY A CA  1 
ATOM   130 C C   . GLY A 1 29  ? 5.832   -17.536 -13.758 1.00 57.16  ? 32   GLY A C   1 
ATOM   131 O O   . GLY A 1 29  ? 6.982   -17.809 -14.126 1.00 55.17  ? 32   GLY A O   1 
ATOM   132 N N   . TRP A 1 30  ? 5.342   -17.910 -12.580 1.00 62.53  ? 33   TRP A N   1 
ATOM   133 C CA  . TRP A 1 30  ? 6.156   -18.587 -11.587 1.00 59.34  ? 33   TRP A CA  1 
ATOM   134 C C   . TRP A 1 30  ? 5.706   -20.022 -11.329 1.00 84.98  ? 33   TRP A C   1 
ATOM   135 O O   . TRP A 1 30  ? 6.089   -20.633 -10.309 1.00 75.07  ? 33   TRP A O   1 
ATOM   136 C CB  . TRP A 1 30  ? 6.092   -17.792 -10.286 1.00 61.79  ? 33   TRP A CB  1 
ATOM   137 C CG  . TRP A 1 30  ? 6.770   -16.452 -10.382 1.00 55.28  ? 33   TRP A CG  1 
ATOM   138 C CD1 . TRP A 1 30  ? 7.669   -16.040 -11.344 1.00 59.98  ? 33   TRP A CD1 1 
ATOM   139 C CD2 . TRP A 1 30  ? 6.618   -15.349 -9.487  1.00 68.67  ? 33   TRP A CD2 1 
ATOM   140 N NE1 . TRP A 1 30  ? 8.067   -14.748 -11.097 1.00 48.50  ? 33   TRP A NE1 1 
ATOM   141 C CE2 . TRP A 1 30  ? 7.442   -14.300 -9.962  1.00 49.81  ? 33   TRP A CE2 1 
ATOM   142 C CE3 . TRP A 1 30  ? 5.874   -15.138 -8.322  1.00 71.07  ? 33   TRP A CE3 1 
ATOM   143 C CZ2 . TRP A 1 30  ? 7.539   -13.067 -9.310  1.00 58.21  ? 33   TRP A CZ2 1 
ATOM   144 C CZ3 . TRP A 1 30  ? 5.968   -13.906 -7.683  1.00 62.37  ? 33   TRP A CZ3 1 
ATOM   145 C CH2 . TRP A 1 30  ? 6.795   -12.889 -8.179  1.00 66.43  ? 33   TRP A CH2 1 
ATOM   146 N N   . ASP A 1 31  ? 4.931   -20.574 -12.267 1.00 63.63  ? 34   ASP A N   1 
ATOM   147 C CA  . ASP A 1 31  ? 4.121   -21.762 -11.968 1.00 69.77  ? 34   ASP A CA  1 
ATOM   148 C C   . ASP A 1 31  ? 4.929   -22.997 -11.639 1.00 77.53  ? 34   ASP A C   1 
ATOM   149 O O   . ASP A 1 31  ? 4.539   -23.791 -10.775 1.00 77.88  ? 34   ASP A O   1 
ATOM   150 C CB  . ASP A 1 31  ? 3.072   -22.033 -13.061 1.00 83.20  ? 34   ASP A CB  1 
ATOM   151 C CG  . ASP A 1 31  ? 1.723   -21.364 -12.753 1.00 112.65 ? 34   ASP A CG  1 
ATOM   152 O OD1 . ASP A 1 31  ? 0.811   -21.430 -13.615 1.00 95.81  ? 34   ASP A OD1 1 
ATOM   153 O OD2 . ASP A 1 31  ? 1.490   -20.747 -11.674 1.00 78.36  ? 34   ASP A OD2 1 
ATOM   154 N N   . ASP A 1 32  ? 6.069   -23.146 -12.303 1.00 69.57  ? 35   ASP A N   1 
ATOM   155 C CA  . ASP A 1 32  ? 6.971   -24.237 -11.978 1.00 71.66  ? 35   ASP A CA  1 
ATOM   156 C C   . ASP A 1 32  ? 7.642   -24.094 -10.608 1.00 76.57  ? 35   ASP A C   1 
ATOM   157 O O   . ASP A 1 32  ? 8.197   -25.069 -10.089 1.00 74.51  ? 35   ASP A O   1 
ATOM   158 C CB  . ASP A 1 32  ? 8.003   -24.445 -13.094 1.00 74.86  ? 35   ASP A CB  1 
ATOM   159 C CG  . ASP A 1 32  ? 7.479   -25.365 -14.194 1.00 84.47  ? 35   ASP A CG  1 
ATOM   160 O OD1 . ASP A 1 32  ? 6.768   -26.344 -13.862 1.00 82.89  ? 35   ASP A OD1 1 
ATOM   161 O OD2 . ASP A 1 32  ? 7.707   -25.186 -15.409 1.00 89.81  ? 35   ASP A OD2 1 
ATOM   162 N N   . TRP A 1 33  ? 7.572   -22.907 -10.004 1.00 54.33  ? 36   TRP A N   1 
ATOM   163 C CA  . TRP A 1 33  ? 8.315   -22.700 -8.774  1.00 53.39  ? 36   TRP A CA  1 
ATOM   164 C C   . TRP A 1 33  ? 7.472   -22.426 -7.535  1.00 50.06  ? 36   TRP A C   1 
ATOM   165 O O   . TRP A 1 33  ? 7.744   -22.995 -6.495  1.00 53.33  ? 36   TRP A O   1 
ATOM   166 C CB  . TRP A 1 33  ? 9.435   -21.674 -8.987  1.00 57.27  ? 36   TRP A CB  1 
ATOM   167 C CG  . TRP A 1 33  ? 10.284  -22.104 -10.141 1.00 62.61  ? 36   TRP A CG  1 
ATOM   168 C CD1 . TRP A 1 33  ? 11.226  -23.095 -10.136 1.00 60.23  ? 36   TRP A CD1 1 
ATOM   169 C CD2 . TRP A 1 33  ? 10.194  -21.647 -11.494 1.00 45.67  ? 36   TRP A CD2 1 
ATOM   170 N NE1 . TRP A 1 33  ? 11.756  -23.245 -11.394 1.00 60.13  ? 36   TRP A NE1 1 
ATOM   171 C CE2 . TRP A 1 33  ? 11.137  -22.368 -12.247 1.00 55.65  ? 36   TRP A CE2 1 
ATOM   172 C CE3 . TRP A 1 33  ? 9.422   -20.684 -12.141 1.00 52.38  ? 36   TRP A CE3 1 
ATOM   173 C CZ2 . TRP A 1 33  ? 11.336  -22.151 -13.616 1.00 58.61  ? 36   TRP A CZ2 1 
ATOM   174 C CZ3 . TRP A 1 33  ? 9.625   -20.462 -13.492 1.00 61.90  ? 36   TRP A CZ3 1 
ATOM   175 C CH2 . TRP A 1 33  ? 10.571  -21.194 -14.214 1.00 53.88  ? 36   TRP A CH2 1 
ATOM   176 N N   . ILE A 1 34  ? 6.422   -21.623 -7.651  1.00 47.20  ? 37   ILE A N   1 
ATOM   177 C CA  . ILE A 1 34  ? 5.698   -21.173 -6.468  1.00 53.37  ? 37   ILE A CA  1 
ATOM   178 C C   . ILE A 1 34  ? 4.686   -22.200 -5.898  1.00 53.91  ? 37   ILE A C   1 
ATOM   179 O O   . ILE A 1 34  ? 3.872   -22.762 -6.610  1.00 54.65  ? 37   ILE A O   1 
ATOM   180 C CB  . ILE A 1 34  ? 5.086   -19.779 -6.727  1.00 52.54  ? 37   ILE A CB  1 
ATOM   181 C CG1 . ILE A 1 34  ? 4.558   -19.161 -5.442  1.00 59.15  ? 37   ILE A CG1 1 
ATOM   182 C CG2 . ILE A 1 34  ? 4.000   -19.861 -7.759  1.00 64.61  ? 37   ILE A CG2 1 
ATOM   183 C CD1 . ILE A 1 34  ? 4.457   -17.647 -5.573  1.00 67.50  ? 37   ILE A CD1 1 
ATOM   184 N N   . ILE A 1 35  ? 4.786   -22.477 -4.611  1.00 55.22  ? 38   ILE A N   1 
ATOM   185 C CA  . ILE A 1 35  ? 3.853   -23.399 -3.994  1.00 50.93  ? 38   ILE A CA  1 
ATOM   186 C C   . ILE A 1 35  ? 2.683   -22.646 -3.362  1.00 44.60  ? 38   ILE A C   1 
ATOM   187 O O   . ILE A 1 35  ? 1.533   -22.910 -3.682  1.00 51.22  ? 38   ILE A O   1 
ATOM   188 C CB  . ILE A 1 35  ? 4.561   -24.316 -2.970  1.00 54.01  ? 38   ILE A CB  1 
ATOM   189 C CG1 . ILE A 1 35  ? 5.669   -25.121 -3.657  1.00 53.04  ? 38   ILE A CG1 1 
ATOM   190 C CG2 . ILE A 1 35  ? 3.532   -25.240 -2.282  1.00 46.62  ? 38   ILE A CG2 1 
ATOM   191 C CD1 . ILE A 1 35  ? 6.623   -25.814 -2.704  1.00 58.09  ? 38   ILE A CD1 1 
ATOM   192 N N   . ALA A 1 36  ? 2.976   -21.689 -2.497  1.00 46.44  ? 39   ALA A N   1 
ATOM   193 C CA  . ALA A 1 36  ? 1.922   -20.965 -1.801  1.00 47.92  ? 39   ALA A CA  1 
ATOM   194 C C   . ALA A 1 36  ? 2.530   -19.690 -1.272  1.00 53.20  ? 39   ALA A C   1 
ATOM   195 O O   . ALA A 1 36  ? 3.722   -19.681 -1.022  1.00 61.73  ? 39   ALA A O   1 
ATOM   196 C CB  . ALA A 1 36  ? 1.365   -21.833 -0.664  1.00 56.29  ? 39   ALA A CB  1 
ATOM   197 N N   . PRO A 1 37  ? 1.763   -18.592 -1.150  1.00 54.95  ? 40   PRO A N   1 
ATOM   198 C CA  . PRO A 1 37  ? 0.375   -18.514 -1.625  1.00 53.76  ? 40   PRO A CA  1 
ATOM   199 C C   . PRO A 1 37  ? 0.336   -18.206 -3.119  1.00 54.01  ? 40   PRO A C   1 
ATOM   200 O O   . PRO A 1 37  ? 1.262   -17.633 -3.643  1.00 48.56  ? 40   PRO A O   1 
ATOM   201 C CB  . PRO A 1 37  ? -0.186  -17.347 -0.836  1.00 48.48  ? 40   PRO A CB  1 
ATOM   202 C CG  . PRO A 1 37  ? 0.979   -16.423 -0.672  1.00 55.74  ? 40   PRO A CG  1 
ATOM   203 C CD  . PRO A 1 37  ? 2.200   -17.324 -0.541  1.00 55.02  ? 40   PRO A CD  1 
ATOM   204 N N   . LEU A 1 38  ? -0.723  -18.596 -3.797  1.00 44.99  ? 41   LEU A N   1 
ATOM   205 C CA  . LEU A 1 38  ? -0.815  -18.312 -5.204  1.00 45.57  ? 41   LEU A CA  1 
ATOM   206 C C   . LEU A 1 38  ? -1.587  -17.026 -5.410  1.00 41.43  ? 41   LEU A C   1 
ATOM   207 O O   . LEU A 1 38  ? -1.619  -16.478 -6.503  1.00 43.80  ? 41   LEU A O   1 
ATOM   208 C CB  . LEU A 1 38  ? -1.474  -19.478 -5.937  1.00 43.61  ? 41   LEU A CB  1 
ATOM   209 C CG  . LEU A 1 38  ? -0.569  -20.523 -6.601  1.00 62.33  ? 41   LEU A CG  1 
ATOM   210 C CD1 . LEU A 1 38  ? 0.784   -20.654 -5.950  1.00 58.95  ? 41   LEU A CD1 1 
ATOM   211 C CD2 . LEU A 1 38  ? -1.268  -21.856 -6.551  1.00 56.40  ? 41   LEU A CD2 1 
ATOM   212 N N   . GLU A 1 39  ? -2.208  -16.556 -4.340  1.00 45.14  ? 42   GLU A N   1 
ATOM   213 C CA  . GLU A 1 39  ? -2.946  -15.308 -4.354  1.00 46.56  ? 42   GLU A CA  1 
ATOM   214 C C   . GLU A 1 39  ? -2.856  -14.720 -2.955  1.00 46.69  ? 42   GLU A C   1 
ATOM   215 O O   . GLU A 1 39  ? -2.760  -15.460 -1.974  1.00 48.97  ? 42   GLU A O   1 
ATOM   216 C CB  . GLU A 1 39  ? -4.418  -15.537 -4.782  1.00 41.71  ? 42   GLU A CB  1 
ATOM   217 C CG  . GLU A 1 39  ? -5.445  -15.548 -3.652  1.00 53.01  ? 42   GLU A CG  1 
ATOM   218 C CD  . GLU A 1 39  ? -6.503  -16.639 -3.801  1.00 123.05 ? 42   GLU A CD  1 
ATOM   219 O OE1 . GLU A 1 39  ? -7.641  -16.342 -4.248  1.00 102.15 ? 42   GLU A OE1 1 
ATOM   220 O OE2 . GLU A 1 39  ? -6.213  -17.806 -3.452  1.00 124.57 ? 42   GLU A OE2 1 
ATOM   221 N N   . TYR A 1 40  ? -2.880  -13.395 -2.865  1.00 44.16  ? 43   TYR A N   1 
ATOM   222 C CA  . TYR A 1 40  ? -2.984  -12.726 -1.560  1.00 47.81  ? 43   TYR A CA  1 
ATOM   223 C C   . TYR A 1 40  ? -3.634  -11.343 -1.661  1.00 47.58  ? 43   TYR A C   1 
ATOM   224 O O   . TYR A 1 40  ? -3.676  -10.731 -2.719  1.00 46.96  ? 43   TYR A O   1 
ATOM   225 C CB  . TYR A 1 40  ? -1.628  -12.665 -0.835  1.00 45.35  ? 43   TYR A CB  1 
ATOM   226 C CG  . TYR A 1 40  ? -0.748  -11.494 -1.210  1.00 55.32  ? 43   TYR A CG  1 
ATOM   227 C CD1 . TYR A 1 40  ? -0.076  -11.470 -2.418  1.00 51.62  ? 43   TYR A CD1 1 
ATOM   228 C CD2 . TYR A 1 40  ? -0.585  -10.409 -0.347  1.00 55.43  ? 43   TYR A CD2 1 
ATOM   229 C CE1 . TYR A 1 40  ? 0.744   -10.392 -2.770  1.00 50.04  ? 43   TYR A CE1 1 
ATOM   230 C CE2 . TYR A 1 40  ? 0.226   -9.329  -0.689  1.00 53.23  ? 43   TYR A CE2 1 
ATOM   231 C CZ  . TYR A 1 40  ? 0.889   -9.329  -1.905  1.00 62.40  ? 43   TYR A CZ  1 
ATOM   232 O OH  . TYR A 1 40  ? 1.693   -8.262  -2.246  1.00 58.20  ? 43   TYR A OH  1 
ATOM   233 N N   . GLU A 1 41  ? -4.185  -10.907 -0.544  1.00 47.23  ? 44   GLU A N   1 
ATOM   234 C CA  . GLU A 1 41  ? -4.836  -9.614  -0.438  1.00 46.45  ? 44   GLU A CA  1 
ATOM   235 C C   . GLU A 1 41  ? -3.790  -8.537  -0.041  1.00 50.81  ? 44   GLU A C   1 
ATOM   236 O O   . GLU A 1 41  ? -3.300  -8.515  1.085   1.00 54.17  ? 44   GLU A O   1 
ATOM   237 C CB  . GLU A 1 41  ? -5.976  -9.714  0.583   1.00 49.44  ? 44   GLU A CB  1 
ATOM   238 C CG  . GLU A 1 41  ? -6.696  -8.404  0.856   1.00 74.22  ? 44   GLU A CG  1 
ATOM   239 C CD  . GLU A 1 41  ? -7.193  -7.742  -0.417  1.00 99.56  ? 44   GLU A CD  1 
ATOM   240 O OE1 . GLU A 1 41  ? -8.011  -8.379  -1.129  1.00 116.43 ? 44   GLU A OE1 1 
ATOM   241 O OE2 . GLU A 1 41  ? -6.757  -6.602  -0.711  1.00 69.48  ? 44   GLU A OE2 1 
ATOM   242 N N   . ALA A 1 42  ? -3.427  -7.673  -0.982  1.00 45.01  ? 45   ALA A N   1 
ATOM   243 C CA  . ALA A 1 42  ? -2.413  -6.652  -0.716  1.00 52.53  ? 45   ALA A CA  1 
ATOM   244 C C   . ALA A 1 42  ? -3.003  -5.343  -0.234  1.00 52.53  ? 45   ALA A C   1 
ATOM   245 O O   . ALA A 1 42  ? -2.318  -4.585  0.456   1.00 54.37  ? 45   ALA A O   1 
ATOM   246 C CB  . ALA A 1 42  ? -1.542  -6.402  -1.952  1.00 47.19  ? 45   ALA A CB  1 
ATOM   247 N N   . PHE A 1 43  ? -4.251  -5.069  -0.611  1.00 42.86  ? 46   PHE A N   1 
ATOM   248 C CA  . PHE A 1 43  ? -4.864  -3.742  -0.424  1.00 55.48  ? 46   PHE A CA  1 
ATOM   249 C C   . PHE A 1 43  ? -4.170  -2.605  -1.207  1.00 54.94  ? 46   PHE A C   1 
ATOM   250 O O   . PHE A 1 43  ? -3.042  -2.754  -1.713  1.00 52.97  ? 46   PHE A O   1 
ATOM   251 C CB  . PHE A 1 43  ? -4.940  -3.367  1.061   1.00 50.33  ? 46   PHE A CB  1 
ATOM   252 C CG  . PHE A 1 43  ? -5.688  -4.365  1.903   1.00 61.11  ? 46   PHE A CG  1 
ATOM   253 C CD1 . PHE A 1 43  ? -7.077  -4.439  1.844   1.00 46.01  ? 46   PHE A CD1 1 
ATOM   254 C CD2 . PHE A 1 43  ? -5.008  -5.220  2.760   1.00 45.61  ? 46   PHE A CD2 1 
ATOM   255 C CE1 . PHE A 1 43  ? -7.777  -5.347  2.627   1.00 66.72  ? 46   PHE A CE1 1 
ATOM   256 C CE2 . PHE A 1 43  ? -5.702  -6.131  3.552   1.00 56.09  ? 46   PHE A CE2 1 
ATOM   257 C CZ  . PHE A 1 43  ? -7.092  -6.200  3.479   1.00 54.54  ? 46   PHE A CZ  1 
ATOM   258 N N   . HIS A 1 44  ? -4.874  -1.485  -1.329  1.00 57.37  ? 47   HIS A N   1 
ATOM   259 C CA  . HIS A 1 44  ? -4.310  -0.245  -1.853  1.00 50.18  ? 47   HIS A CA  1 
ATOM   260 C C   . HIS A 1 44  ? -5.051  0.957   -1.258  1.00 49.50  ? 47   HIS A C   1 
ATOM   261 O O   . HIS A 1 44  ? -6.164  0.838   -0.757  1.00 54.69  ? 47   HIS A O   1 
ATOM   262 C CB  . HIS A 1 44  ? -4.333  -0.195  -3.394  1.00 42.44  ? 47   HIS A CB  1 
ATOM   263 C CG  . HIS A 1 44  ? -5.703  -0.045  -3.987  1.00 40.80  ? 47   HIS A CG  1 
ATOM   264 N ND1 . HIS A 1 44  ? -6.165  1.151   -4.501  1.00 58.71  ? 47   HIS A ND1 1 
ATOM   265 C CD2 . HIS A 1 44  ? -6.699  -0.948  -4.176  1.00 58.65  ? 47   HIS A CD2 1 
ATOM   266 C CE1 . HIS A 1 44  ? -7.393  0.986   -4.966  1.00 34.97  ? 47   HIS A CE1 1 
ATOM   267 N NE2 . HIS A 1 44  ? -7.743  -0.280  -4.775  1.00 54.78  ? 47   HIS A NE2 1 
ATOM   268 N N   . CYS A 1 45  ? -4.414  2.108   -1.341  1.00 50.48  ? 48   CYS A N   1 
ATOM   269 C CA  . CYS A 1 45  ? -4.910  3.340   -0.739  1.00 56.34  ? 48   CYS A CA  1 
ATOM   270 C C   . CYS A 1 45  ? -5.464  4.219   -1.819  1.00 56.12  ? 48   CYS A C   1 
ATOM   271 O O   . CYS A 1 45  ? -4.841  4.381   -2.869  1.00 64.92  ? 48   CYS A O   1 
ATOM   272 C CB  . CYS A 1 45  ? -3.765  4.060   -0.064  1.00 44.44  ? 48   CYS A CB  1 
ATOM   273 S SG  . CYS A 1 45  ? -3.137  3.130   1.335   1.00 60.01  ? 48   CYS A SG  1 
ATOM   274 N N   . GLU A 1 46  ? -6.636  4.786   -1.560  1.00 47.35  ? 49   GLU A N   1 
ATOM   275 C CA  . GLU A 1 46  ? -7.334  5.558   -2.555  1.00 48.23  ? 49   GLU A CA  1 
ATOM   276 C C   . GLU A 1 46  ? -8.224  6.565   -1.846  1.00 51.70  ? 49   GLU A C   1 
ATOM   277 O O   . GLU A 1 46  ? -8.814  6.254   -0.818  1.00 54.45  ? 49   GLU A O   1 
ATOM   278 C CB  . GLU A 1 46  ? -8.193  4.599   -3.389  1.00 53.45  ? 49   GLU A CB  1 
ATOM   279 C CG  . GLU A 1 46  ? -8.862  5.185   -4.615  1.00 43.95  ? 49   GLU A CG  1 
ATOM   280 C CD  . GLU A 1 46  ? -9.503  4.109   -5.476  1.00 76.07  ? 49   GLU A CD  1 
ATOM   281 O OE1 . GLU A 1 46  ? -8.766  3.444   -6.240  1.00 92.75  ? 49   GLU A OE1 1 
ATOM   282 O OE2 . GLU A 1 46  ? -10.746 3.910   -5.384  1.00 109.05 ? 49   GLU A OE2 1 
ATOM   283 N N   . GLY A 1 47  ? -8.305  7.774   -2.385  1.00 55.29  ? 50   GLY A N   1 
ATOM   284 C CA  . GLY A 1 47  ? -9.327  8.722   -1.968  1.00 53.34  ? 50   GLY A CA  1 
ATOM   285 C C   . GLY A 1 47  ? -8.778  10.091  -1.650  1.00 47.66  ? 50   GLY A C   1 
ATOM   286 O O   . GLY A 1 47  ? -7.562  10.264  -1.548  1.00 54.38  ? 50   GLY A O   1 
ATOM   287 N N   . LEU A 1 48  ? -9.692  11.040  -1.450  1.00 44.27  ? 51   LEU A N   1 
ATOM   288 C CA  . LEU A 1 48  ? -9.343  12.444  -1.247  1.00 63.34  ? 51   LEU A CA  1 
ATOM   289 C C   . LEU A 1 48  ? -8.558  12.699  0.043   1.00 51.83  ? 51   LEU A C   1 
ATOM   290 O O   . LEU A 1 48  ? -8.754  12.042  1.077   1.00 56.57  ? 51   LEU A O   1 
ATOM   291 C CB  . LEU A 1 48  ? -10.592 13.337  -1.279  1.00 46.02  ? 51   LEU A CB  1 
ATOM   292 C CG  . LEU A 1 48  ? -11.165 13.563  -2.715  1.00 93.52  ? 51   LEU A CG  1 
ATOM   293 C CD1 . LEU A 1 48  ? -12.529 14.251  -2.667  1.00 71.73  ? 51   LEU A CD1 1 
ATOM   294 C CD2 . LEU A 1 48  ? -10.147 14.410  -3.564  1.00 106.12 ? 51   LEU A CD2 1 
ATOM   295 N N   . CYS A 1 49  ? -7.669  13.679  -0.050  1.00 47.10  ? 52   CYS A N   1 
ATOM   296 C CA  . CYS A 1 49  ? -6.861  14.089  1.091   1.00 62.47  ? 52   CYS A CA  1 
ATOM   297 C C   . CYS A 1 49  ? -7.118  15.536  1.361   1.00 56.36  ? 52   CYS A C   1 
ATOM   298 O O   . CYS A 1 49  ? -6.467  16.408  0.795   1.00 65.07  ? 52   CYS A O   1 
ATOM   299 C CB  . CYS A 1 49  ? -5.380  13.899  0.788   1.00 52.67  ? 52   CYS A CB  1 
ATOM   300 S SG  . CYS A 1 49  ? -4.886  12.219  1.156   1.00 64.64  ? 52   CYS A SG  1 
ATOM   301 N N   . GLU A 1 50  ? -8.069  15.806  2.229   1.00 51.50  ? 53   GLU A N   1 
ATOM   302 C CA  . GLU A 1 50  ? -8.419  17.179  2.461   1.00 54.39  ? 53   GLU A CA  1 
ATOM   303 C C   . GLU A 1 50  ? -8.976  17.327  3.854   1.00 49.66  ? 53   GLU A C   1 
ATOM   304 O O   . GLU A 1 50  ? -9.319  16.331  4.511   1.00 47.45  ? 53   GLU A O   1 
ATOM   305 C CB  . GLU A 1 50  ? -9.395  17.651  1.382   1.00 53.42  ? 53   GLU A CB  1 
ATOM   306 C CG  . GLU A 1 50  ? -10.793 17.093  1.531   1.00 70.08  ? 53   GLU A CG  1 
ATOM   307 C CD  . GLU A 1 50  ? -11.586 17.120  0.236   1.00 101.75 ? 53   GLU A CD  1 
ATOM   308 O OE1 . GLU A 1 50  ? -10.983 17.241  -0.854  1.00 109.36 ? 53   GLU A OE1 1 
ATOM   309 O OE2 . GLU A 1 50  ? -12.824 17.015  0.308   1.00 63.29  ? 53   GLU A OE2 1 
ATOM   310 N N   . PHE A 1 51  ? -9.037  18.577  4.313   1.00 49.70  ? 54   PHE A N   1 
ATOM   311 C CA  . PHE A 1 51  ? -9.690  18.863  5.571   1.00 56.30  ? 54   PHE A CA  1 
ATOM   312 C C   . PHE A 1 51  ? -11.118 18.219  5.485   1.00 41.92  ? 54   PHE A C   1 
ATOM   313 O O   . PHE A 1 51  ? -11.823 18.328  4.450   1.00 65.74  ? 54   PHE A O   1 
ATOM   314 C CB  . PHE A 1 51  ? -9.649  20.369  5.894   1.00 42.72  ? 54   PHE A CB  1 
ATOM   315 C CG  . PHE A 1 51  ? -8.250  20.895  6.162   1.00 42.54  ? 54   PHE A CG  1 
ATOM   316 C CD1 . PHE A 1 51  ? -7.716  21.925  5.395   1.00 52.27  ? 54   PHE A CD1 1 
ATOM   317 C CD2 . PHE A 1 51  ? -7.463  20.346  7.152   1.00 45.99  ? 54   PHE A CD2 1 
ATOM   318 C CE1 . PHE A 1 51  ? -6.433  22.415  5.642   1.00 44.18  ? 54   PHE A CE1 1 
ATOM   319 C CE2 . PHE A 1 51  ? -6.181  20.806  7.381   1.00 46.56  ? 54   PHE A CE2 1 
ATOM   320 C CZ  . PHE A 1 51  ? -5.673  21.867  6.624   1.00 44.16  ? 54   PHE A CZ  1 
ATOM   321 N N   . PRO A 1 52  ? -11.553 17.518  6.534   1.00 50.55  ? 55   PRO A N   1 
ATOM   322 C CA  . PRO A 1 52  ? -10.718 17.368  7.741   1.00 42.12  ? 55   PRO A CA  1 
ATOM   323 C C   . PRO A 1 52  ? -9.857  16.157  7.662   1.00 64.24  ? 55   PRO A C   1 
ATOM   324 O O   . PRO A 1 52  ? -10.291 15.099  7.178   1.00 70.98  ? 55   PRO A O   1 
ATOM   325 C CB  . PRO A 1 52  ? -11.758 17.159  8.837   1.00 77.93  ? 55   PRO A CB  1 
ATOM   326 C CG  . PRO A 1 52  ? -13.018 16.497  8.137   1.00 77.52  ? 55   PRO A CG  1 
ATOM   327 C CD  . PRO A 1 52  ? -12.902 16.871  6.666   1.00 73.16  ? 55   PRO A CD  1 
ATOM   328 N N   . LEU A 1 53  ? -8.628  16.303  8.132   1.00 52.57  ? 56   LEU A N   1 
ATOM   329 C CA  . LEU A 1 53  ? -7.736  15.181  8.218   1.00 55.59  ? 56   LEU A CA  1 
ATOM   330 C C   . LEU A 1 53  ? -8.036  14.386  9.492   1.00 64.91  ? 56   LEU A C   1 
ATOM   331 O O   . LEU A 1 53  ? -7.633  14.772  10.610  1.00 65.62  ? 56   LEU A O   1 
ATOM   332 C CB  . LEU A 1 53  ? -6.291  15.661  8.194   1.00 53.97  ? 56   LEU A CB  1 
ATOM   333 C CG  . LEU A 1 53  ? -5.919  16.384  6.903   1.00 54.37  ? 56   LEU A CG  1 
ATOM   334 C CD1 . LEU A 1 53  ? -4.604  17.126  7.057   1.00 57.57  ? 56   LEU A CD1 1 
ATOM   335 C CD2 . LEU A 1 53  ? -5.856  15.420  5.737   1.00 63.11  ? 56   LEU A CD2 1 
ATOM   336 N N   . ARG A 1 54  ? -8.770  13.293  9.323   1.00 56.10  ? 57   ARG A N   1 
ATOM   337 C CA  . ARG A 1 54  ? -9.107  12.430  10.446  1.00 73.99  ? 57   ARG A CA  1 
ATOM   338 C C   . ARG A 1 54  ? -7.844  11.892  11.113  1.00 59.80  ? 57   ARG A C   1 
ATOM   339 O O   . ARG A 1 54  ? -6.819  11.723  10.471  1.00 54.30  ? 57   ARG A O   1 
ATOM   340 C CB  . ARG A 1 54  ? -10.046 11.301  10.010  1.00 62.32  ? 57   ARG A CB  1 
ATOM   341 C CG  . ARG A 1 54  ? -11.122 11.799  9.013   1.00 80.89  ? 57   ARG A CG  1 
ATOM   342 C CD  . ARG A 1 54  ? -12.537 11.107  9.310   1.00 113.37 ? 57   ARG A CD  1 
ATOM   343 N NE  . ARG A 1 54  ? -13.587 12.154  9.599   1.00 105.83 ? 57   ARG A NE  1 
ATOM   344 C CZ  . ARG A 1 54  ? -13.973 13.048  8.638   1.00 102.83 ? 57   ARG A CZ  1 
ATOM   345 N NH1 . ARG A 1 54  ? -13.422 13.017  7.279   1.00 61.02  ? 57   ARG A NH1 1 
ATOM   346 N NH2 . ARG A 1 54  ? -14.924 13.980  9.029   1.00 86.22  ? 57   ARG A NH2 1 
ATOM   347 N N   . SER A 1 55  ? -7.930  11.653  12.421  1.00 78.47  ? 58   SER A N   1 
ATOM   348 C CA  . SER A 1 55  ? -6.754  11.227  13.182  1.00 89.22  ? 58   SER A CA  1 
ATOM   349 C C   . SER A 1 55  ? -6.089  9.943   12.653  1.00 98.27  ? 58   SER A C   1 
ATOM   350 O O   . SER A 1 55  ? -4.850  9.772   12.806  1.00 90.53  ? 58   SER A O   1 
ATOM   351 C CB  . SER A 1 55  ? -7.114  11.064  14.649  1.00 70.53  ? 58   SER A CB  1 
ATOM   352 O OG  . SER A 1 55  ? -6.788  9.743   15.058  1.00 92.39  ? 58   SER A OG  1 
ATOM   353 N N   . HIS A 1 56  ? -6.886  9.061   12.010  1.00 82.86  ? 59   HIS A N   1 
ATOM   354 C CA  . HIS A 1 56  ? -6.324  7.823   11.460  1.00 61.91  ? 59   HIS A CA  1 
ATOM   355 C C   . HIS A 1 56  ? -5.457  8.036   10.207  1.00 74.55  ? 59   HIS A C   1 
ATOM   356 O O   . HIS A 1 56  ? -4.669  7.167   9.824   1.00 64.89  ? 59   HIS A O   1 
ATOM   357 C CB  . HIS A 1 56  ? -7.415  6.746   11.244  1.00 81.40  ? 59   HIS A CB  1 
ATOM   358 C CG  . HIS A 1 56  ? -8.434  7.086   10.190  1.00 105.69 ? 59   HIS A CG  1 
ATOM   359 N ND1 . HIS A 1 56  ? -9.645  7.728   10.476  1.00 125.92 ? 59   HIS A ND1 1 
ATOM   360 C CD2 . HIS A 1 56  ? -8.452  6.834   8.845   1.00 88.88  ? 59   HIS A CD2 1 
ATOM   361 C CE1 . HIS A 1 56  ? -10.342 7.875   9.360   1.00 122.09 ? 59   HIS A CE1 1 
ATOM   362 N NE2 . HIS A 1 56  ? -9.642  7.343   8.347   1.00 76.77  ? 59   HIS A NE2 1 
ATOM   363 N N   . LEU A 1 57  ? -5.563  9.202   9.580   1.00 63.97  ? 60   LEU A N   1 
ATOM   364 C CA  . LEU A 1 57  ? -4.661  9.500   8.486   1.00 56.91  ? 60   LEU A CA  1 
ATOM   365 C C   . LEU A 1 57  ? -3.258  9.882   9.000   1.00 59.55  ? 60   LEU A C   1 
ATOM   366 O O   . LEU A 1 57  ? -2.338  10.066  8.187   1.00 67.07  ? 60   LEU A O   1 
ATOM   367 C CB  . LEU A 1 57  ? -5.208  10.653  7.636   1.00 72.67  ? 60   LEU A CB  1 
ATOM   368 C CG  . LEU A 1 57  ? -6.165  10.381  6.463   1.00 88.34  ? 60   LEU A CG  1 
ATOM   369 C CD1 . LEU A 1 57  ? -6.698  8.940   6.463   1.00 65.51  ? 60   LEU A CD1 1 
ATOM   370 C CD2 . LEU A 1 57  ? -7.310  11.403  6.471   1.00 60.72  ? 60   LEU A CD2 1 
ATOM   371 N N   . GLU A 1 58  ? -3.130  10.036  10.325  1.00 57.52  ? 61   GLU A N   1 
ATOM   372 C CA  . GLU A 1 58  ? -1.901  10.454  11.029  1.00 62.71  ? 61   GLU A CA  1 
ATOM   373 C C   . GLU A 1 58  ? -0.977  11.375  10.224  1.00 65.66  ? 61   GLU A C   1 
ATOM   374 O O   . GLU A 1 58  ? 0.167   11.026  9.935   1.00 66.48  ? 61   GLU A O   1 
ATOM   375 C CB  . GLU A 1 58  ? -1.145  9.217   11.508  1.00 70.01  ? 61   GLU A CB  1 
ATOM   376 C CG  . GLU A 1 58  ? -2.042  8.280   12.304  1.00 74.47  ? 61   GLU A CG  1 
ATOM   377 C CD  . GLU A 1 58  ? -1.302  7.108   12.900  1.00 105.09 ? 61   GLU A CD  1 
ATOM   378 O OE1 . GLU A 1 58  ? -0.778  6.296   12.113  1.00 74.75  ? 61   GLU A OE1 1 
ATOM   379 O OE2 . GLU A 1 58  ? -1.260  6.997   14.150  1.00 97.71  ? 61   GLU A OE2 1 
ATOM   380 N N   . PRO A 1 59  ? -1.479  12.536  9.827   1.00 62.97  ? 62   PRO A N   1 
ATOM   381 C CA  . PRO A 1 59  ? -0.728  13.397  8.919   1.00 55.93  ? 62   PRO A CA  1 
ATOM   382 C C   . PRO A 1 59  ? 0.576   13.891  9.568   1.00 49.20  ? 62   PRO A C   1 
ATOM   383 O O   . PRO A 1 59  ? 0.620   14.122  10.761  1.00 50.38  ? 62   PRO A O   1 
ATOM   384 C CB  . PRO A 1 59  ? -1.696  14.557  8.672   1.00 53.35  ? 62   PRO A CB  1 
ATOM   385 C CG  . PRO A 1 59  ? -2.604  14.569  9.851   1.00 49.83  ? 62   PRO A CG  1 
ATOM   386 C CD  . PRO A 1 59  ? -2.764  13.140  10.231  1.00 61.89  ? 62   PRO A CD  1 
ATOM   387 N N   . THR A 1 60  ? 1.633   13.997  8.789   1.00 49.60  ? 63   THR A N   1 
ATOM   388 C CA  . THR A 1 60  ? 2.845   14.660  9.238   1.00 50.44  ? 63   THR A CA  1 
ATOM   389 C C   . THR A 1 60  ? 2.574   16.156  9.300   1.00 52.07  ? 63   THR A C   1 
ATOM   390 O O   . THR A 1 60  ? 1.587   16.629  8.733   1.00 50.71  ? 63   THR A O   1 
ATOM   391 C CB  . THR A 1 60  ? 3.967   14.396  8.219   1.00 58.92  ? 63   THR A CB  1 
ATOM   392 O OG1 . THR A 1 60  ? 3.462   14.650  6.896   1.00 52.17  ? 63   THR A OG1 1 
ATOM   393 C CG2 . THR A 1 60  ? 4.324   12.876  8.189   1.00 57.37  ? 63   THR A CG2 1 
ATOM   394 N N   . ASN A 1 61  ? 3.436   16.901  9.988   1.00 48.28  ? 64   ASN A N   1 
ATOM   395 C CA  . ASN A 1 61  ? 3.396   18.360  9.945   1.00 48.23  ? 64   ASN A CA  1 
ATOM   396 C C   . ASN A 1 61  ? 3.422   18.885  8.533   1.00 49.41  ? 64   ASN A C   1 
ATOM   397 O O   . ASN A 1 61  ? 2.665   19.787  8.205   1.00 46.64  ? 64   ASN A O   1 
ATOM   398 C CB  . ASN A 1 61  ? 4.566   18.953  10.720  1.00 44.74  ? 64   ASN A CB  1 
ATOM   399 C CG  . ASN A 1 61  ? 4.411   18.770  12.205  1.00 52.77  ? 64   ASN A CG  1 
ATOM   400 O OD1 . ASN A 1 61  ? 3.311   18.859  12.713  1.00 56.29  ? 64   ASN A OD1 1 
ATOM   401 N ND2 . ASN A 1 61  ? 5.502   18.489  12.906  1.00 43.52  ? 64   ASN A ND2 1 
ATOM   402 N N   . HIS A 1 62  ? 4.296   18.312  7.700   1.00 50.69  ? 65   HIS A N   1 
ATOM   403 C CA  . HIS A 1 62  ? 4.397   18.713  6.304   1.00 46.92  ? 65   HIS A CA  1 
ATOM   404 C C   . HIS A 1 62  ? 3.072   18.552  5.577   1.00 51.26  ? 65   HIS A C   1 
ATOM   405 O O   . HIS A 1 62  ? 2.682   19.432  4.821   1.00 49.02  ? 65   HIS A O   1 
ATOM   406 C CB  . HIS A 1 62  ? 5.491   17.936  5.558   1.00 51.46  ? 65   HIS A CB  1 
ATOM   407 C CG  . HIS A 1 62  ? 5.707   18.439  4.173   1.00 51.89  ? 65   HIS A CG  1 
ATOM   408 N ND1 . HIS A 1 62  ? 4.929   18.040  3.107   1.00 43.76  ? 65   HIS A ND1 1 
ATOM   409 C CD2 . HIS A 1 62  ? 6.558   19.373  3.691   1.00 42.64  ? 65   HIS A CD2 1 
ATOM   410 C CE1 . HIS A 1 62  ? 5.311   18.690  2.022   1.00 46.20  ? 65   HIS A CE1 1 
ATOM   411 N NE2 . HIS A 1 62  ? 6.297   19.505  2.352   1.00 50.53  ? 65   HIS A NE2 1 
ATOM   412 N N   . ALA A 1 63  ? 2.394   17.426  5.779   1.00 50.03  ? 66   ALA A N   1 
ATOM   413 C CA  . ALA A 1 63  ? 1.094   17.188  5.132   1.00 55.55  ? 66   ALA A CA  1 
ATOM   414 C C   . ALA A 1 63  ? -0.007  18.166  5.572   1.00 50.17  ? 66   ALA A C   1 
ATOM   415 O O   . ALA A 1 63  ? -0.854  18.530  4.765   1.00 47.63  ? 66   ALA A O   1 
ATOM   416 C CB  . ALA A 1 63  ? 0.616   15.736  5.382   1.00 48.99  ? 66   ALA A CB  1 
ATOM   417 N N   . VAL A 1 64  ? -0.033  18.532  6.855   1.00 48.47  ? 67   VAL A N   1 
ATOM   418 C CA  . VAL A 1 64  ? -1.004  19.513  7.342   1.00 51.32  ? 67   VAL A CA  1 
ATOM   419 C C   . VAL A 1 64  ? -0.774  20.846  6.625   1.00 53.67  ? 67   VAL A C   1 
ATOM   420 O O   . VAL A 1 64  ? -1.713  21.436  6.109   1.00 50.69  ? 67   VAL A O   1 
ATOM   421 C CB  . VAL A 1 64  ? -0.913  19.699  8.855   1.00 55.47  ? 67   VAL A CB  1 
ATOM   422 C CG1 . VAL A 1 64  ? -1.747  20.908  9.302   1.00 53.32  ? 67   VAL A CG1 1 
ATOM   423 C CG2 . VAL A 1 64  ? -1.355  18.403  9.584   1.00 46.34  ? 67   VAL A CG2 1 
ATOM   424 N N   . ILE A 1 65  ? 0.485   21.273  6.564   1.00 48.75  ? 68   ILE A N   1 
ATOM   425 C CA  . ILE A 1 65  ? 0.879   22.525  5.933   1.00 50.75  ? 68   ILE A CA  1 
ATOM   426 C C   . ILE A 1 65  ? 0.567   22.526  4.447   1.00 54.57  ? 68   ILE A C   1 
ATOM   427 O O   . ILE A 1 65  ? 0.019   23.503  3.926   1.00 53.22  ? 68   ILE A O   1 
ATOM   428 C CB  . ILE A 1 65  ? 2.392   22.808  6.151   1.00 56.45  ? 68   ILE A CB  1 
ATOM   429 C CG1 . ILE A 1 65  ? 2.656   23.149  7.616   1.00 58.84  ? 68   ILE A CG1 1 
ATOM   430 C CG2 . ILE A 1 65  ? 2.858   23.982  5.283   1.00 54.19  ? 68   ILE A CG2 1 
ATOM   431 C CD1 . ILE A 1 65  ? 4.104   23.043  8.025   1.00 60.49  ? 68   ILE A CD1 1 
ATOM   432 N N   . GLN A 1 66  ? 0.914   21.439  3.757   1.00 54.00  ? 69   GLN A N   1 
ATOM   433 C CA  . GLN A 1 66  ? 0.541   21.318  2.354   1.00 59.41  ? 69   GLN A CA  1 
ATOM   434 C C   . GLN A 1 66  ? -0.970  21.334  2.145   1.00 47.56  ? 69   GLN A C   1 
ATOM   435 O O   . GLN A 1 66  ? -1.471  21.964  1.208   1.00 47.77  ? 69   GLN A O   1 
ATOM   436 C CB  . GLN A 1 66  ? 1.159   20.089  1.697   1.00 55.14  ? 69   GLN A CB  1 
ATOM   437 C CG  . GLN A 1 66  ? 1.044   20.165  0.181   1.00 49.42  ? 69   GLN A CG  1 
ATOM   438 C CD  . GLN A 1 66  ? 1.670   18.991  -0.552  1.00 59.65  ? 69   GLN A CD  1 
ATOM   439 O OE1 . GLN A 1 66  ? 2.721   18.490  -0.155  1.00 54.82  ? 69   GLN A OE1 1 
ATOM   440 N NE2 . GLN A 1 66  ? 1.016   18.543  -1.616  1.00 56.42  ? 69   GLN A NE2 1 
ATOM   441 N N   . THR A 1 67  ? -1.701  20.641  3.004   1.00 48.67  ? 70   THR A N   1 
ATOM   442 C CA  . THR A 1 67  ? -3.151  20.598  2.861   1.00 56.72  ? 70   THR A CA  1 
ATOM   443 C C   . THR A 1 67  ? -3.715  22.014  3.046   1.00 52.47  ? 70   THR A C   1 
ATOM   444 O O   . THR A 1 67  ? -4.654  22.385  2.350   1.00 47.56  ? 70   THR A O   1 
ATOM   445 C CB  . THR A 1 67  ? -3.754  19.642  3.885   1.00 52.86  ? 70   THR A CB  1 
ATOM   446 O OG1 . THR A 1 67  ? -3.264  18.336  3.615   1.00 50.72  ? 70   THR A OG1 1 
ATOM   447 C CG2 . THR A 1 67  ? -5.309  19.531  3.760   1.00 44.16  ? 70   THR A CG2 1 
ATOM   448 N N   . LEU A 1 68  ? -3.138  22.782  3.971   1.00 49.60  ? 71   LEU A N   1 
ATOM   449 C CA  . LEU A 1 68  ? -3.635  24.140  4.263   1.00 57.98  ? 71   LEU A CA  1 
ATOM   450 C C   . LEU A 1 68  ? -3.384  25.029  3.056   1.00 51.87  ? 71   LEU A C   1 
ATOM   451 O O   . LEU A 1 68  ? -4.283  25.689  2.584   1.00 53.28  ? 71   LEU A O   1 
ATOM   452 C CB  . LEU A 1 68  ? -2.990  24.749  5.514   1.00 50.38  ? 71   LEU A CB  1 
ATOM   453 C CG  . LEU A 1 68  ? -3.288  26.229  5.842   1.00 58.43  ? 71   LEU A CG  1 
ATOM   454 C CD1 . LEU A 1 68  ? -4.770  26.519  6.246   1.00 48.78  ? 71   LEU A CD1 1 
ATOM   455 C CD2 . LEU A 1 68  ? -2.368  26.676  6.948   1.00 57.06  ? 71   LEU A CD2 1 
ATOM   456 N N   . MET A 1 69  ? -2.177  24.972  2.520   1.00 54.00  ? 72   MET A N   1 
ATOM   457 C CA  . MET A 1 69  ? -1.822  25.772  1.361   1.00 55.39  ? 72   MET A CA  1 
ATOM   458 C C   . MET A 1 69  ? -2.684  25.452  0.136   1.00 56.16  ? 72   MET A C   1 
ATOM   459 O O   . MET A 1 69  ? -3.143  26.363  -0.546  1.00 63.03  ? 72   MET A O   1 
ATOM   460 C CB  . MET A 1 69  ? -0.329  25.626  1.075   1.00 51.92  ? 72   MET A CB  1 
ATOM   461 C CG  . MET A 1 69  ? 0.518   26.449  2.095   1.00 51.84  ? 72   MET A CG  1 
ATOM   462 S SD  . MET A 1 69  ? 2.261   26.150  1.801   1.00 61.58  ? 72   MET A SD  1 
ATOM   463 C CE  . MET A 1 69  ? 2.546   27.266  0.308   1.00 65.25  ? 72   MET A CE  1 
ATOM   464 N N   . ASN A 1 70  ? -2.928  24.170  -0.122  1.00 50.77  ? 73   ASN A N   1 
ATOM   465 C CA  . ASN A 1 70  ? -3.861  23.752  -1.175  1.00 47.62  ? 73   ASN A CA  1 
ATOM   466 C C   . ASN A 1 70  ? -5.263  24.288  -0.933  1.00 51.15  ? 73   ASN A C   1 
ATOM   467 O O   . ASN A 1 70  ? -5.945  24.651  -1.866  1.00 58.30  ? 73   ASN A O   1 
ATOM   468 C CB  . ASN A 1 70  ? -3.872  22.217  -1.324  1.00 44.95  ? 73   ASN A CB  1 
ATOM   469 C CG  . ASN A 1 70  ? -5.049  21.698  -2.150  1.00 50.12  ? 73   ASN A CG  1 
ATOM   470 O OD1 . ASN A 1 70  ? -5.005  21.665  -3.378  1.00 51.83  ? 73   ASN A OD1 1 
ATOM   471 N ND2 . ASN A 1 70  ? -6.095  21.281  -1.473  1.00 49.78  ? 73   ASN A ND2 1 
ATOM   472 N N   . SER A 1 71  ? -5.671  24.376  0.330   1.00 51.38  ? 74   SER A N   1 
ATOM   473 C CA  . SER A 1 71  ? -7.004  24.889  0.666   1.00 49.97  ? 74   SER A CA  1 
ATOM   474 C C   . SER A 1 71  ? -7.113  26.390  0.486   1.00 58.19  ? 74   SER A C   1 
ATOM   475 O O   . SER A 1 71  ? -8.137  26.887  0.039   1.00 55.98  ? 74   SER A O   1 
ATOM   476 C CB  . SER A 1 71  ? -7.362  24.541  2.097   1.00 53.86  ? 74   SER A CB  1 
ATOM   477 O OG  . SER A 1 71  ? -8.690  24.923  2.365   1.00 62.08  ? 74   SER A OG  1 
ATOM   478 N N   . MET A 1 72  ? -6.064  27.117  0.851   1.00 61.26  ? 75   MET A N   1 
ATOM   479 C CA  . MET A 1 72  ? -6.051  28.558  0.647   1.00 64.88  ? 75   MET A CA  1 
ATOM   480 C C   . MET A 1 72  ? -5.972  28.920  -0.842  1.00 62.79  ? 75   MET A C   1 
ATOM   481 O O   . MET A 1 72  ? -6.640  29.837  -1.273  1.00 72.84  ? 75   MET A O   1 
ATOM   482 C CB  . MET A 1 72  ? -4.912  29.206  1.427   1.00 53.64  ? 75   MET A CB  1 
ATOM   483 C CG  . MET A 1 72  ? -4.995  28.964  2.928   1.00 68.92  ? 75   MET A CG  1 
ATOM   484 S SD  . MET A 1 72  ? -3.549  29.668  3.747   1.00 70.51  ? 75   MET A SD  1 
ATOM   485 C CE  . MET A 1 72  ? -4.234  31.345  4.103   1.00 90.98  ? 75   MET A CE  1 
ATOM   486 N N   . ASP A 1 73  ? -5.177  28.194  -1.629  1.00 64.68  ? 76   ASP A N   1 
ATOM   487 C CA  . ASP A 1 73  ? -5.029  28.524  -3.064  1.00 64.02  ? 76   ASP A CA  1 
ATOM   488 C C   . ASP A 1 73  ? -4.637  27.297  -3.905  1.00 37.33  ? 76   ASP A C   1 
ATOM   489 O O   . ASP A 1 73  ? -3.417  27.080  -4.174  1.00 68.17  ? 76   ASP A O   1 
ATOM   490 C CB  . ASP A 1 73  ? -3.970  29.644  -3.253  1.00 67.67  ? 76   ASP A CB  1 
ATOM   491 C CG  . ASP A 1 73  ? -3.905  30.212  -4.699  1.00 85.17  ? 76   ASP A CG  1 
ATOM   492 O OD1 . ASP A 1 73  ? -4.529  29.666  -5.680  1.00 93.82  ? 76   ASP A OD1 1 
ATOM   493 O OD2 . ASP A 1 73  ? -3.194  31.221  -4.948  1.00 71.71  ? 76   ASP A OD2 1 
ATOM   494 N N   . PRO A 1 74  ? -5.672  26.517  -4.316  1.00 36.17  ? 77   PRO A N   1 
ATOM   495 C CA  . PRO A 1 74  ? -5.473  25.212  -4.984  1.00 53.96  ? 77   PRO A CA  1 
ATOM   496 C C   . PRO A 1 74  ? -4.710  25.287  -6.298  1.00 61.19  ? 77   PRO A C   1 
ATOM   497 O O   . PRO A 1 74  ? -4.184  24.257  -6.753  1.00 73.13  ? 77   PRO A O   1 
ATOM   498 C CB  . PRO A 1 74  ? -6.905  24.700  -5.214  1.00 60.46  ? 77   PRO A CB  1 
ATOM   499 C CG  . PRO A 1 74  ? -7.768  25.892  -5.113  1.00 56.34  ? 77   PRO A CG  1 
ATOM   500 C CD  . PRO A 1 74  ? -7.130  26.802  -4.119  1.00 48.89  ? 77   PRO A CD  1 
ATOM   501 N N   . GLU A 1 75  ? -4.641  26.488  -6.874  1.00 64.47  ? 78   GLU A N   1 
ATOM   502 C CA  . GLU A 1 75  ? -3.887  26.716  -8.097  1.00 79.73  ? 78   GLU A CA  1 
ATOM   503 C C   . GLU A 1 75  ? -2.381  26.635  -7.834  1.00 68.90  ? 78   GLU A C   1 
ATOM   504 O O   . GLU A 1 75  ? -1.635  26.071  -8.636  1.00 76.57  ? 78   GLU A O   1 
ATOM   505 C CB  . GLU A 1 75  ? -4.271  28.068  -8.727  1.00 82.03  ? 78   GLU A CB  1 
ATOM   506 C CG  . GLU A 1 75  ? -3.820  28.235  -10.177 1.00 105.90 ? 78   GLU A CG  1 
ATOM   507 C CD  . GLU A 1 75  ? -4.979  28.557  -11.118 1.00 125.90 ? 78   GLU A CD  1 
ATOM   508 O OE1 . GLU A 1 75  ? -5.214  27.772  -12.070 1.00 111.26 ? 78   GLU A OE1 1 
ATOM   509 O OE2 . GLU A 1 75  ? -5.649  29.599  -10.912 1.00 127.69 ? 78   GLU A OE2 1 
ATOM   510 N N   . SER A 1 76  ? -1.949  27.198  -6.709  1.00 62.92  ? 79   SER A N   1 
ATOM   511 C CA  . SER A 1 76  ? -0.538  27.218  -6.332  1.00 70.48  ? 79   SER A CA  1 
ATOM   512 C C   . SER A 1 76  ? -0.019  25.846  -5.925  1.00 73.54  ? 79   SER A C   1 
ATOM   513 O O   . SER A 1 76  ? 1.001   25.387  -6.443  1.00 80.64  ? 79   SER A O   1 
ATOM   514 C CB  . SER A 1 76  ? -0.313  28.180  -5.159  1.00 80.82  ? 79   SER A CB  1 
ATOM   515 O OG  . SER A 1 76  ? -0.737  29.502  -5.477  1.00 85.71  ? 79   SER A OG  1 
ATOM   516 N N   . THR A 1 77  ? -0.744  25.201  -5.006  1.00 58.77  ? 80   THR A N   1 
ATOM   517 C CA  . THR A 1 77  ? -0.297  23.979  -4.321  1.00 58.13  ? 80   THR A CA  1 
ATOM   518 C C   . THR A 1 77  ? -1.251  22.791  -4.465  1.00 49.78  ? 80   THR A C   1 
ATOM   519 O O   . THR A 1 77  ? -2.421  22.891  -4.095  1.00 55.72  ? 80   THR A O   1 
ATOM   520 C CB  . THR A 1 77  ? -0.231  24.285  -2.814  1.00 63.44  ? 80   THR A CB  1 
ATOM   521 O OG1 . THR A 1 77  ? 0.596   25.430  -2.589  1.00 62.61  ? 80   THR A OG1 1 
ATOM   522 C CG2 . THR A 1 77  ? 0.435   23.146  -2.042  1.00 47.81  ? 80   THR A CG2 1 
ATOM   523 N N   . PRO A 1 78  ? -0.758  21.649  -4.937  1.00 59.49  ? 81   PRO A N   1 
ATOM   524 C CA  . PRO A 1 78  ? -1.600  20.450  -5.016  1.00 57.56  ? 81   PRO A CA  1 
ATOM   525 C C   . PRO A 1 78  ? -1.885  19.836  -3.644  1.00 59.46  ? 81   PRO A C   1 
ATOM   526 O O   . PRO A 1 78  ? -1.178  20.136  -2.654  1.00 52.78  ? 81   PRO A O   1 
ATOM   527 C CB  . PRO A 1 78  ? -0.766  19.497  -5.874  1.00 57.78  ? 81   PRO A CB  1 
ATOM   528 C CG  . PRO A 1 78  ? 0.619   19.867  -5.579  1.00 55.23  ? 81   PRO A CG  1 
ATOM   529 C CD  . PRO A 1 78  ? 0.611   21.387  -5.431  1.00 66.03  ? 81   PRO A CD  1 
ATOM   530 N N   . PRO A 1 79  ? -2.922  18.999  -3.574  1.00 57.30  ? 82   PRO A N   1 
ATOM   531 C CA  . PRO A 1 79  ? -3.231  18.269  -2.338  1.00 50.60  ? 82   PRO A CA  1 
ATOM   532 C C   . PRO A 1 79  ? -2.193  17.212  -2.069  1.00 57.90  ? 82   PRO A C   1 
ATOM   533 O O   . PRO A 1 79  ? -1.491  16.781  -2.988  1.00 57.60  ? 82   PRO A O   1 
ATOM   534 C CB  . PRO A 1 79  ? -4.569  17.582  -2.654  1.00 65.97  ? 82   PRO A CB  1 
ATOM   535 C CG  . PRO A 1 79  ? -4.607  17.473  -4.149  1.00 58.54  ? 82   PRO A CG  1 
ATOM   536 C CD  . PRO A 1 79  ? -3.889  18.694  -4.651  1.00 61.37  ? 82   PRO A CD  1 
ATOM   537 N N   . THR A 1 80  ? -2.101  16.789  -0.816  1.00 51.10  ? 83   THR A N   1 
ATOM   538 C CA  . THR A 1 80  ? -1.302  15.638  -0.507  1.00 57.75  ? 83   THR A CA  1 
ATOM   539 C C   . THR A 1 80  ? -1.996  14.410  -1.084  1.00 54.08  ? 83   THR A C   1 
ATOM   540 O O   . THR A 1 80  ? -3.083  14.477  -1.662  1.00 55.23  ? 83   THR A O   1 
ATOM   541 C CB  . THR A 1 80  ? -1.157  15.452  1.008   1.00 59.14  ? 83   THR A CB  1 
ATOM   542 O OG1 . THR A 1 80  ? -2.460  15.383  1.576   1.00 63.88  ? 83   THR A OG1 1 
ATOM   543 C CG2 . THR A 1 80  ? -0.530  16.659  1.649   1.00 61.26  ? 83   THR A CG2 1 
ATOM   544 N N   . CYS A 1 81  ? -1.362  13.272  -0.869  1.00 57.71  ? 84   CYS A N   1 
ATOM   545 C CA  . CYS A 1 81  ? -1.804  12.051  -1.474  1.00 57.07  ? 84   CYS A CA  1 
ATOM   546 C C   . CYS A 1 81  ? -2.027  10.906  -0.498  1.00 55.49  ? 84   CYS A C   1 
ATOM   547 O O   . CYS A 1 81  ? -1.301  10.774  0.489   1.00 51.32  ? 84   CYS A O   1 
ATOM   548 C CB  . CYS A 1 81  ? -0.740  11.634  -2.443  1.00 62.35  ? 84   CYS A CB  1 
ATOM   549 S SG  . CYS A 1 81  ? -1.549  11.387  -3.976  1.00 79.57  ? 84   CYS A SG  1 
ATOM   550 N N   . CYS A 1 82  ? -3.017  10.077  -0.816  1.00 48.09  ? 85   CYS A N   1 
ATOM   551 C CA  . CYS A 1 82  ? -3.401  8.936   -0.006  1.00 53.34  ? 85   CYS A CA  1 
ATOM   552 C C   . CYS A 1 82  ? -2.475  7.741   -0.286  1.00 52.30  ? 85   CYS A C   1 
ATOM   553 O O   . CYS A 1 82  ? -2.481  7.225   -1.388  1.00 57.37  ? 85   CYS A O   1 
ATOM   554 C CB  . CYS A 1 82  ? -4.851  8.548   -0.369  1.00 47.04  ? 85   CYS A CB  1 
ATOM   555 S SG  . CYS A 1 82  ? -5.480  7.233   0.706   1.00 62.59  ? 85   CYS A SG  1 
ATOM   556 N N   . VAL A 1 83  ? -1.687  7.310   0.695   1.00 53.58  ? 86   VAL A N   1 
ATOM   557 C CA  . VAL A 1 83  ? -0.693  6.253   0.497   1.00 51.62  ? 86   VAL A CA  1 
ATOM   558 C C   . VAL A 1 83  ? -0.554  5.331   1.705   1.00 56.27  ? 86   VAL A C   1 
ATOM   559 O O   . VAL A 1 83  ? -1.011  5.671   2.774   1.00 53.11  ? 86   VAL A O   1 
ATOM   560 C CB  . VAL A 1 83  ? 0.699   6.839   0.211   1.00 57.56  ? 86   VAL A CB  1 
ATOM   561 C CG1 . VAL A 1 83  ? 0.708   7.555   -1.139  1.00 54.19  ? 86   VAL A CG1 1 
ATOM   562 C CG2 . VAL A 1 83  ? 1.187   7.724   1.389   1.00 53.59  ? 86   VAL A CG2 1 
ATOM   563 N N   . PRO A 1 84  ? 0.071   4.159   1.542   1.00 61.23  ? 87   PRO A N   1 
ATOM   564 C CA  . PRO A 1 84  ? 0.296   3.269   2.686   1.00 55.09  ? 87   PRO A CA  1 
ATOM   565 C C   . PRO A 1 84  ? 1.249   3.872   3.690   1.00 59.62  ? 87   PRO A C   1 
ATOM   566 O O   . PRO A 1 84  ? 2.301   4.329   3.287   1.00 56.98  ? 87   PRO A O   1 
ATOM   567 C CB  . PRO A 1 84  ? 0.937   2.030   2.053   1.00 54.80  ? 87   PRO A CB  1 
ATOM   568 C CG  . PRO A 1 84  ? 0.506   2.096   0.567   1.00 58.92  ? 87   PRO A CG  1 
ATOM   569 C CD  . PRO A 1 84  ? 0.548   3.563   0.269   1.00 56.24  ? 87   PRO A CD  1 
ATOM   570 N N   . THR A 1 85  ? 0.900   3.852   4.971   1.00 55.76  ? 88   THR A N   1 
ATOM   571 C CA  . THR A 1 85  ? 1.808   4.354   6.012   1.00 59.65  ? 88   THR A CA  1 
ATOM   572 C C   . THR A 1 85  ? 2.373   3.226   6.869   1.00 62.50  ? 88   THR A C   1 
ATOM   573 O O   . THR A 1 85  ? 3.366   3.411   7.564   1.00 63.13  ? 88   THR A O   1 
ATOM   574 C CB  . THR A 1 85  ? 1.089   5.354   6.918   1.00 55.27  ? 88   THR A CB  1 
ATOM   575 O OG1 . THR A 1 85  ? -0.135  4.782   7.374   1.00 55.36  ? 88   THR A OG1 1 
ATOM   576 C CG2 . THR A 1 85  ? 0.614   6.554   6.108   1.00 59.62  ? 88   THR A CG2 1 
ATOM   577 N N   . ARG A 1 86  ? 1.727   2.065   6.833   1.00 51.07  ? 89   ARG A N   1 
ATOM   578 C CA  . ARG A 1 86  ? 2.254   0.881   7.500   1.00 59.89  ? 89   ARG A CA  1 
ATOM   579 C C   . ARG A 1 86  ? 2.086   -0.290  6.566   1.00 59.46  ? 89   ARG A C   1 
ATOM   580 O O   . ARG A 1 86  ? 1.020   -0.483  5.993   1.00 58.24  ? 89   ARG A O   1 
ATOM   581 C CB  . ARG A 1 86  ? 1.468   0.563   8.761   1.00 61.72  ? 89   ARG A CB  1 
ATOM   582 C CG  . ARG A 1 86  ? 1.938   1.251   10.022  1.00 75.48  ? 89   ARG A CG  1 
ATOM   583 C CD  . ARG A 1 86  ? 1.016   1.005   11.239  1.00 79.93  ? 89   ARG A CD  1 
ATOM   584 N NE  . ARG A 1 86  ? 1.184   2.021   12.288  1.00 85.56  ? 89   ARG A NE  1 
ATOM   585 C CZ  . ARG A 1 86  ? 0.680   3.259   12.239  1.00 87.79  ? 89   ARG A CZ  1 
ATOM   586 N NH1 . ARG A 1 86  ? -0.048  3.653   11.200  1.00 68.78  ? 89   ARG A NH1 1 
ATOM   587 N NH2 . ARG A 1 86  ? 0.898   4.110   13.237  1.00 69.05  ? 89   ARG A NH2 1 
ATOM   588 N N   . LEU A 1 87  ? 3.141   -1.069  6.397   1.00 60.34  ? 90   LEU A N   1 
ATOM   589 C CA  . LEU A 1 87  ? 3.022   -2.282  5.609   1.00 63.72  ? 90   LEU A CA  1 
ATOM   590 C C   . LEU A 1 87  ? 3.558   -3.468  6.374   1.00 59.28  ? 90   LEU A C   1 
ATOM   591 O O   . LEU A 1 87  ? 4.350   -3.314  7.316   1.00 58.70  ? 90   LEU A O   1 
ATOM   592 C CB  . LEU A 1 87  ? 3.725   -2.137  4.260   1.00 65.23  ? 90   LEU A CB  1 
ATOM   593 C CG  . LEU A 1 87  ? 3.220   -0.964  3.414   1.00 61.01  ? 90   LEU A CG  1 
ATOM   594 C CD1 . LEU A 1 87  ? 4.310   0.061   3.301   1.00 62.38  ? 90   LEU A CD1 1 
ATOM   595 C CD2 . LEU A 1 87  ? 2.784   -1.419  2.044   1.00 60.75  ? 90   LEU A CD2 1 
ATOM   596 N N   . SER A 1 88  ? 3.109   -4.653  5.987   1.00 54.52  ? 91   SER A N   1 
ATOM   597 C CA  . SER A 1 88  ? 3.578   -5.866  6.649   1.00 57.94  ? 91   SER A CA  1 
ATOM   598 C C   . SER A 1 88  ? 4.066   -6.920  5.640   1.00 53.57  ? 91   SER A C   1 
ATOM   599 O O   . SER A 1 88  ? 3.745   -6.853  4.444   1.00 59.59  ? 91   SER A O   1 
ATOM   600 C CB  . SER A 1 88  ? 2.520   -6.387  7.625   1.00 64.58  ? 91   SER A CB  1 
ATOM   601 O OG  . SER A 1 88  ? 1.322   -6.727  6.960   1.00 75.76  ? 91   SER A OG  1 
ATOM   602 N N   . PRO A 1 89  ? 4.909   -7.846  6.085   1.00 61.67  ? 92   PRO A N   1 
ATOM   603 C CA  . PRO A 1 89  ? 5.483   -8.816  5.151   1.00 59.04  ? 92   PRO A CA  1 
ATOM   604 C C   . PRO A 1 89  ? 4.517   -9.943  4.811   1.00 45.86  ? 92   PRO A C   1 
ATOM   605 O O   . PRO A 1 89  ? 3.504   -10.094 5.474   1.00 56.80  ? 92   PRO A O   1 
ATOM   606 C CB  . PRO A 1 89  ? 6.682   -9.356  5.920   1.00 51.76  ? 92   PRO A CB  1 
ATOM   607 C CG  . PRO A 1 89  ? 6.249   -9.292  7.366   1.00 60.60  ? 92   PRO A CG  1 
ATOM   608 C CD  . PRO A 1 89  ? 5.397   -8.056  7.465   1.00 58.28  ? 92   PRO A CD  1 
ATOM   609 N N   . ILE A 1 90  ? 4.806   -10.675 3.743   1.00 54.64  ? 93   ILE A N   1 
ATOM   610 C CA  . ILE A 1 90  ? 4.292   -12.024 3.602   1.00 59.10  ? 93   ILE A CA  1 
ATOM   611 C C   . ILE A 1 90  ? 5.440   -12.950 3.293   1.00 58.52  ? 93   ILE A C   1 
ATOM   612 O O   . ILE A 1 90  ? 6.528   -12.511 2.893   1.00 53.69  ? 93   ILE A O   1 
ATOM   613 C CB  . ILE A 1 90  ? 3.208   -12.182 2.506   1.00 59.71  ? 93   ILE A CB  1 
ATOM   614 C CG1 . ILE A 1 90  ? 3.761   -11.834 1.135   1.00 63.44  ? 93   ILE A CG1 1 
ATOM   615 C CG2 . ILE A 1 90  ? 1.929   -11.434 2.850   1.00 72.47  ? 93   ILE A CG2 1 
ATOM   616 C CD1 . ILE A 1 90  ? 2.987   -12.515 0.044   1.00 66.01  ? 93   ILE A CD1 1 
ATOM   617 N N   . SER A 1 91  ? 5.180   -14.242 3.480   1.00 60.92  ? 94   SER A N   1 
ATOM   618 C CA  . SER A 1 91  ? 6.159   -15.256 3.191   1.00 54.80  ? 94   SER A CA  1 
ATOM   619 C C   . SER A 1 91  ? 5.706   -16.105 2.002   1.00 56.06  ? 94   SER A C   1 
ATOM   620 O O   . SER A 1 91  ? 4.519   -16.400 1.857   1.00 57.28  ? 94   SER A O   1 
ATOM   621 C CB  . SER A 1 91  ? 6.372   -16.114 4.433   1.00 48.32  ? 94   SER A CB  1 
ATOM   622 O OG  . SER A 1 91  ? 7.088   -15.392 5.408   1.00 67.94  ? 94   SER A OG  1 
ATOM   623 N N   . ILE A 1 92  ? 6.650   -16.467 1.137   1.00 45.43  ? 95   ILE A N   1 
ATOM   624 C CA  . ILE A 1 92  ? 6.325   -17.276 -0.023  1.00 53.85  ? 95   ILE A CA  1 
ATOM   625 C C   . ILE A 1 92  ? 7.072   -18.601 -0.058  1.00 48.91  ? 95   ILE A C   1 
ATOM   626 O O   . ILE A 1 92  ? 8.292   -18.634 0.055   1.00 50.09  ? 95   ILE A O   1 
ATOM   627 C CB  . ILE A 1 92  ? 6.626   -16.489 -1.317  1.00 51.27  ? 95   ILE A CB  1 
ATOM   628 C CG1 . ILE A 1 92  ? 5.768   -15.213 -1.390  1.00 64.64  ? 95   ILE A CG1 1 
ATOM   629 C CG2 . ILE A 1 92  ? 6.379   -17.379 -2.501  1.00 49.88  ? 95   ILE A CG2 1 
ATOM   630 C CD1 . ILE A 1 92  ? 6.135   -14.277 -2.550  1.00 60.53  ? 95   ILE A CD1 1 
ATOM   631 N N   . LEU A 1 93  ? 6.325   -19.680 -0.250  1.00 52.50  ? 96   LEU A N   1 
ATOM   632 C CA  . LEU A 1 93  ? 6.892   -21.018 -0.302  1.00 51.97  ? 96   LEU A CA  1 
ATOM   633 C C   . LEU A 1 93  ? 7.073   -21.389 -1.752  1.00 54.73  ? 96   LEU A C   1 
ATOM   634 O O   . LEU A 1 93  ? 6.102   -21.406 -2.512  1.00 52.54  ? 96   LEU A O   1 
ATOM   635 C CB  . LEU A 1 93  ? 5.990   -22.034 0.419   1.00 50.55  ? 96   LEU A CB  1 
ATOM   636 C CG  . LEU A 1 93  ? 6.505   -23.470 0.568   1.00 51.73  ? 96   LEU A CG  1 
ATOM   637 C CD1 . LEU A 1 93  ? 7.625   -23.528 1.602   1.00 59.21  ? 96   LEU A CD1 1 
ATOM   638 C CD2 . LEU A 1 93  ? 5.393   -24.417 0.980   1.00 44.35  ? 96   LEU A CD2 1 
ATOM   639 N N   . PHE A 1 94  ? 8.317   -21.671 -2.137  1.00 48.48  ? 97   PHE A N   1 
ATOM   640 C CA  . PHE A 1 94  ? 8.625   -22.026 -3.517  1.00 54.61  ? 97   PHE A CA  1 
ATOM   641 C C   . PHE A 1 94  ? 9.824   -22.960 -3.627  1.00 56.45  ? 97   PHE A C   1 
ATOM   642 O O   . PHE A 1 94  ? 10.612  -23.113 -2.688  1.00 61.34  ? 97   PHE A O   1 
ATOM   643 C CB  . PHE A 1 94  ? 8.866   -20.776 -4.383  1.00 50.29  ? 97   PHE A CB  1 
ATOM   644 C CG  . PHE A 1 94  ? 10.029  -19.952 -3.937  1.00 49.49  ? 97   PHE A CG  1 
ATOM   645 C CD1 . PHE A 1 94  ? 11.291  -20.172 -4.461  1.00 53.93  ? 97   PHE A CD1 1 
ATOM   646 C CD2 . PHE A 1 94  ? 9.874   -18.967 -2.970  1.00 59.83  ? 97   PHE A CD2 1 
ATOM   647 C CE1 . PHE A 1 94  ? 12.382  -19.398 -4.050  1.00 56.20  ? 97   PHE A CE1 1 
ATOM   648 C CE2 . PHE A 1 94  ? 10.964  -18.209 -2.539  1.00 54.88  ? 97   PHE A CE2 1 
ATOM   649 C CZ  . PHE A 1 94  ? 12.211  -18.417 -3.092  1.00 49.48  ? 97   PHE A CZ  1 
ATOM   650 N N   . ILE A 1 95  ? 9.938   -23.572 -4.799  1.00 51.47  ? 98   ILE A N   1 
ATOM   651 C CA  . ILE A 1 95  ? 11.067  -24.399 -5.169  1.00 56.29  ? 98   ILE A CA  1 
ATOM   652 C C   . ILE A 1 95  ? 12.034  -23.547 -5.986  1.00 57.76  ? 98   ILE A C   1 
ATOM   653 O O   . ILE A 1 95  ? 11.624  -22.893 -6.927  1.00 64.45  ? 98   ILE A O   1 
ATOM   654 C CB  . ILE A 1 95  ? 10.531  -25.578 -5.986  1.00 62.92  ? 98   ILE A CB  1 
ATOM   655 C CG1 . ILE A 1 95  ? 9.924   -26.608 -5.041  1.00 58.40  ? 98   ILE A CG1 1 
ATOM   656 C CG2 . ILE A 1 95  ? 11.617  -26.213 -6.846  1.00 80.76  ? 98   ILE A CG2 1 
ATOM   657 C CD1 . ILE A 1 95  ? 8.649   -27.151 -5.545  1.00 80.83  ? 98   ILE A CD1 1 
ATOM   658 N N   . ASP A 1 96  ? 13.309  -23.523 -5.625  1.00 61.19  ? 99   ASP A N   1 
ATOM   659 C CA  . ASP A 1 96  ? 14.269  -22.782 -6.435  1.00 62.00  ? 99   ASP A CA  1 
ATOM   660 C C   . ASP A 1 96  ? 14.812  -23.652 -7.574  1.00 61.98  ? 99   ASP A C   1 
ATOM   661 O O   . ASP A 1 96  ? 14.381  -24.796 -7.736  1.00 60.77  ? 99   ASP A O   1 
ATOM   662 C CB  . ASP A 1 96  ? 15.378  -22.147 -5.575  1.00 56.45  ? 99   ASP A CB  1 
ATOM   663 C CG  . ASP A 1 96  ? 16.293  -23.181 -4.900  1.00 72.86  ? 99   ASP A CG  1 
ATOM   664 O OD1 . ASP A 1 96  ? 16.226  -24.401 -5.201  1.00 59.27  ? 99   ASP A OD1 1 
ATOM   665 O OD2 . ASP A 1 96  ? 17.127  -22.845 -4.031  1.00 65.33  ? 99   ASP A OD2 1 
ATOM   666 N N   . SER A 1 97  ? 15.742  -23.108 -8.362  1.00 77.41  ? 100  SER A N   1 
ATOM   667 C CA  . SER A 1 97  ? 16.356  -23.833 -9.488  1.00 69.10  ? 100  SER A CA  1 
ATOM   668 C C   . SER A 1 97  ? 17.101  -25.102 -9.064  1.00 81.79  ? 100  SER A C   1 
ATOM   669 O O   . SER A 1 97  ? 17.035  -26.136 -9.750  1.00 80.99  ? 100  SER A O   1 
ATOM   670 C CB  . SER A 1 97  ? 17.314  -22.916 -10.254 1.00 67.96  ? 100  SER A CB  1 
ATOM   671 O OG  . SER A 1 97  ? 17.382  -21.633 -9.634  1.00 92.00  ? 100  SER A OG  1 
ATOM   672 N N   . ALA A 1 98  ? 17.812  -25.017 -7.936  1.00 79.98  ? 101  ALA A N   1 
ATOM   673 C CA  . ALA A 1 98  ? 18.526  -26.168 -7.376  1.00 74.28  ? 101  ALA A CA  1 
ATOM   674 C C   . ALA A 1 98  ? 17.567  -27.215 -6.804  1.00 75.86  ? 101  ALA A C   1 
ATOM   675 O O   . ALA A 1 98  ? 18.000  -28.284 -6.363  1.00 68.21  ? 101  ALA A O   1 
ATOM   676 C CB  . ALA A 1 98  ? 19.514  -25.713 -6.308  1.00 72.02  ? 101  ALA A CB  1 
ATOM   677 N N   . ASN A 1 99  ? 16.268  -26.899 -6.795  1.00 64.78  ? 102  ASN A N   1 
ATOM   678 C CA  . ASN A 1 99  ? 15.266  -27.848 -6.335  1.00 69.61  ? 102  ASN A CA  1 
ATOM   679 C C   . ASN A 1 99  ? 15.172  -27.930 -4.803  1.00 50.35  ? 102  ASN A C   1 
ATOM   680 O O   . ASN A 1 99  ? 14.744  -28.940 -4.238  1.00 56.07  ? 102  ASN A O   1 
ATOM   681 C CB  . ASN A 1 99  ? 15.540  -29.227 -6.945  1.00 64.49  ? 102  ASN A CB  1 
ATOM   682 C CG  . ASN A 1 99  ? 14.287  -30.012 -7.172  1.00 93.57  ? 102  ASN A CG  1 
ATOM   683 O OD1 . ASN A 1 99  ? 13.316  -29.493 -7.740  1.00 87.22  ? 102  ASN A OD1 1 
ATOM   684 N ND2 . ASN A 1 99  ? 14.284  -31.270 -6.720  1.00 73.55  ? 102  ASN A ND2 1 
ATOM   685 N N   . ASN A 1 100 ? 15.606  -26.861 -4.147  1.00 53.69  ? 103  ASN A N   1 
ATOM   686 C CA  . ASN A 1 100 ? 15.434  -26.701 -2.716  1.00 53.94  ? 103  ASN A CA  1 
ATOM   687 C C   . ASN A 1 100 ? 14.074  -26.079 -2.449  1.00 58.57  ? 103  ASN A C   1 
ATOM   688 O O   . ASN A 1 100 ? 13.619  -25.238 -3.227  1.00 48.91  ? 103  ASN A O   1 
ATOM   689 C CB  . ASN A 1 100 ? 16.513  -25.777 -2.146  1.00 47.08  ? 103  ASN A CB  1 
ATOM   690 C CG  . ASN A 1 100 ? 17.915  -26.279 -2.410  1.00 45.70  ? 103  ASN A CG  1 
ATOM   691 O OD1 . ASN A 1 100 ? 18.148  -27.479 -2.543  1.00 48.34  ? 103  ASN A OD1 1 
ATOM   692 N ND2 . ASN A 1 100 ? 18.865  -25.358 -2.463  1.00 60.77  ? 103  ASN A ND2 1 
ATOM   693 N N   . VAL A 1 101 ? 13.437  -26.493 -1.351  1.00 55.58  ? 104  VAL A N   1 
ATOM   694 C CA  . VAL A 1 101 ? 12.208  -25.849 -0.889  1.00 44.02  ? 104  VAL A CA  1 
ATOM   695 C C   . VAL A 1 101 ? 12.554  -24.676 0.002   1.00 41.72  ? 104  VAL A C   1 
ATOM   696 O O   . VAL A 1 101 ? 13.084  -24.839 1.095   1.00 39.01  ? 104  VAL A O   1 
ATOM   697 C CB  . VAL A 1 101 ? 11.263  -26.820 -0.155  1.00 49.78  ? 104  VAL A CB  1 
ATOM   698 C CG1 . VAL A 1 101 ? 9.905   -26.190 0.024   1.00 44.84  ? 104  VAL A CG1 1 
ATOM   699 C CG2 . VAL A 1 101 ? 11.145  -28.147 -0.911  1.00 46.64  ? 104  VAL A CG2 1 
ATOM   700 N N   . VAL A 1 102 ? 12.214  -23.482 -0.477  1.00 46.70  ? 105  VAL A N   1 
ATOM   701 C CA  . VAL A 1 102 ? 12.532  -22.243 0.200   1.00 39.55  ? 105  VAL A CA  1 
ATOM   702 C C   . VAL A 1 102 ? 11.254  -21.611 0.730   1.00 51.66  ? 105  VAL A C   1 
ATOM   703 O O   . VAL A 1 102 ? 10.198  -21.689 0.094   1.00 53.58  ? 105  VAL A O   1 
ATOM   704 C CB  . VAL A 1 102 ? 13.216  -21.251 -0.792  1.00 50.67  ? 105  VAL A CB  1 
ATOM   705 C CG1 . VAL A 1 102 ? 13.750  -20.047 -0.062  1.00 53.37  ? 105  VAL A CG1 1 
ATOM   706 C CG2 . VAL A 1 102 ? 14.365  -21.945 -1.528  1.00 56.45  ? 105  VAL A CG2 1 
ATOM   707 N N   . TYR A 1 103 ? 11.354  -20.966 1.886   1.00 51.08  ? 106  TYR A N   1 
ATOM   708 C CA  . TYR A 1 103 ? 10.241  -20.227 2.440   1.00 50.02  ? 106  TYR A CA  1 
ATOM   709 C C   . TYR A 1 103 ? 10.781  -18.881 2.831   1.00 58.57  ? 106  TYR A C   1 
ATOM   710 O O   . TYR A 1 103 ? 11.443  -18.759 3.866   1.00 59.68  ? 106  TYR A O   1 
ATOM   711 C CB  . TYR A 1 103 ? 9.666   -20.938 3.672   1.00 52.00  ? 106  TYR A CB  1 
ATOM   712 C CG  . TYR A 1 103 ? 8.438   -20.172 4.252   1.00 47.97  ? 106  TYR A CG  1 
ATOM   713 C CD1 . TYR A 1 103 ? 7.504   -19.462 3.438   1.00 43.34  ? 106  TYR A CD1 1 
ATOM   714 C CD2 . TYR A 1 103 ? 8.173   -20.305 5.633   1.00 47.75  ? 106  TYR A CD2 1 
ATOM   715 C CE1 . TYR A 1 103 ? 6.360   -18.792 3.942   1.00 40.44  ? 106  TYR A CE1 1 
ATOM   716 C CE2 . TYR A 1 103 ? 6.980   -19.488 6.200   1.00 86.78  ? 106  TYR A CE2 1 
ATOM   717 C CZ  . TYR A 1 103 ? 6.095   -18.764 5.286   1.00 56.69  ? 106  TYR A CZ  1 
ATOM   718 O OH  . TYR A 1 103 ? 4.936   -18.136 5.734   1.00 71.53  ? 106  TYR A OH  1 
ATOM   719 N N   . LYS A 1 104 ? 10.492  -17.873 2.009   1.00 54.22  ? 107  LYS A N   1 
ATOM   720 C CA  . LYS A 1 104 ? 11.129  -16.565 2.125   1.00 62.20  ? 107  LYS A CA  1 
ATOM   721 C C   . LYS A 1 104 ? 10.157  -15.423 2.447   1.00 62.85  ? 107  LYS A C   1 
ATOM   722 O O   . LYS A 1 104 ? 9.045   -15.331 1.899   1.00 51.00  ? 107  LYS A O   1 
ATOM   723 C CB  . LYS A 1 104 ? 11.916  -16.234 0.852   1.00 58.49  ? 107  LYS A CB  1 
ATOM   724 C CG  . LYS A 1 104 ? 13.045  -15.221 1.069   1.00 75.18  ? 107  LYS A CG  1 
ATOM   725 C CD  . LYS A 1 104 ? 13.738  -14.819 -0.248  1.00 73.02  ? 107  LYS A CD  1 
ATOM   726 C CE  . LYS A 1 104 ? 14.166  -13.331 -0.247  1.00 90.58  ? 107  LYS A CE  1 
ATOM   727 N NZ  . LYS A 1 104 ? 14.783  -12.867 1.048   1.00 70.58  ? 107  LYS A NZ  1 
ATOM   728 N N   . GLN A 1 105 ? 10.579  -14.573 3.371   1.00 51.11  ? 108  GLN A N   1 
ATOM   729 C CA  . GLN A 1 105 ? 9.791   -13.417 3.730   1.00 59.51  ? 108  GLN A CA  1 
ATOM   730 C C   . GLN A 1 105 ? 10.119  -12.234 2.825   1.00 57.10  ? 108  GLN A C   1 
ATOM   731 O O   . GLN A 1 105 ? 11.282  -11.917 2.571   1.00 58.25  ? 108  GLN A O   1 
ATOM   732 C CB  . GLN A 1 105 ? 10.018  -13.032 5.176   1.00 61.90  ? 108  GLN A CB  1 
ATOM   733 C CG  . GLN A 1 105 ? 8.887   -12.220 5.733   1.00 68.42  ? 108  GLN A CG  1 
ATOM   734 C CD  . GLN A 1 105 ? 9.060   -11.933 7.194   1.00 65.54  ? 108  GLN A CD  1 
ATOM   735 O OE1 . GLN A 1 105 ? 9.866   -11.083 7.572   1.00 70.23  ? 108  GLN A OE1 1 
ATOM   736 N NE2 . GLN A 1 105 ? 8.304   -12.633 8.025   1.00 64.36  ? 108  GLN A NE2 1 
ATOM   737 N N   . TYR A 1 106 ? 9.072   -11.600 2.328   1.00 54.30  ? 109  TYR A N   1 
ATOM   738 C CA  . TYR A 1 106 ? 9.216   -10.386 1.548   1.00 53.25  ? 109  TYR A CA  1 
ATOM   739 C C   . TYR A 1 106 ? 8.589   -9.252  2.323   1.00 49.56  ? 109  TYR A C   1 
ATOM   740 O O   . TYR A 1 106 ? 7.431   -9.346  2.723   1.00 54.66  ? 109  TYR A O   1 
ATOM   741 C CB  . TYR A 1 106 ? 8.529   -10.560 0.193   1.00 55.41  ? 109  TYR A CB  1 
ATOM   742 C CG  . TYR A 1 106 ? 9.245   -11.579 -0.643  1.00 53.30  ? 109  TYR A CG  1 
ATOM   743 C CD1 . TYR A 1 106 ? 8.916   -12.926 -0.544  1.00 61.97  ? 109  TYR A CD1 1 
ATOM   744 C CD2 . TYR A 1 106 ? 10.296  -11.218 -1.467  1.00 56.14  ? 109  TYR A CD2 1 
ATOM   745 C CE1 . TYR A 1 106 ? 9.591   -13.884 -1.272  1.00 61.47  ? 109  TYR A CE1 1 
ATOM   746 C CE2 . TYR A 1 106 ? 10.984  -12.167 -2.202  1.00 58.07  ? 109  TYR A CE2 1 
ATOM   747 C CZ  . TYR A 1 106 ? 10.618  -13.496 -2.103  1.00 55.02  ? 109  TYR A CZ  1 
ATOM   748 O OH  . TYR A 1 106 ? 11.291  -14.450 -2.823  1.00 69.56  ? 109  TYR A OH  1 
ATOM   749 N N   . GLU A 1 107 ? 9.355   -8.180  2.535   1.00 57.42  ? 110  GLU A N   1 
ATOM   750 C CA  . GLU A 1 107 ? 8.845   -7.012  3.250   1.00 55.96  ? 110  GLU A CA  1 
ATOM   751 C C   . GLU A 1 107 ? 7.886   -6.180  2.390   1.00 55.99  ? 110  GLU A C   1 
ATOM   752 O O   . GLU A 1 107 ? 7.928   -6.259  1.155   1.00 59.93  ? 110  GLU A O   1 
ATOM   753 C CB  . GLU A 1 107 ? 10.006  -6.132  3.721   1.00 52.84  ? 110  GLU A CB  1 
ATOM   754 C CG  . GLU A 1 107 ? 11.083  -6.887  4.491   1.00 64.91  ? 110  GLU A CG  1 
ATOM   755 C CD  . GLU A 1 107 ? 10.551  -7.533  5.759   1.00 68.58  ? 110  GLU A CD  1 
ATOM   756 O OE1 . GLU A 1 107 ? 9.933   -6.819  6.583   1.00 73.84  ? 110  GLU A OE1 1 
ATOM   757 O OE2 . GLU A 1 107 ? 10.747  -8.759  5.927   1.00 74.79  ? 110  GLU A OE2 1 
ATOM   758 N N   . ASP A 1 108 ? 7.027   -5.400  3.051   1.00 51.18  ? 111  ASP A N   1 
ATOM   759 C CA  . ASP A 1 108 ? 6.208   -4.364  2.420   1.00 53.61  ? 111  ASP A CA  1 
ATOM   760 C C   . ASP A 1 108 ? 5.278   -4.905  1.364   1.00 58.99  ? 111  ASP A C   1 
ATOM   761 O O   . ASP A 1 108 ? 5.220   -4.361  0.264   1.00 55.84  ? 111  ASP A O   1 
ATOM   762 C CB  . ASP A 1 108 ? 7.089   -3.282  1.776   1.00 62.05  ? 111  ASP A CB  1 
ATOM   763 C CG  . ASP A 1 108 ? 8.066   -2.677  2.761   1.00 70.68  ? 111  ASP A CG  1 
ATOM   764 O OD1 . ASP A 1 108 ? 7.650   -2.421  3.912   1.00 61.62  ? 111  ASP A OD1 1 
ATOM   765 O OD2 . ASP A 1 108 ? 9.262   -2.462  2.483   1.00 67.17  ? 111  ASP A OD2 1 
ATOM   766 N N   . MET A 1 109 ? 4.536   -5.949  1.706   1.00 56.59  ? 112  MET A N   1 
ATOM   767 C CA  . MET A 1 109 ? 3.669   -6.593  0.747   1.00 54.51  ? 112  MET A CA  1 
ATOM   768 C C   . MET A 1 109 ? 2.197   -6.272  0.943   1.00 49.82  ? 112  MET A C   1 
ATOM   769 O O   . MET A 1 109 ? 1.438   -6.269  -0.017  1.00 55.76  ? 112  MET A O   1 
ATOM   770 C CB  . MET A 1 109 ? 3.895   -8.114  0.792   1.00 61.22  ? 112  MET A CB  1 
ATOM   771 C CG  . MET A 1 109 ? 5.283   -8.539  0.310   1.00 47.81  ? 112  MET A CG  1 
ATOM   772 S SD  . MET A 1 109 ? 5.517   -8.313  -1.446  1.00 59.05  ? 112  MET A SD  1 
ATOM   773 C CE  . MET A 1 109 ? 4.786   -9.839  -2.081  1.00 58.66  ? 112  MET A CE  1 
ATOM   774 N N   . VAL A 1 110 ? 1.799   -6.012  2.182   1.00 47.65  ? 113  VAL A N   1 
ATOM   775 C CA  . VAL A 1 110 ? 0.387   -5.844  2.516   1.00 52.80  ? 113  VAL A CA  1 
ATOM   776 C C   . VAL A 1 110 ? 0.222   -4.480  3.178   1.00 62.59  ? 113  VAL A C   1 
ATOM   777 O O   . VAL A 1 110 ? 0.950   -4.154  4.115   1.00 56.72  ? 113  VAL A O   1 
ATOM   778 C CB  . VAL A 1 110 ? -0.101  -6.954  3.491   1.00 54.99  ? 113  VAL A CB  1 
ATOM   779 C CG1 . VAL A 1 110 ? -1.566  -6.782  3.857   1.00 46.22  ? 113  VAL A CG1 1 
ATOM   780 C CG2 . VAL A 1 110 ? 0.092   -8.321  2.881   1.00 51.42  ? 113  VAL A CG2 1 
ATOM   781 N N   . VAL A 1 111 ? -0.712  -3.680  2.677   1.00 55.02  ? 114  VAL A N   1 
ATOM   782 C CA  . VAL A 1 111 ? -1.012  -2.400  3.283   1.00 54.13  ? 114  VAL A CA  1 
ATOM   783 C C   . VAL A 1 111 ? -1.772  -2.622  4.586   1.00 53.75  ? 114  VAL A C   1 
ATOM   784 O O   . VAL A 1 111 ? -2.825  -3.262  4.583   1.00 58.37  ? 114  VAL A O   1 
ATOM   785 C CB  . VAL A 1 111 ? -1.843  -1.514  2.339   1.00 63.53  ? 114  VAL A CB  1 
ATOM   786 C CG1 . VAL A 1 111 ? -2.294  -0.224  3.048   1.00 60.37  ? 114  VAL A CG1 1 
ATOM   787 C CG2 . VAL A 1 111 ? -1.046  -1.194  1.098   1.00 50.36  ? 114  VAL A CG2 1 
ATOM   788 N N   . GLU A 1 112 ? -1.234  -2.122  5.702   1.00 51.55  ? 115  GLU A N   1 
ATOM   789 C CA  . GLU A 1 112 ? -1.966  -2.217  6.975   1.00 58.65  ? 115  GLU A CA  1 
ATOM   790 C C   . GLU A 1 112 ? -2.698  -0.937  7.338   1.00 57.65  ? 115  GLU A C   1 
ATOM   791 O O   . GLU A 1 112 ? -3.732  -0.990  7.995   1.00 69.45  ? 115  GLU A O   1 
ATOM   792 C CB  . GLU A 1 112 ? -1.071  -2.676  8.127   1.00 56.88  ? 115  GLU A CB  1 
ATOM   793 C CG  . GLU A 1 112 ? -0.366  -4.011  7.901   1.00 72.61  ? 115  GLU A CG  1 
ATOM   794 C CD  . GLU A 1 112 ? -1.254  -5.261  8.046   1.00 78.54  ? 115  GLU A CD  1 
ATOM   795 O OE1 . GLU A 1 112 ? -2.493  -5.160  8.177   1.00 72.04  ? 115  GLU A OE1 1 
ATOM   796 O OE2 . GLU A 1 112 ? -0.696  -6.381  8.020   1.00 73.29  ? 115  GLU A OE2 1 
ATOM   797 N N   . SER A 1 113 ? -2.169  0.209   6.920   1.00 55.72  ? 116  SER A N   1 
ATOM   798 C CA  . SER A 1 113 ? -2.840  1.482   7.155   1.00 57.91  ? 116  SER A CA  1 
ATOM   799 C C   . SER A 1 113 ? -2.530  2.496   6.058   1.00 50.20  ? 116  SER A C   1 
ATOM   800 O O   . SER A 1 113 ? -1.463  2.457   5.457   1.00 57.24  ? 116  SER A O   1 
ATOM   801 C CB  . SER A 1 113 ? -2.494  2.060   8.547   1.00 59.52  ? 116  SER A CB  1 
ATOM   802 O OG  . SER A 1 113 ? -1.143  2.493   8.594   1.00 64.44  ? 116  SER A OG  1 
ATOM   803 N N   . CYS A 1 114 ? -3.502  3.376   5.810   1.00 59.03  ? 117  CYS A N   1 
ATOM   804 C CA  . CYS A 1 114 ? -3.425  4.431   4.806   1.00 56.44  ? 117  CYS A CA  1 
ATOM   805 C C   . CYS A 1 114 ? -3.300  5.796   5.485   1.00 63.61  ? 117  CYS A C   1 
ATOM   806 O O   . CYS A 1 114 ? -3.680  5.975   6.649   1.00 59.81  ? 117  CYS A O   1 
ATOM   807 C CB  . CYS A 1 114 ? -4.660  4.393   3.882   1.00 53.65  ? 117  CYS A CB  1 
ATOM   808 S SG  . CYS A 1 114 ? -4.643  2.978   2.714   1.00 76.83  ? 117  CYS A SG  1 
ATOM   809 N N   . GLY A 1 115 ? -2.744  6.760   4.770   1.00 56.22  ? 118  GLY A N   1 
ATOM   810 C CA  . GLY A 1 115 ? -2.595  8.085   5.326   1.00 58.67  ? 118  GLY A CA  1 
ATOM   811 C C   . GLY A 1 115 ? -2.346  9.089   4.232   1.00 58.91  ? 118  GLY A C   1 
ATOM   812 O O   . GLY A 1 115 ? -2.037  8.724   3.100   1.00 54.53  ? 118  GLY A O   1 
ATOM   813 N N   . CYS A 1 116 ? -2.479  10.356  4.587   1.00 54.07  ? 119  CYS A N   1 
ATOM   814 C CA  . CYS A 1 116 ? -2.309  11.453  3.651   1.00 64.76  ? 119  CYS A CA  1 
ATOM   815 C C   . CYS A 1 116 ? -0.893  11.966  3.810   1.00 54.82  ? 119  CYS A C   1 
ATOM   816 O O   . CYS A 1 116 ? -0.465  12.263  4.931   1.00 66.27  ? 119  CYS A O   1 
ATOM   817 C CB  . CYS A 1 116 ? -3.356  12.550  3.935   1.00 58.96  ? 119  CYS A CB  1 
ATOM   818 S SG  . CYS A 1 116 ? -4.969  12.076  3.218   1.00 68.25  ? 119  CYS A SG  1 
ATOM   819 N N   . ARG A 1 117 ? -0.153  12.028  2.707   1.00 58.10  ? 120  ARG A N   1 
ATOM   820 C CA  . ARG A 1 117 ? 1.263   12.384  2.749   1.00 57.02  ? 120  ARG A CA  1 
ATOM   821 C C   . ARG A 1 117 ? 1.709   13.352  1.653   1.00 68.39  ? 120  ARG A C   1 
ATOM   822 O O   . ARG A 1 117 ? 2.624   14.146  1.940   1.00 67.47  ? 120  ARG A O   1 
ATOM   823 C CB  . ARG A 1 117 ? 2.159   11.140  2.727   1.00 55.09  ? 120  ARG A CB  1 
ATOM   824 C CG  . ARG A 1 117 ? 2.015   10.199  3.944   1.00 59.51  ? 120  ARG A CG  1 
ATOM   825 C CD  . ARG A 1 117 ? 2.709   10.734  5.185   1.00 72.03  ? 120  ARG A CD  1 
ATOM   826 N NE  . ARG A 1 117 ? 2.741   9.853   6.356   1.00 61.97  ? 120  ARG A NE  1 
ATOM   827 C CZ  . ARG A 1 117 ? 1.754   9.762   7.242   1.00 72.64  ? 120  ARG A CZ  1 
ATOM   828 N NH1 . ARG A 1 117 ? 0.629   10.448  7.062   1.00 71.46  ? 120  ARG A NH1 1 
ATOM   829 N NH2 . ARG A 1 117 ? 1.877   8.980   8.307   1.00 63.33  ? 120  ARG A NH2 1 
ATOM   830 O OXT . ARG A 1 117 ? 1.225   13.348  0.501   1.00 67.98  ? 120  ARG A OXT 1 
HETATM 831 C C1  . MPD B 2 .   ? 8.638   -14.700 -5.256  0.50 70.39  ? 1121 MPD A C1  1 
HETATM 832 C C2  . MPD B 2 .   ? 9.799   -15.413 -5.925  0.50 71.51  ? 1121 MPD A C2  1 
HETATM 833 O O2  . MPD B 2 .   ? 10.496  -16.193 -4.921  0.50 66.72  ? 1121 MPD A O2  1 
HETATM 834 C CM  . MPD B 2 .   ? 10.764  -14.385 -6.506  0.50 73.79  ? 1121 MPD A CM  1 
HETATM 835 C C3  . MPD B 2 .   ? 9.244   -16.344 -6.995  0.50 67.82  ? 1121 MPD A C3  1 
HETATM 836 C C4  . MPD B 2 .   ? 10.327  -17.114 -7.726  0.50 79.90  ? 1121 MPD A C4  1 
HETATM 837 O O4  . MPD B 2 .   ? 10.985  -17.937 -6.795  0.50 79.05  ? 1121 MPD A O4  1 
HETATM 838 C C5  . MPD B 2 .   ? 9.691   -17.991 -8.793  0.50 79.27  ? 1121 MPD A C5  1 
HETATM 839 C C1  . MPD C 2 .   ? 0.825   20.756  12.078  0.50 62.13  ? 1122 MPD A C1  1 
HETATM 840 C C2  . MPD C 2 .   ? 1.039   22.262  12.206  0.50 80.33  ? 1122 MPD A C2  1 
HETATM 841 O O2  . MPD C 2 .   ? 2.159   22.647  11.362  0.50 93.53  ? 1122 MPD A O2  1 
HETATM 842 C CM  . MPD C 2 .   ? -0.184  23.012  11.706  0.50 85.84  ? 1122 MPD A CM  1 
HETATM 843 C C3  . MPD C 2 .   ? 1.345   22.623  13.656  0.50 76.32  ? 1122 MPD A C3  1 
HETATM 844 C C4  . MPD C 2 .   ? 2.743   22.121  14.003  0.50 93.26  ? 1122 MPD A C4  1 
HETATM 845 O O4  . MPD C 2 .   ? 3.687   23.040  13.475  0.50 73.99  ? 1122 MPD A O4  1 
HETATM 846 C C5  . MPD C 2 .   ? 2.902   21.912  15.511  0.50 75.99  ? 1122 MPD A C5  1 
HETATM 847 C C1  . MPD D 2 .   ? 5.369   -25.920 -8.273  0.50 68.00  ? 1123 MPD A C1  1 
HETATM 848 C C2  . MPD D 2 .   ? 4.131   -26.773 -7.978  0.50 92.73  ? 1123 MPD A C2  1 
HETATM 849 O O2  . MPD D 2 .   ? 3.659   -26.421 -6.644  0.50 99.80  ? 1123 MPD A O2  1 
HETATM 850 C CM  . MPD D 2 .   ? 3.004   -26.492 -8.994  0.50 87.19  ? 1123 MPD A CM  1 
HETATM 851 C C3  . MPD D 2 .   ? 4.496   -28.256 -8.005  0.50 77.19  ? 1123 MPD A C3  1 
HETATM 852 C C4  . MPD D 2 .   ? 5.838   -28.524 -7.331  0.50 103.74 ? 1123 MPD A C4  1 
HETATM 853 O O4  . MPD D 2 .   ? 5.661   -28.509 -5.926  0.50 86.10  ? 1123 MPD A O4  1 
HETATM 854 C C5  . MPD D 2 .   ? 6.437   -29.857 -7.780  0.50 109.85 ? 1123 MPD A C5  1 
HETATM 855 O O   . HOH E 3 .   ? -12.597 -2.248  -2.116  1.00 78.86  ? 2001 HOH A O   1 
HETATM 856 O O   . HOH E 3 .   ? -8.873  -6.343  -6.509  1.00 84.00  ? 2002 HOH A O   1 
HETATM 857 O O   . HOH E 3 .   ? 2.966   -18.425 -11.281 1.00 77.69  ? 2003 HOH A O   1 
HETATM 858 O O   . HOH E 3 .   ? -2.871  -15.760 1.359   1.00 78.85  ? 2004 HOH A O   1 
HETATM 859 O O   . HOH E 3 .   ? -3.746  -12.860 2.091   1.00 72.96  ? 2005 HOH A O   1 
HETATM 860 O O   . HOH E 3 .   ? 6.829   2.796   3.281   1.00 87.19  ? 2006 HOH A O   1 
HETATM 861 O O   . HOH E 3 .   ? -9.080  13.186  3.755   1.00 73.62  ? 2007 HOH A O   1 
HETATM 862 O O   . HOH E 3 .   ? -4.057  17.465  0.987   1.00 69.05  ? 2008 HOH A O   1 
HETATM 863 O O   . HOH E 3 .   ? -8.844  20.734  2.175   1.00 67.69  ? 2009 HOH A O   1 
HETATM 864 O O   . HOH E 3 .   ? -12.481 20.736  8.016   1.00 71.44  ? 2010 HOH A O   1 
HETATM 865 O O   . HOH E 3 .   ? 4.528   13.755  4.615   1.00 60.63  ? 2011 HOH A O   1 
HETATM 866 O O   . HOH E 3 .   ? 4.899   15.263  11.829  1.00 71.13  ? 2012 HOH A O   1 
HETATM 867 O O   . HOH E 3 .   ? 4.283   16.511  -1.321  1.00 62.39  ? 2013 HOH A O   1 
HETATM 868 O O   . HOH E 3 .   ? -6.699  20.995  1.052   1.00 73.15  ? 2014 HOH A O   1 
HETATM 869 O O   . HOH E 3 .   ? -10.650 23.191  2.510   1.00 76.69  ? 2015 HOH A O   1 
HETATM 870 O O   . HOH E 3 .   ? 4.392   3.041   1.706   1.00 64.81  ? 2016 HOH A O   1 
HETATM 871 O O   . HOH E 3 .   ? 5.838   -0.435  7.375   1.00 71.37  ? 2017 HOH A O   1 
HETATM 872 O O   . HOH E 3 .   ? 1.581   -19.146 3.232   1.00 81.08  ? 2018 HOH A O   1 
HETATM 873 O O   . HOH E 3 .   ? 13.370  -13.375 -3.702  1.00 86.01  ? 2019 HOH A O   1 
HETATM 874 O O   . HOH E 3 .   ? 11.929  -8.032  0.804   1.00 67.42  ? 2020 HOH A O   1 
HETATM 875 O O   . HOH E 3 .   ? -6.348  3.077   6.839   1.00 77.50  ? 2021 HOH A O   1 
HETATM 876 O O   . HOH E 3 .   ? 3.030   16.409  2.455   1.00 64.66  ? 2022 HOH A O   1 
HETATM 877 O O   . HOH E 3 .   ? 2.596   14.422  -1.678  1.00 73.48  ? 2023 HOH A O   1 
# 
